data_4WD9
#
_entry.id   4WD9
#
_cell.length_a   98.500
_cell.length_b   107.280
_cell.length_c   135.730
_cell.angle_alpha   90.00
_cell.angle_beta   109.92
_cell.angle_gamma   90.00
#
_symmetry.space_group_name_H-M   'P 1 21 1'
#
_entity_poly.entity_id   1
_entity_poly.type   'polypeptide(L)'
_entity_poly.pdbx_seq_one_letter_code
;MIKSSFKAQPFLVRNTILCPNDKRSFTEYTQVIETVSKNKVFLEQLLLANPKLYDVMQKYNAGLLKKKRVKKLFESIYKY
YKRSYLRSTPFGLFSETSIGVFSKSSQYKLMGKTTKGIRLDTQWLIRLVHKMEVDFSKKLSFTRNNANYKFGDRVFQVYT
INSSELEEVNIKYTNVYQIISEFCENDYQKYEDICETVTLCYGDEYRELSEQYLGSLIVNHYLISNLQKDLLSDFSWNTF
LTKVEAIDEDKKYIIPLKKVQKFIQEYSEIEIGEGIEKLKEIYQEMSQILENDNYIQIDLISDSEINFDVKQKQQLEHLA
EFLGNTTKSVRRTYLDDYKDKFIEKYGVDQEVQITELFDSTFGIGAPYNYNHPRNDFYESEPSTLYYSEEEREKYLSMYV
EAVKNHNVINLDDLESHYQKMDLEKKSELQGLELFLNLAKEYEKDIFILGDIVGNNNLGGASGRFSALSPELTSYHRTIV
DSVERENENKEITSCEIVFLPENIRHANVMHTSIMRRKVLPFFTSTSHNEVLLTNIYIGIDEKEKFYARDISTQEVLKFY
ITSMYNKTLFSNELRFLYEISLDDKFGNLPWELIYRDFDYIPRLVFDEIVISPAKWKIWGRDVNSKMTIRELIQSKEIPK
EFYIVNGDNKVYLSQKNPLDMEILESAIKKSSKRKDFIELQEYFEDENIINKGEKGRVADVVVPFIRTRALGNEGRAFIR
EKRVSVERREKLPFNEWLYLKLYISINRQNEFLLSYLPDIQKIVANLGGNLFFLRYTDPKPHIRLRIKCSDLFLAYGSIL
EILKRSRKNRIMSTFDISIYDQEVERYGGFDTLELSEAIFCADSKIIPNLLTLIKDTNNDWKVDDVSILVNYLYLKCFFQ
NDNKKILNFLNLVSTKKVKENVNEKIEHYLKLLKVNNLGDQIFYDKNFKELKHAIKNLFLKMIAQDFELQKVYSIIDSII
HVHNNRLIGIERDKEKLIYYTLQRLFVSEEYMKTKDFNLDLVSVSK
;
_entity_poly.pdbx_strand_id   A,B
#
# COMPACT_ATOMS: atom_id res chain seq x y z
N SER A 5 -9.93 10.23 36.24
CA SER A 5 -11.23 9.75 35.78
C SER A 5 -11.30 8.26 35.93
N PHE A 6 -10.13 7.64 36.02
CA PHE A 6 -10.04 6.21 36.26
C PHE A 6 -9.97 5.89 37.74
N LYS A 7 -10.90 5.06 38.21
CA LYS A 7 -10.94 4.68 39.62
C LYS A 7 -10.62 3.19 39.82
N ALA A 8 -9.51 2.90 40.50
CA ALA A 8 -9.02 1.53 40.66
C ALA A 8 -9.87 0.64 41.59
N GLN A 9 -10.16 -0.57 41.12
CA GLN A 9 -10.91 -1.55 41.88
C GLN A 9 -10.01 -2.43 42.74
N PRO A 10 -10.61 -3.23 43.64
CA PRO A 10 -9.86 -4.36 44.20
C PRO A 10 -9.24 -5.19 43.08
N PHE A 11 -8.11 -5.85 43.34
CA PHE A 11 -7.27 -6.42 42.28
C PHE A 11 -6.93 -7.86 42.58
N LEU A 12 -6.54 -8.60 41.54
CA LEU A 12 -6.05 -9.97 41.70
C LEU A 12 -4.58 -9.93 42.12
N VAL A 13 -4.22 -10.76 43.08
CA VAL A 13 -2.83 -10.94 43.43
C VAL A 13 -2.44 -12.34 43.04
N ARG A 14 -1.35 -12.48 42.29
CA ARG A 14 -0.87 -13.79 41.91
C ARG A 14 0.56 -13.93 42.40
N ASN A 15 0.82 -15.03 43.10
CA ASN A 15 2.13 -15.26 43.68
C ASN A 15 2.48 -16.73 43.65
N THR A 16 3.77 -16.97 43.72
CA THR A 16 4.37 -18.28 43.56
C THR A 16 4.18 -19.11 44.84
N ILE A 17 4.04 -20.44 44.74
CA ILE A 17 3.84 -21.27 45.95
C ILE A 17 5.16 -21.46 46.70
N LEU A 18 6.14 -22.01 46.00
CA LEU A 18 7.49 -22.09 46.55
C LEU A 18 8.01 -20.69 46.80
N CYS A 19 9.08 -20.60 47.56
CA CYS A 19 9.68 -19.33 47.77
C CYS A 19 11.04 -19.30 47.08
N PRO A 20 11.29 -18.25 46.28
CA PRO A 20 12.56 -18.08 45.58
C PRO A 20 13.78 -18.02 46.50
N ASN A 21 13.60 -17.86 47.80
CA ASN A 21 14.75 -17.82 48.71
C ASN A 21 15.38 -19.21 48.87
N ASP A 22 14.59 -20.24 48.56
CA ASP A 22 15.05 -21.60 48.64
C ASP A 22 15.51 -22.11 47.28
N LYS A 23 15.59 -21.21 46.31
CA LYS A 23 16.11 -21.56 44.98
C LYS A 23 17.57 -21.91 45.14
N ARG A 24 18.10 -22.77 44.26
CA ARG A 24 19.54 -23.00 44.26
C ARG A 24 20.14 -22.97 42.86
N SER A 25 21.43 -22.64 42.78
CA SER A 25 22.17 -22.62 41.52
C SER A 25 22.62 -24.04 41.11
N PHE A 26 22.75 -24.28 39.81
CA PHE A 26 23.20 -25.59 39.29
C PHE A 26 24.31 -25.41 38.27
N THR A 27 25.16 -26.42 38.07
CA THR A 27 26.30 -26.22 37.17
C THR A 27 26.31 -27.14 35.97
N GLU A 28 25.72 -28.32 36.13
CA GLU A 28 25.61 -29.27 35.02
C GLU A 28 24.22 -29.84 35.02
N TYR A 29 23.74 -30.21 33.84
CA TYR A 29 22.35 -30.60 33.71
C TYR A 29 22.01 -31.82 34.55
N THR A 30 22.91 -32.81 34.56
CA THR A 30 22.69 -34.06 35.31
C THR A 30 22.48 -33.80 36.80
N GLN A 31 23.14 -32.73 37.26
CA GLN A 31 23.03 -32.25 38.63
C GLN A 31 21.60 -31.75 38.94
N VAL A 32 20.98 -31.11 37.95
CA VAL A 32 19.58 -30.70 38.06
C VAL A 32 18.63 -31.89 38.14
N ILE A 33 18.77 -32.80 37.17
CA ILE A 33 17.89 -33.95 37.06
C ILE A 33 17.90 -34.76 38.34
N GLU A 34 19.05 -34.83 39.01
CA GLU A 34 19.11 -35.61 40.22
C GLU A 34 18.46 -34.89 41.39
N THR A 35 18.80 -33.63 41.57
CA THR A 35 18.21 -32.82 42.64
C THR A 35 16.70 -32.80 42.57
N VAL A 36 16.21 -32.74 41.35
CA VAL A 36 14.81 -32.67 41.07
C VAL A 36 14.06 -34.00 41.35
N SER A 37 14.63 -35.13 40.93
CA SER A 37 13.97 -36.44 41.05
C SER A 37 13.77 -36.88 42.49
N LYS A 38 14.37 -36.15 43.41
CA LYS A 38 14.18 -36.41 44.82
C LYS A 38 13.58 -35.17 45.52
N ASN A 39 13.11 -34.23 44.72
CA ASN A 39 12.34 -33.09 45.25
C ASN A 39 10.82 -33.33 45.20
N LYS A 40 10.24 -33.53 46.39
CA LYS A 40 8.83 -33.89 46.50
C LYS A 40 7.85 -32.90 45.87
N VAL A 41 8.05 -31.62 46.12
CA VAL A 41 7.09 -30.64 45.61
C VAL A 41 7.18 -30.50 44.08
N PHE A 42 8.40 -30.48 43.56
CA PHE A 42 8.59 -30.30 42.13
C PHE A 42 7.91 -31.40 41.35
N LEU A 43 8.03 -32.64 41.83
CA LEU A 43 7.47 -33.75 41.10
C LEU A 43 5.95 -33.72 41.02
N GLU A 44 5.27 -33.28 42.07
CA GLU A 44 3.81 -33.23 41.95
C GLU A 44 3.43 -32.05 41.06
N GLN A 45 4.19 -30.96 41.19
CA GLN A 45 4.01 -29.83 40.30
C GLN A 45 4.15 -30.22 38.84
N LEU A 46 5.17 -31.03 38.56
CA LEU A 46 5.45 -31.44 37.20
C LEU A 46 4.44 -32.45 36.69
N LEU A 47 4.07 -33.42 37.52
CA LEU A 47 3.12 -34.46 37.15
C LEU A 47 1.76 -33.85 36.79
N LEU A 48 1.40 -32.76 37.48
CA LEU A 48 0.16 -32.06 37.19
C LEU A 48 0.22 -31.24 35.90
N ALA A 49 1.24 -30.38 35.81
CA ALA A 49 1.37 -29.41 34.74
C ALA A 49 1.69 -30.06 33.40
N ASN A 50 2.68 -30.96 33.37
CA ASN A 50 3.13 -31.51 32.10
C ASN A 50 3.42 -33.00 32.19
N PRO A 51 2.38 -33.84 32.13
CA PRO A 51 2.51 -35.29 32.25
C PRO A 51 3.47 -35.95 31.24
N LYS A 52 3.49 -35.57 29.98
CA LYS A 52 4.35 -36.28 29.03
C LYS A 52 5.80 -36.01 29.32
N LEU A 53 6.10 -34.81 29.78
CA LEU A 53 7.46 -34.48 30.13
C LEU A 53 7.87 -35.21 31.38
N TYR A 54 6.94 -35.41 32.30
CA TYR A 54 7.24 -36.12 33.54
C TYR A 54 7.71 -37.53 33.20
N ASP A 55 6.99 -38.17 32.28
CA ASP A 55 7.31 -39.51 31.87
C ASP A 55 8.61 -39.54 31.07
N VAL A 56 8.91 -38.46 30.38
CA VAL A 56 10.18 -38.40 29.65
C VAL A 56 11.31 -38.31 30.66
N MET A 57 11.09 -37.64 31.78
CA MET A 57 12.15 -37.61 32.77
C MET A 57 12.23 -38.93 33.50
N GLN A 58 11.11 -39.62 33.64
CA GLN A 58 11.15 -40.94 34.26
C GLN A 58 11.86 -41.92 33.33
N LYS A 59 11.51 -41.88 32.05
CA LYS A 59 12.14 -42.73 31.05
C LYS A 59 13.64 -42.46 30.97
N TYR A 60 14.04 -41.22 31.26
CA TYR A 60 15.46 -40.86 31.20
C TYR A 60 16.28 -41.54 32.28
N ASN A 61 16.04 -41.20 33.54
CA ASN A 61 16.90 -41.74 34.59
C ASN A 61 16.56 -43.20 34.95
N ALA A 62 16.16 -43.93 33.92
CA ALA A 62 15.96 -45.35 33.98
C ALA A 62 16.47 -45.94 32.66
N GLY A 63 17.43 -45.24 32.05
CA GLY A 63 18.15 -45.79 30.92
C GLY A 63 17.52 -45.79 29.54
N LEU A 64 16.25 -45.45 29.44
CA LEU A 64 15.51 -45.82 28.23
C LEU A 64 15.28 -44.72 27.19
N LEU A 65 15.81 -43.52 27.42
CA LEU A 65 15.46 -42.39 26.57
C LEU A 65 16.45 -42.21 25.40
N LYS A 66 15.92 -42.24 24.18
CA LYS A 66 16.75 -42.13 22.97
C LYS A 66 17.64 -40.91 23.08
N LYS A 67 18.94 -41.04 22.79
CA LYS A 67 19.85 -39.96 23.14
C LYS A 67 19.85 -38.82 22.14
N LYS A 68 18.69 -38.44 21.62
CA LYS A 68 18.60 -37.18 20.90
C LYS A 68 17.64 -36.30 21.68
N ARG A 69 16.70 -36.93 22.36
CA ARG A 69 15.75 -36.19 23.13
C ARG A 69 16.28 -36.00 24.54
N VAL A 70 17.58 -35.99 24.69
CA VAL A 70 18.15 -35.83 26.02
C VAL A 70 18.35 -34.37 26.28
N LYS A 71 18.81 -33.66 25.25
CA LYS A 71 19.09 -32.24 25.36
C LYS A 71 17.77 -31.53 25.62
N LYS A 72 16.74 -31.90 24.86
CA LYS A 72 15.45 -31.26 25.04
C LYS A 72 14.95 -31.51 26.45
N LEU A 73 15.10 -32.73 26.96
CA LEU A 73 14.64 -33.07 28.31
C LEU A 73 15.37 -32.26 29.36
N PHE A 74 16.64 -32.02 29.10
CA PHE A 74 17.47 -31.26 30.02
C PHE A 74 17.00 -29.80 30.10
N GLU A 75 17.01 -29.10 28.96
CA GLU A 75 16.62 -27.69 28.94
C GLU A 75 15.22 -27.48 29.52
N SER A 76 14.31 -28.36 29.12
CA SER A 76 12.92 -28.28 29.55
C SER A 76 12.82 -28.36 31.05
N ILE A 77 13.53 -29.31 31.63
CA ILE A 77 13.41 -29.49 33.07
C ILE A 77 14.04 -28.33 33.83
N TYR A 78 15.19 -27.83 33.36
CA TYR A 78 15.83 -26.66 33.95
C TYR A 78 14.84 -25.48 34.03
N LYS A 79 14.23 -25.19 32.88
CA LYS A 79 13.29 -24.08 32.75
C LYS A 79 12.08 -24.29 33.65
N TYR A 80 11.57 -25.53 33.73
CA TYR A 80 10.41 -25.78 34.61
C TYR A 80 10.81 -25.60 36.07
N TYR A 81 12.08 -25.90 36.37
CA TYR A 81 12.58 -25.65 37.71
C TYR A 81 12.61 -24.15 37.98
N LYS A 82 13.19 -23.38 37.05
CA LYS A 82 13.21 -21.93 37.20
C LYS A 82 11.79 -21.40 37.32
N ARG A 83 10.91 -21.94 36.50
CA ARG A 83 9.55 -21.46 36.42
C ARG A 83 8.83 -21.75 37.73
N SER A 84 9.18 -22.80 38.45
CA SER A 84 8.45 -23.06 39.70
C SER A 84 8.86 -22.07 40.82
N TYR A 85 10.09 -21.57 40.78
CA TYR A 85 10.53 -20.62 41.81
C TYR A 85 10.30 -19.17 41.43
N LEU A 86 10.55 -18.85 40.18
CA LEU A 86 10.31 -17.52 39.59
C LEU A 86 8.93 -17.58 38.91
N ARG A 87 8.46 -16.53 38.25
CA ARG A 87 7.18 -16.60 37.50
C ARG A 87 5.91 -16.74 38.35
N SER A 88 5.26 -15.60 38.58
CA SER A 88 4.06 -15.53 39.41
C SER A 88 2.79 -15.86 38.64
N THR A 89 2.90 -16.06 37.34
CA THR A 89 1.72 -16.25 36.51
C THR A 89 0.98 -17.47 36.98
N PRO A 90 -0.32 -17.29 37.28
CA PRO A 90 -1.21 -18.35 37.79
C PRO A 90 -1.24 -19.61 36.94
N PHE A 91 -0.93 -20.77 37.51
CA PHE A 91 -1.10 -22.04 36.80
C PHE A 91 -0.83 -23.28 37.68
N GLY A 92 -1.73 -24.27 37.62
CA GLY A 92 -1.76 -25.46 38.49
C GLY A 92 -0.59 -25.78 39.42
N LEU A 93 -0.77 -25.63 40.71
CA LEU A 93 0.23 -26.00 41.73
C LEU A 93 1.55 -25.17 41.71
N PHE A 94 1.74 -24.38 40.67
CA PHE A 94 2.92 -23.52 40.60
C PHE A 94 2.68 -22.23 41.38
N SER A 95 1.46 -21.73 41.28
CA SER A 95 1.13 -20.44 41.85
C SER A 95 -0.38 -20.27 42.14
N GLU A 96 -0.68 -19.22 42.90
CA GLU A 96 -2.00 -19.05 43.48
C GLU A 96 -2.52 -17.62 43.31
N THR A 97 -3.84 -17.50 43.31
CA THR A 97 -4.53 -16.25 43.06
C THR A 97 -5.25 -15.80 44.34
N SER A 98 -5.27 -14.51 44.63
CA SER A 98 -5.98 -14.01 45.81
C SER A 98 -6.48 -12.56 45.56
N ILE A 99 -7.46 -12.11 46.34
CA ILE A 99 -7.97 -10.77 46.10
C ILE A 99 -7.22 -9.73 46.91
N GLY A 100 -6.88 -8.62 46.26
CA GLY A 100 -6.13 -7.58 46.92
C GLY A 100 -7.03 -6.37 47.05
N VAL A 101 -6.75 -5.55 48.05
CA VAL A 101 -7.59 -4.40 48.28
C VAL A 101 -6.75 -3.19 48.56
N PHE A 102 -7.38 -2.02 48.46
CA PHE A 102 -6.72 -0.77 48.81
C PHE A 102 -7.16 -0.36 50.19
N SER A 103 -6.23 0.16 50.97
CA SER A 103 -6.61 0.75 52.24
C SER A 103 -5.72 1.94 52.52
N LYS A 104 -5.49 2.26 53.80
CA LYS A 104 -4.66 3.40 54.11
C LYS A 104 -3.21 2.93 54.34
N SER A 105 -2.96 1.63 54.27
CA SER A 105 -1.60 1.13 54.49
C SER A 105 -1.23 -0.20 53.77
N SER A 106 0.04 -0.31 53.37
CA SER A 106 0.49 -1.49 52.67
C SER A 106 0.42 -2.68 53.61
N GLN A 107 0.18 -3.86 53.06
CA GLN A 107 0.20 -5.11 53.81
C GLN A 107 0.57 -6.24 52.83
N TYR A 108 1.79 -6.76 52.99
CA TYR A 108 2.39 -7.69 52.02
C TYR A 108 2.57 -9.10 52.56
N LYS A 109 2.03 -9.37 53.74
CA LYS A 109 2.14 -10.74 54.26
C LYS A 109 0.92 -11.56 53.82
N LEU A 110 1.17 -12.75 53.29
CA LEU A 110 0.05 -13.58 52.86
C LEU A 110 -0.41 -14.47 54.03
N MET A 111 -1.55 -14.12 54.62
CA MET A 111 -2.05 -14.84 55.80
C MET A 111 -2.96 -16.04 55.50
N GLY A 112 -3.55 -16.07 54.32
CA GLY A 112 -4.56 -17.07 54.04
C GLY A 112 -4.11 -18.51 53.85
N LYS A 113 -5.10 -19.38 53.59
CA LYS A 113 -4.86 -20.80 53.37
C LYS A 113 -5.21 -21.14 51.93
N THR A 114 -4.43 -22.05 51.31
CA THR A 114 -4.54 -22.34 49.88
C THR A 114 -5.41 -23.54 49.53
N THR A 115 -6.32 -23.30 48.59
CA THR A 115 -7.32 -24.27 48.16
C THR A 115 -7.11 -24.71 46.71
N LYS A 116 -7.51 -25.93 46.38
CA LYS A 116 -7.42 -26.39 44.99
C LYS A 116 -8.71 -26.15 44.25
N GLY A 117 -8.60 -25.48 43.10
CA GLY A 117 -9.71 -25.26 42.19
C GLY A 117 -9.58 -26.22 41.03
N ILE A 118 -10.18 -27.39 41.16
CA ILE A 118 -9.93 -28.44 40.20
C ILE A 118 -11.09 -28.58 39.22
N ARG A 119 -10.73 -28.82 37.96
CA ARG A 119 -11.64 -28.94 36.84
C ARG A 119 -11.09 -30.10 36.04
N LEU A 120 -11.95 -30.81 35.32
CA LEU A 120 -11.45 -31.83 34.40
C LEU A 120 -10.71 -31.15 33.25
N ASP A 121 -9.94 -31.91 32.50
CA ASP A 121 -9.34 -31.34 31.31
C ASP A 121 -10.41 -31.24 30.25
N THR A 122 -10.61 -30.05 29.71
CA THR A 122 -11.69 -29.82 28.76
C THR A 122 -11.50 -30.62 27.47
N GLN A 123 -10.25 -30.82 27.06
CA GLN A 123 -9.97 -31.63 25.88
C GLN A 123 -10.26 -33.10 26.19
N TRP A 124 -9.99 -33.50 27.43
CA TRP A 124 -10.29 -34.86 27.88
C TRP A 124 -11.79 -35.06 27.86
N LEU A 125 -12.49 -34.16 28.54
CA LEU A 125 -13.93 -34.31 28.71
C LEU A 125 -14.68 -34.26 27.38
N ILE A 126 -14.29 -33.33 26.50
CA ILE A 126 -15.04 -33.18 25.25
C ILE A 126 -14.83 -34.40 24.37
N ARG A 127 -13.60 -34.93 24.35
CA ARG A 127 -13.27 -36.08 23.50
C ARG A 127 -14.03 -37.33 23.95
N LEU A 128 -14.10 -37.49 25.27
CA LEU A 128 -14.93 -38.48 25.89
C LEU A 128 -16.39 -38.33 25.45
N VAL A 129 -16.98 -37.16 25.70
CA VAL A 129 -18.40 -36.94 25.37
C VAL A 129 -18.64 -37.19 23.88
N HIS A 130 -17.63 -36.94 23.04
CA HIS A 130 -17.77 -37.14 21.60
C HIS A 130 -17.83 -38.64 21.30
N LYS A 131 -17.17 -39.46 22.12
CA LYS A 131 -17.26 -40.90 21.89
C LYS A 131 -18.64 -41.40 22.29
N MET A 132 -19.18 -40.85 23.38
CA MET A 132 -20.47 -41.29 23.88
C MET A 132 -21.50 -41.00 22.83
N GLU A 133 -21.38 -39.86 22.17
CA GLU A 133 -22.32 -39.52 21.11
C GLU A 133 -22.33 -40.59 20.03
N VAL A 134 -21.15 -40.99 19.58
CA VAL A 134 -21.00 -42.00 18.53
C VAL A 134 -21.46 -43.40 18.99
N ASP A 135 -21.37 -43.65 20.30
CA ASP A 135 -21.77 -44.92 20.88
C ASP A 135 -23.25 -44.97 21.27
N PHE A 136 -23.78 -43.86 21.77
CA PHE A 136 -25.08 -43.89 22.45
C PHE A 136 -26.13 -43.04 21.77
N SER A 137 -25.94 -42.80 20.48
CA SER A 137 -26.77 -41.90 19.68
C SER A 137 -28.28 -42.11 19.85
N LYS A 138 -28.69 -43.36 19.70
CA LYS A 138 -30.11 -43.69 19.66
C LYS A 138 -30.73 -43.53 21.05
N LYS A 139 -29.88 -43.41 22.06
CA LYS A 139 -30.33 -43.18 23.42
C LYS A 139 -30.19 -41.71 23.84
N LEU A 140 -29.78 -40.86 22.89
CA LEU A 140 -29.59 -39.42 23.16
C LEU A 140 -30.60 -38.56 22.41
N SER A 141 -30.55 -37.27 22.71
CA SER A 141 -31.35 -36.27 22.00
C SER A 141 -30.45 -35.16 21.42
N PHE A 142 -30.83 -34.60 20.28
CA PHE A 142 -29.96 -33.63 19.65
C PHE A 142 -30.51 -32.26 19.34
N THR A 143 -29.64 -31.28 19.44
CA THR A 143 -30.00 -29.95 18.97
C THR A 143 -29.09 -29.55 17.82
N ARG A 144 -29.49 -28.50 17.11
CA ARG A 144 -28.69 -27.99 15.99
C ARG A 144 -27.49 -27.24 16.52
N ASN A 145 -26.34 -27.41 15.87
CA ASN A 145 -25.14 -26.65 16.19
C ASN A 145 -25.29 -25.22 15.72
N ASN A 146 -25.08 -24.25 16.61
CA ASN A 146 -25.30 -22.87 16.22
C ASN A 146 -24.26 -22.38 15.20
N ALA A 147 -23.11 -23.05 15.21
CA ALA A 147 -22.06 -22.80 14.24
C ALA A 147 -22.59 -23.07 12.83
N ASN A 148 -23.64 -23.86 12.69
CA ASN A 148 -24.20 -24.10 11.36
C ASN A 148 -24.75 -22.83 10.69
N TYR A 149 -24.56 -22.69 9.37
CA TYR A 149 -25.32 -21.74 8.59
C TYR A 149 -25.46 -22.10 7.11
N LYS A 150 -26.67 -21.96 6.61
CA LYS A 150 -27.01 -22.20 5.21
C LYS A 150 -26.45 -21.10 4.34
N PHE A 151 -25.83 -21.46 3.22
CA PHE A 151 -25.49 -20.45 2.24
C PHE A 151 -25.57 -21.06 0.87
N GLY A 152 -26.55 -20.61 0.09
CA GLY A 152 -26.79 -21.20 -1.20
C GLY A 152 -27.21 -22.64 -1.03
N ASP A 153 -26.53 -23.55 -1.73
CA ASP A 153 -26.86 -24.95 -1.71
C ASP A 153 -25.93 -25.74 -0.77
N ARG A 154 -25.22 -25.04 0.09
CA ARG A 154 -24.28 -25.70 0.99
C ARG A 154 -24.63 -25.37 2.42
N VAL A 155 -24.13 -26.16 3.36
CA VAL A 155 -24.23 -25.79 4.77
C VAL A 155 -22.85 -25.73 5.39
N PHE A 156 -22.38 -24.53 5.74
CA PHE A 156 -21.05 -24.35 6.33
C PHE A 156 -21.11 -24.29 7.85
N GLN A 157 -19.94 -24.33 8.46
CA GLN A 157 -19.83 -23.97 9.85
C GLN A 157 -18.78 -22.87 9.90
N VAL A 158 -18.96 -21.90 10.79
CA VAL A 158 -18.04 -20.78 10.90
C VAL A 158 -16.60 -21.27 11.18
N TYR A 159 -16.48 -22.41 11.82
CA TYR A 159 -15.22 -23.14 11.85
C TYR A 159 -15.48 -24.63 12.04
N THR A 160 -14.47 -25.46 11.82
CA THR A 160 -14.60 -26.92 11.90
C THR A 160 -13.79 -27.50 13.07
N ILE A 161 -14.26 -28.57 13.71
CA ILE A 161 -13.45 -29.17 14.78
C ILE A 161 -13.05 -30.62 14.48
N ASN A 162 -13.97 -31.46 13.96
CA ASN A 162 -13.65 -32.91 13.85
C ASN A 162 -12.42 -33.11 12.97
N SER A 163 -12.04 -32.03 12.30
CA SER A 163 -10.70 -31.89 11.77
C SER A 163 -9.69 -32.34 12.82
N SER A 164 -9.17 -33.54 12.64
CA SER A 164 -7.93 -33.94 13.29
C SER A 164 -6.87 -33.66 12.23
N GLU A 165 -7.10 -32.60 11.46
CA GLU A 165 -6.17 -32.14 10.45
C GLU A 165 -6.25 -30.63 10.27
N LEU A 166 -5.88 -30.17 9.08
CA LEU A 166 -5.95 -28.75 8.71
C LEU A 166 -7.02 -28.46 7.63
N GLU A 167 -8.11 -29.22 7.66
CA GLU A 167 -9.18 -29.17 6.66
C GLU A 167 -10.47 -28.50 7.20
N GLU A 168 -11.14 -27.69 6.38
CA GLU A 168 -12.48 -27.19 6.73
C GLU A 168 -13.58 -27.89 5.95
N VAL A 169 -14.60 -28.40 6.64
CA VAL A 169 -15.63 -29.22 6.01
C VAL A 169 -17.03 -28.57 5.89
N ASN A 170 -17.63 -28.68 4.71
CA ASN A 170 -19.04 -28.32 4.50
C ASN A 170 -19.87 -29.39 3.75
N ILE A 171 -21.19 -29.42 4.01
CA ILE A 171 -22.08 -30.44 3.45
C ILE A 171 -23.07 -29.83 2.47
N LYS A 172 -23.89 -30.66 1.84
CA LYS A 172 -24.91 -30.13 0.92
C LYS A 172 -26.19 -29.81 1.67
N TYR A 173 -26.86 -28.72 1.27
CA TYR A 173 -28.14 -28.36 1.84
C TYR A 173 -29.22 -29.19 1.21
N THR A 174 -29.74 -30.17 1.95
CA THR A 174 -30.73 -31.10 1.40
C THR A 174 -32.04 -30.92 2.11
N ASN A 175 -33.11 -31.38 1.47
CA ASN A 175 -34.42 -31.38 2.12
C ASN A 175 -34.37 -32.10 3.48
N VAL A 176 -33.60 -33.17 3.58
CA VAL A 176 -33.44 -33.86 4.84
C VAL A 176 -32.77 -32.97 5.90
N TYR A 177 -31.69 -32.27 5.53
CA TYR A 177 -31.00 -31.37 6.48
C TYR A 177 -31.96 -30.29 6.99
N GLN A 178 -32.80 -29.79 6.09
CA GLN A 178 -33.78 -28.76 6.42
C GLN A 178 -34.75 -29.24 7.48
N ILE A 179 -35.35 -30.39 7.22
CA ILE A 179 -36.28 -31.04 8.12
C ILE A 179 -35.63 -31.31 9.48
N ILE A 180 -34.43 -31.85 9.46
CA ILE A 180 -33.80 -32.29 10.70
C ILE A 180 -33.42 -31.13 11.58
N SER A 181 -32.89 -30.08 10.95
CA SER A 181 -32.37 -28.92 11.65
C SER A 181 -33.42 -27.95 12.14
N GLU A 182 -34.46 -27.73 11.33
CA GLU A 182 -35.54 -26.87 11.76
C GLU A 182 -36.21 -27.56 12.96
N PHE A 183 -36.32 -28.89 12.88
CA PHE A 183 -36.86 -29.69 13.98
C PHE A 183 -36.04 -29.60 15.28
N CYS A 184 -34.73 -29.44 15.15
CA CYS A 184 -33.79 -29.39 16.29
C CYS A 184 -33.28 -28.02 16.58
N GLU A 185 -33.94 -27.02 16.02
CA GLU A 185 -33.38 -25.69 16.03
C GLU A 185 -33.44 -24.97 17.38
N ASN A 186 -34.47 -25.21 18.18
CA ASN A 186 -34.59 -24.42 19.40
C ASN A 186 -34.50 -25.21 20.69
N ASP A 187 -34.44 -26.53 20.57
CA ASP A 187 -34.39 -27.43 21.73
C ASP A 187 -33.88 -28.80 21.28
N TYR A 188 -33.78 -29.74 22.20
CA TYR A 188 -33.31 -31.08 21.85
C TYR A 188 -34.47 -32.02 21.46
N GLN A 189 -34.16 -33.03 20.68
CA GLN A 189 -35.16 -33.94 20.15
C GLN A 189 -34.61 -35.35 20.23
N LYS A 190 -35.36 -36.28 20.83
CA LYS A 190 -34.98 -37.68 20.89
C LYS A 190 -34.57 -38.21 19.52
N TYR A 191 -33.49 -38.96 19.47
CA TYR A 191 -33.01 -39.60 18.23
C TYR A 191 -34.16 -40.13 17.39
N GLU A 192 -35.01 -40.94 18.04
CA GLU A 192 -36.21 -41.52 17.45
C GLU A 192 -37.17 -40.50 16.79
N ASP A 193 -37.51 -39.43 17.50
CA ASP A 193 -38.45 -38.46 16.97
C ASP A 193 -37.93 -37.75 15.72
N ILE A 194 -36.64 -37.44 15.69
CA ILE A 194 -36.04 -36.83 14.49
C ILE A 194 -36.28 -37.77 13.31
N CYS A 195 -35.92 -39.03 13.50
CA CYS A 195 -36.12 -40.07 12.49
C CYS A 195 -37.55 -40.18 11.96
N GLU A 196 -38.53 -40.14 12.88
CA GLU A 196 -39.90 -40.23 12.42
C GLU A 196 -40.25 -39.03 11.58
N THR A 197 -39.84 -37.84 12.04
CA THR A 197 -40.14 -36.61 11.33
C THR A 197 -39.63 -36.71 9.88
N VAL A 198 -38.56 -37.47 9.68
CA VAL A 198 -38.02 -37.65 8.32
C VAL A 198 -38.80 -38.70 7.52
N THR A 199 -39.16 -39.81 8.16
CA THR A 199 -39.93 -40.85 7.50
C THR A 199 -41.38 -40.45 7.31
N LEU A 200 -41.92 -39.62 8.20
CA LEU A 200 -43.34 -39.22 8.11
C LEU A 200 -43.61 -38.32 6.91
N CYS A 201 -42.59 -37.96 6.15
CA CYS A 201 -42.84 -37.21 4.93
C CYS A 201 -41.93 -37.69 3.79
N TYR A 202 -41.24 -38.81 4.01
CA TYR A 202 -40.45 -39.44 2.95
C TYR A 202 -40.90 -40.87 2.67
N GLY A 203 -41.45 -41.53 3.69
CA GLY A 203 -41.86 -42.92 3.57
C GLY A 203 -41.20 -43.76 4.64
N ASP A 204 -41.75 -44.93 4.92
CA ASP A 204 -41.11 -45.78 5.92
C ASP A 204 -40.02 -46.63 5.27
N GLU A 205 -39.90 -46.54 3.95
CA GLU A 205 -38.85 -47.27 3.24
C GLU A 205 -37.53 -46.52 3.35
N TYR A 206 -37.57 -45.30 3.87
CA TYR A 206 -36.38 -44.46 4.01
C TYR A 206 -35.80 -44.41 5.43
N ARG A 207 -36.40 -45.18 6.35
CA ARG A 207 -35.93 -45.23 7.73
C ARG A 207 -34.45 -45.56 7.82
N GLU A 208 -34.00 -46.46 6.97
CA GLU A 208 -32.62 -46.93 7.05
C GLU A 208 -31.68 -45.81 6.61
N LEU A 209 -32.11 -45.05 5.59
CA LEU A 209 -31.38 -43.88 5.10
C LEU A 209 -31.39 -42.74 6.13
N SER A 210 -32.54 -42.53 6.76
CA SER A 210 -32.65 -41.54 7.81
C SER A 210 -31.63 -41.77 8.92
N GLU A 211 -31.57 -43.01 9.40
CA GLU A 211 -30.62 -43.35 10.45
C GLU A 211 -29.17 -43.09 10.06
N GLN A 212 -28.83 -43.32 8.80
CA GLN A 212 -27.47 -43.07 8.36
C GLN A 212 -27.18 -41.57 8.17
N TYR A 213 -28.10 -40.83 7.54
CA TYR A 213 -27.87 -39.41 7.33
C TYR A 213 -27.73 -38.72 8.67
N LEU A 214 -28.65 -39.02 9.59
CA LEU A 214 -28.63 -38.42 10.91
C LEU A 214 -27.30 -38.69 11.62
N GLY A 215 -26.72 -39.84 11.35
CA GLY A 215 -25.49 -40.21 12.02
C GLY A 215 -24.38 -39.34 11.54
N SER A 216 -24.27 -39.23 10.22
CA SER A 216 -23.17 -38.51 9.63
C SER A 216 -23.27 -37.04 10.06
N LEU A 217 -24.49 -36.56 10.33
CA LEU A 217 -24.65 -35.20 10.85
C LEU A 217 -24.03 -35.09 12.24
N ILE A 218 -24.09 -36.17 13.02
CA ILE A 218 -23.56 -36.16 14.39
C ILE A 218 -22.05 -36.37 14.38
N VAL A 219 -21.59 -37.18 13.43
CA VAL A 219 -20.17 -37.51 13.29
C VAL A 219 -19.43 -36.22 12.98
N ASN A 220 -19.93 -35.47 12.00
CA ASN A 220 -19.37 -34.20 11.59
C ASN A 220 -19.88 -32.99 12.39
N HIS A 221 -20.37 -33.27 13.59
CA HIS A 221 -20.77 -32.25 14.55
C HIS A 221 -21.73 -31.17 14.04
N TYR A 222 -22.59 -31.53 13.10
CA TYR A 222 -23.64 -30.62 12.69
C TYR A 222 -24.74 -30.58 13.72
N LEU A 223 -24.76 -31.58 14.61
CA LEU A 223 -25.71 -31.64 15.72
C LEU A 223 -25.03 -31.89 17.08
N ILE A 224 -25.48 -31.19 18.11
CA ILE A 224 -24.94 -31.34 19.46
C ILE A 224 -25.89 -32.21 20.30
N SER A 225 -25.35 -33.09 21.14
CA SER A 225 -26.19 -33.98 21.94
C SER A 225 -26.49 -33.30 23.25
N ASN A 226 -27.47 -33.81 23.99
CA ASN A 226 -27.80 -33.24 25.29
C ASN A 226 -26.68 -33.40 26.33
N LEU A 227 -25.73 -34.28 26.05
CA LEU A 227 -24.56 -34.41 26.90
C LEU A 227 -23.77 -33.11 26.98
N GLN A 228 -23.76 -32.33 25.89
CA GLN A 228 -22.92 -31.11 25.82
C GLN A 228 -23.53 -29.90 26.51
N LYS A 229 -24.80 -29.98 26.85
CA LYS A 229 -25.46 -28.90 27.55
C LYS A 229 -24.74 -28.63 28.87
N ASP A 230 -24.22 -27.41 28.99
CA ASP A 230 -23.52 -26.90 30.18
C ASP A 230 -22.27 -27.69 30.53
N LEU A 231 -21.89 -28.56 29.59
CA LEU A 231 -20.66 -29.33 29.69
C LEU A 231 -19.43 -28.51 29.99
N LEU A 232 -19.16 -27.53 29.12
CA LEU A 232 -18.01 -26.64 29.28
C LEU A 232 -18.30 -25.47 30.22
N SER A 233 -19.46 -24.83 30.01
CA SER A 233 -19.83 -23.58 30.72
C SER A 233 -20.07 -23.71 32.23
N ASP A 234 -21.18 -24.30 32.63
CA ASP A 234 -21.48 -24.40 34.06
C ASP A 234 -21.61 -25.90 34.44
N PHE A 235 -20.50 -26.64 34.29
CA PHE A 235 -20.42 -28.08 34.57
C PHE A 235 -20.78 -28.48 35.99
N SER A 236 -21.67 -29.47 36.10
CA SER A 236 -22.00 -30.11 37.38
C SER A 236 -21.74 -31.60 37.32
N TRP A 237 -21.06 -32.11 38.35
CA TRP A 237 -20.76 -33.52 38.42
C TRP A 237 -22.03 -34.36 38.41
N ASN A 238 -23.03 -33.98 39.19
CA ASN A 238 -24.24 -34.80 39.27
C ASN A 238 -25.18 -34.70 38.07
N THR A 239 -25.38 -33.52 37.50
CA THR A 239 -26.30 -33.45 36.36
C THR A 239 -25.64 -34.16 35.17
N PHE A 240 -24.30 -34.14 35.14
CA PHE A 240 -23.54 -34.88 34.13
C PHE A 240 -23.63 -36.39 34.35
N LEU A 241 -23.38 -36.83 35.58
CA LEU A 241 -23.41 -38.26 35.89
C LEU A 241 -24.74 -38.93 35.60
N THR A 242 -25.83 -38.30 36.04
CA THR A 242 -27.17 -38.81 35.83
C THR A 242 -27.46 -39.09 34.35
N LYS A 243 -27.17 -38.12 33.49
CA LYS A 243 -27.33 -38.26 32.05
C LYS A 243 -26.59 -39.48 31.49
N VAL A 244 -25.37 -39.70 31.96
CA VAL A 244 -24.58 -40.86 31.51
C VAL A 244 -25.26 -42.17 31.91
N GLU A 245 -25.84 -42.18 33.11
CA GLU A 245 -26.53 -43.33 33.64
C GLU A 245 -27.58 -43.81 32.65
N ALA A 246 -28.42 -42.90 32.19
CA ALA A 246 -29.56 -43.25 31.33
C ALA A 246 -29.18 -43.94 30.03
N ILE A 247 -27.95 -43.75 29.57
CA ILE A 247 -27.51 -44.28 28.28
C ILE A 247 -26.56 -45.46 28.41
N ASP A 248 -25.87 -45.53 29.55
CA ASP A 248 -24.88 -46.59 29.79
C ASP A 248 -25.45 -47.81 30.52
N GLU A 249 -26.04 -48.74 29.78
CA GLU A 249 -26.56 -49.97 30.37
C GLU A 249 -25.47 -50.89 30.92
N ASP A 250 -24.37 -51.08 30.17
CA ASP A 250 -23.37 -52.08 30.52
C ASP A 250 -22.47 -51.60 31.65
N LYS A 251 -22.82 -50.45 32.22
CA LYS A 251 -22.01 -49.77 33.25
C LYS A 251 -20.52 -49.68 32.86
N LYS A 252 -20.26 -49.49 31.56
CA LYS A 252 -18.91 -49.43 31.01
C LYS A 252 -18.23 -48.11 31.34
N TYR A 253 -19.02 -47.05 31.45
CA TYR A 253 -18.47 -45.74 31.70
C TYR A 253 -18.79 -45.23 33.11
N ILE A 254 -19.99 -45.51 33.59
CA ILE A 254 -20.43 -44.84 34.81
C ILE A 254 -19.62 -45.17 36.08
N ILE A 255 -19.27 -46.45 36.25
CA ILE A 255 -18.54 -46.86 37.45
C ILE A 255 -17.17 -46.21 37.57
N PRO A 256 -16.36 -46.19 36.48
CA PRO A 256 -15.06 -45.50 36.62
C PRO A 256 -15.21 -43.98 36.86
N LEU A 257 -16.19 -43.34 36.23
CA LEU A 257 -16.36 -41.88 36.34
C LEU A 257 -16.66 -41.45 37.78
N LYS A 258 -17.43 -42.28 38.50
CA LYS A 258 -17.73 -42.04 39.91
C LYS A 258 -16.46 -42.17 40.73
N LYS A 259 -15.58 -43.08 40.30
CA LYS A 259 -14.29 -43.31 40.92
C LYS A 259 -13.42 -42.07 40.74
N VAL A 260 -13.45 -41.56 39.50
CA VAL A 260 -12.74 -40.33 39.14
C VAL A 260 -13.15 -39.17 40.03
N GLN A 261 -14.46 -39.01 40.20
CA GLN A 261 -15.00 -37.97 41.06
C GLN A 261 -14.54 -38.16 42.52
N LYS A 262 -14.51 -39.42 42.98
CA LYS A 262 -14.14 -39.69 44.38
C LYS A 262 -12.67 -39.44 44.60
N PHE A 263 -11.84 -39.93 43.67
CA PHE A 263 -10.40 -39.72 43.76
C PHE A 263 -10.03 -38.23 43.70
N ILE A 264 -10.67 -37.48 42.80
CA ILE A 264 -10.45 -36.03 42.67
C ILE A 264 -10.86 -35.30 43.96
N GLN A 265 -12.02 -35.70 44.49
CA GLN A 265 -12.55 -35.14 45.72
C GLN A 265 -11.63 -35.41 46.92
N GLU A 266 -11.00 -36.59 46.93
CA GLU A 266 -10.02 -36.91 47.96
C GLU A 266 -8.78 -36.07 47.75
N TYR A 267 -8.34 -35.98 46.49
CA TYR A 267 -7.18 -35.16 46.12
C TYR A 267 -7.33 -33.73 46.62
N SER A 268 -8.57 -33.22 46.55
CA SER A 268 -8.87 -31.87 47.01
C SER A 268 -8.35 -31.56 48.41
N GLU A 269 -8.54 -32.46 49.36
CA GLU A 269 -8.22 -32.11 50.75
C GLU A 269 -6.75 -32.30 51.07
N ILE A 270 -6.00 -32.82 50.10
CA ILE A 270 -4.57 -33.07 50.28
C ILE A 270 -3.72 -31.80 50.13
N GLU A 271 -2.59 -31.75 50.84
CA GLU A 271 -1.66 -30.65 50.74
C GLU A 271 -0.81 -30.74 49.46
N ILE A 272 -0.03 -29.69 49.22
CA ILE A 272 0.73 -29.52 47.98
C ILE A 272 2.12 -30.14 48.13
N GLY A 273 2.32 -31.29 47.49
CA GLY A 273 3.55 -32.03 47.68
C GLY A 273 3.25 -33.47 48.07
N GLU A 274 2.18 -33.64 48.84
CA GLU A 274 1.87 -34.93 49.41
C GLU A 274 0.79 -35.61 48.61
N GLY A 275 0.74 -35.36 47.31
CA GLY A 275 -0.36 -35.92 46.55
C GLY A 275 0.03 -36.67 45.30
N ILE A 276 1.33 -36.89 45.12
CA ILE A 276 1.87 -37.46 43.89
C ILE A 276 1.19 -38.80 43.65
N GLU A 277 1.02 -39.56 44.73
CA GLU A 277 0.42 -40.88 44.65
C GLU A 277 -1.09 -40.83 44.45
N LYS A 278 -1.76 -39.82 44.97
CA LYS A 278 -3.18 -39.66 44.70
C LYS A 278 -3.44 -39.22 43.26
N LEU A 279 -2.58 -38.35 42.76
CA LEU A 279 -2.71 -37.86 41.38
C LEU A 279 -2.55 -39.01 40.40
N LYS A 280 -1.54 -39.84 40.65
CA LYS A 280 -1.25 -40.99 39.80
C LYS A 280 -2.49 -41.88 39.62
N GLU A 281 -3.25 -42.02 40.70
CA GLU A 281 -4.52 -42.75 40.66
C GLU A 281 -5.49 -42.13 39.67
N ILE A 282 -5.66 -40.80 39.77
CA ILE A 282 -6.59 -40.06 38.93
C ILE A 282 -6.22 -40.24 37.46
N TYR A 283 -4.94 -40.14 37.18
CA TYR A 283 -4.49 -40.33 35.81
C TYR A 283 -4.79 -41.76 35.36
N GLN A 284 -4.41 -42.75 36.17
CA GLN A 284 -4.63 -44.17 35.80
C GLN A 284 -6.11 -44.44 35.56
N GLU A 285 -6.96 -43.87 36.41
CA GLU A 285 -8.39 -44.10 36.27
C GLU A 285 -8.91 -43.43 35.01
N MET A 286 -8.52 -42.17 34.83
CA MET A 286 -9.01 -41.40 33.70
C MET A 286 -8.39 -41.88 32.40
N SER A 287 -7.13 -42.32 32.44
CA SER A 287 -6.46 -42.82 31.23
C SER A 287 -7.11 -44.11 30.74
N GLN A 288 -7.58 -44.92 31.68
CA GLN A 288 -8.21 -46.18 31.32
C GLN A 288 -9.51 -45.87 30.60
N ILE A 289 -10.20 -44.82 31.05
CA ILE A 289 -11.45 -44.34 30.40
C ILE A 289 -11.18 -43.77 29.01
N LEU A 290 -10.16 -42.92 28.94
CA LEU A 290 -9.76 -42.20 27.71
C LEU A 290 -8.40 -41.55 27.87
N GLU A 291 -7.44 -41.90 27.01
CA GLU A 291 -6.12 -41.28 27.09
C GLU A 291 -6.09 -39.90 26.45
N ASN A 292 -5.41 -39.01 27.16
CA ASN A 292 -5.22 -37.66 26.69
C ASN A 292 -3.88 -37.20 27.21
N ASP A 293 -3.33 -36.13 26.66
CA ASP A 293 -2.05 -35.65 27.15
C ASP A 293 -2.18 -35.01 28.54
N ASN A 294 -3.28 -34.33 28.80
CA ASN A 294 -3.59 -33.87 30.15
C ASN A 294 -4.94 -34.34 30.62
N TYR A 295 -5.10 -34.39 31.94
CA TYR A 295 -6.33 -34.91 32.53
C TYR A 295 -7.00 -33.94 33.46
N ILE A 296 -6.23 -33.09 34.10
CA ILE A 296 -6.71 -32.31 35.23
C ILE A 296 -6.25 -30.85 35.16
N GLN A 297 -7.17 -29.93 35.41
CA GLN A 297 -6.80 -28.52 35.57
C GLN A 297 -6.80 -28.14 37.04
N ILE A 298 -5.84 -27.31 37.44
CA ILE A 298 -5.90 -26.77 38.80
C ILE A 298 -5.66 -25.24 38.87
N ASP A 299 -6.58 -24.53 39.50
CA ASP A 299 -6.40 -23.12 39.75
C ASP A 299 -6.36 -22.91 41.26
N LEU A 300 -5.16 -22.72 41.80
CA LEU A 300 -5.00 -22.45 43.23
C LEU A 300 -5.51 -21.07 43.66
N ILE A 301 -6.47 -21.04 44.58
CA ILE A 301 -6.96 -19.79 45.11
C ILE A 301 -6.62 -19.67 46.61
N SER A 302 -6.83 -18.48 47.19
CA SER A 302 -6.42 -18.21 48.57
C SER A 302 -7.19 -17.05 49.19
N ASP A 303 -7.41 -17.13 50.50
CA ASP A 303 -8.17 -16.11 51.23
C ASP A 303 -7.28 -14.93 51.64
N SER A 304 -6.01 -14.94 51.29
CA SER A 304 -5.12 -13.85 51.75
C SER A 304 -5.63 -12.48 51.25
N GLU A 305 -5.08 -11.39 51.78
CA GLU A 305 -5.58 -10.06 51.42
C GLU A 305 -4.52 -8.97 51.47
N ILE A 306 -3.71 -8.92 50.42
CA ILE A 306 -2.64 -7.95 50.29
C ILE A 306 -3.27 -6.55 50.22
N ASN A 307 -2.58 -5.57 50.80
CA ASN A 307 -3.06 -4.19 50.84
C ASN A 307 -2.10 -3.21 50.15
N PHE A 308 -2.65 -2.25 49.41
CA PHE A 308 -1.84 -1.15 48.86
C PHE A 308 -2.22 0.19 49.50
N ASP A 309 -1.25 1.12 49.51
CA ASP A 309 -1.38 2.50 50.01
C ASP A 309 -2.55 3.32 49.51
N VAL A 310 -2.38 4.64 49.57
CA VAL A 310 -3.30 5.57 48.93
C VAL A 310 -2.50 6.31 47.89
N LYS A 311 -1.18 6.33 48.11
CA LYS A 311 -0.21 6.79 47.14
C LYS A 311 -0.14 5.77 45.99
N GLN A 312 -0.38 4.51 46.34
CA GLN A 312 -0.33 3.48 45.35
C GLN A 312 -1.57 3.54 44.48
N LYS A 313 -2.72 3.82 45.08
CA LYS A 313 -3.95 3.96 44.32
C LYS A 313 -3.84 5.15 43.35
N GLN A 314 -3.20 6.24 43.77
CA GLN A 314 -3.01 7.37 42.86
C GLN A 314 -2.04 6.97 41.77
N GLN A 315 -0.93 6.37 42.17
CA GLN A 315 0.11 6.03 41.22
C GLN A 315 -0.46 5.20 40.09
N LEU A 316 -1.31 4.23 40.43
CA LEU A 316 -1.86 3.37 39.42
C LEU A 316 -2.88 4.13 38.58
N GLU A 317 -3.75 4.89 39.25
CA GLU A 317 -4.81 5.63 38.57
C GLU A 317 -4.20 6.70 37.66
N HIS A 318 -3.06 7.23 38.08
CA HIS A 318 -2.34 8.20 37.26
C HIS A 318 -1.90 7.53 35.96
N LEU A 319 -1.37 6.31 36.10
CA LEU A 319 -0.87 5.52 34.98
C LEU A 319 -2.01 5.16 34.03
N ALA A 320 -3.15 4.79 34.61
CA ALA A 320 -4.33 4.51 33.81
C ALA A 320 -4.79 5.75 33.04
N GLU A 321 -4.79 6.91 33.68
CA GLU A 321 -5.15 8.14 32.95
C GLU A 321 -4.20 8.31 31.76
N PHE A 322 -2.91 8.23 32.03
CA PHE A 322 -1.94 8.46 30.98
C PHE A 322 -2.10 7.50 29.81
N LEU A 323 -2.20 6.21 30.12
CA LEU A 323 -2.28 5.21 29.08
C LEU A 323 -3.56 5.43 28.28
N GLY A 324 -4.65 5.67 28.99
CA GLY A 324 -5.94 5.93 28.36
C GLY A 324 -5.91 7.16 27.47
N ASN A 325 -5.31 8.23 27.98
CA ASN A 325 -5.24 9.44 27.20
C ASN A 325 -4.48 9.26 25.89
N THR A 326 -3.50 8.36 25.80
CA THR A 326 -2.75 8.25 24.54
C THR A 326 -3.62 7.77 23.39
N THR A 327 -4.75 7.14 23.72
CA THR A 327 -5.65 6.65 22.69
C THR A 327 -6.27 7.85 21.98
N LYS A 328 -6.20 9.01 22.61
CA LYS A 328 -6.76 10.23 22.05
C LYS A 328 -6.15 10.50 20.67
N SER A 329 -4.97 9.94 20.41
CA SER A 329 -4.28 10.21 19.16
C SER A 329 -4.55 9.17 18.09
N VAL A 330 -5.32 8.14 18.43
CA VAL A 330 -5.68 7.15 17.43
C VAL A 330 -6.83 7.69 16.58
N ARG A 331 -6.48 8.14 15.38
CA ARG A 331 -7.42 8.76 14.44
C ARG A 331 -8.11 7.78 13.48
N ARG A 332 -7.37 6.78 13.04
CA ARG A 332 -7.91 5.84 12.05
C ARG A 332 -7.30 4.44 12.13
N THR A 333 -8.17 3.44 12.24
CA THR A 333 -7.76 2.07 12.48
C THR A 333 -8.14 1.16 11.33
N TYR A 334 -7.81 -0.13 11.47
CA TYR A 334 -8.26 -1.13 10.52
C TYR A 334 -9.78 -1.26 10.52
N LEU A 335 -10.44 -1.14 11.68
CA LEU A 335 -11.90 -1.19 11.73
C LEU A 335 -12.58 0.04 11.09
N ASP A 336 -11.90 1.19 11.15
CA ASP A 336 -12.41 2.39 10.51
C ASP A 336 -12.37 2.21 9.00
N ASP A 337 -11.30 1.64 8.47
CA ASP A 337 -11.27 1.32 7.05
C ASP A 337 -12.36 0.34 6.63
N TYR A 338 -12.66 -0.64 7.46
CA TYR A 338 -13.68 -1.64 7.11
C TYR A 338 -15.05 -0.97 7.06
N LYS A 339 -15.31 -0.14 8.05
CA LYS A 339 -16.54 0.62 8.11
C LYS A 339 -16.71 1.33 6.80
N ASP A 340 -15.64 1.84 6.24
CA ASP A 340 -15.75 2.53 4.96
C ASP A 340 -16.06 1.57 3.80
N LYS A 341 -15.50 0.36 3.81
CA LYS A 341 -15.80 -0.58 2.73
C LYS A 341 -17.28 -1.00 2.79
N PHE A 342 -17.79 -1.10 4.01
CA PHE A 342 -19.20 -1.34 4.31
C PHE A 342 -20.11 -0.33 3.61
N ILE A 343 -19.79 0.95 3.79
CA ILE A 343 -20.58 2.05 3.25
C ILE A 343 -20.47 2.16 1.73
N GLU A 344 -19.37 1.69 1.17
CA GLU A 344 -19.21 1.73 -0.27
C GLU A 344 -20.08 0.65 -0.91
N LYS A 345 -20.21 -0.51 -0.24
CA LYS A 345 -21.01 -1.60 -0.77
C LYS A 345 -22.49 -1.37 -0.48
N TYR A 346 -22.76 -1.12 0.79
CA TYR A 346 -24.13 -1.13 1.26
C TYR A 346 -24.80 0.21 1.50
N GLY A 347 -24.05 1.29 1.51
CA GLY A 347 -24.59 2.57 1.92
C GLY A 347 -24.98 2.49 3.38
N VAL A 348 -25.65 3.51 3.91
CA VAL A 348 -25.96 3.52 5.33
C VAL A 348 -27.34 3.02 5.73
N ASP A 349 -28.17 2.62 4.78
CA ASP A 349 -29.54 2.27 5.15
C ASP A 349 -29.81 0.78 5.13
N GLN A 350 -28.77 -0.03 5.28
CA GLN A 350 -28.94 -1.49 5.21
C GLN A 350 -28.39 -2.14 6.46
N GLU A 351 -29.08 -3.18 6.90
CA GLU A 351 -28.51 -4.11 7.87
C GLU A 351 -28.21 -5.43 7.16
N VAL A 352 -26.97 -5.90 7.31
CA VAL A 352 -26.48 -7.04 6.54
C VAL A 352 -26.19 -8.21 7.48
N GLN A 353 -26.69 -9.38 7.14
CA GLN A 353 -26.46 -10.57 7.97
C GLN A 353 -25.00 -10.98 8.04
N ILE A 354 -24.52 -11.20 9.25
CA ILE A 354 -23.10 -11.20 9.48
C ILE A 354 -22.38 -12.28 8.67
N THR A 355 -23.00 -13.40 8.40
CA THR A 355 -22.29 -14.38 7.59
C THR A 355 -22.20 -13.93 6.12
N GLU A 356 -23.16 -13.12 5.67
CA GLU A 356 -23.09 -12.64 4.29
C GLU A 356 -22.00 -11.55 4.20
N LEU A 357 -22.03 -10.66 5.19
CA LEU A 357 -21.12 -9.56 5.32
C LEU A 357 -19.68 -10.03 5.12
N PHE A 358 -19.34 -11.14 5.75
CA PHE A 358 -17.96 -11.54 5.80
C PHE A 358 -17.54 -12.45 4.66
N ASP A 359 -18.48 -12.80 3.81
CA ASP A 359 -18.13 -13.57 2.64
C ASP A 359 -17.34 -12.73 1.63
N SER A 360 -16.23 -13.26 1.13
CA SER A 360 -15.39 -12.48 0.23
C SER A 360 -15.90 -12.51 -1.21
N THR A 361 -16.87 -13.36 -1.52
CA THR A 361 -17.46 -13.40 -2.84
C THR A 361 -18.76 -12.61 -2.91
N PHE A 362 -19.59 -12.75 -1.87
CA PHE A 362 -20.90 -12.07 -1.80
C PHE A 362 -20.95 -10.86 -0.86
N GLY A 363 -19.92 -10.72 -0.01
CA GLY A 363 -19.85 -9.59 0.89
C GLY A 363 -18.63 -8.70 0.67
N ILE A 364 -18.00 -8.30 1.76
CA ILE A 364 -16.87 -7.39 1.70
C ILE A 364 -15.64 -7.96 2.41
N GLY A 365 -15.66 -9.26 2.70
CA GLY A 365 -14.57 -9.93 3.38
C GLY A 365 -14.40 -9.46 4.80
N ALA A 366 -13.20 -9.53 5.33
CA ALA A 366 -12.96 -9.05 6.69
C ALA A 366 -12.13 -7.76 6.71
N PRO A 367 -11.97 -7.16 7.90
CA PRO A 367 -10.92 -6.17 8.09
C PRO A 367 -9.55 -6.63 7.54
N TYR A 368 -8.70 -5.67 7.23
CA TYR A 368 -7.43 -5.98 6.59
C TYR A 368 -6.61 -6.90 7.45
N ASN A 369 -6.68 -6.69 8.76
CA ASN A 369 -5.82 -7.41 9.67
C ASN A 369 -6.33 -8.78 10.11
N TYR A 370 -7.51 -9.18 9.67
CA TYR A 370 -8.08 -10.47 10.10
C TYR A 370 -7.50 -11.63 9.31
N ASN A 371 -7.32 -12.77 10.00
CA ASN A 371 -6.68 -13.96 9.42
C ASN A 371 -7.42 -15.30 9.46
N HIS A 372 -8.65 -15.32 9.91
CA HIS A 372 -9.35 -16.58 10.03
C HIS A 372 -10.50 -16.50 9.05
N PRO A 373 -10.15 -16.89 7.81
CA PRO A 373 -10.09 -16.32 6.47
C PRO A 373 -9.44 -14.92 6.40
N ARG A 374 -8.15 -14.87 6.09
CA ARG A 374 -7.55 -13.64 5.58
C ARG A 374 -8.21 -13.48 4.22
N ASN A 375 -8.37 -12.26 3.74
CA ASN A 375 -9.05 -12.11 2.45
C ASN A 375 -8.27 -12.80 1.31
N ASP A 376 -8.97 -13.33 0.32
CA ASP A 376 -8.29 -14.01 -0.79
C ASP A 376 -8.23 -13.18 -2.07
N PHE A 377 -9.04 -12.13 -2.16
CA PHE A 377 -8.93 -11.17 -3.23
C PHE A 377 -7.75 -10.30 -2.87
N TYR A 378 -7.15 -9.67 -3.88
CA TYR A 378 -5.98 -8.81 -3.63
C TYR A 378 -6.43 -7.55 -2.93
N GLU A 379 -5.61 -7.10 -1.99
CA GLU A 379 -5.90 -5.84 -1.33
C GLU A 379 -4.60 -5.25 -0.80
N SER A 380 -4.49 -3.93 -0.93
CA SER A 380 -3.34 -3.19 -0.45
C SER A 380 -3.59 -2.63 0.94
N GLU A 381 -2.54 -2.55 1.75
CA GLU A 381 -2.68 -2.18 3.15
C GLU A 381 -3.26 -0.78 3.30
N PRO A 382 -4.29 -0.64 4.14
CA PRO A 382 -5.01 0.61 4.38
C PRO A 382 -4.20 1.64 5.19
N SER A 383 -4.50 2.91 4.96
CA SER A 383 -3.87 3.96 5.74
C SER A 383 -4.44 3.97 7.14
N THR A 384 -3.54 4.00 8.12
CA THR A 384 -3.91 3.96 9.52
C THR A 384 -3.15 4.99 10.34
N LEU A 385 -3.85 5.69 11.22
CA LEU A 385 -3.22 6.66 12.09
C LEU A 385 -3.37 6.29 13.55
N TYR A 386 -2.31 5.76 14.14
CA TYR A 386 -2.40 5.32 15.52
C TYR A 386 -1.66 6.34 16.38
N TYR A 387 -1.07 7.33 15.70
CA TYR A 387 -0.34 8.43 16.31
C TYR A 387 -0.01 9.40 15.17
N SER A 388 0.28 10.64 15.51
CA SER A 388 0.54 11.70 14.52
C SER A 388 1.99 11.78 14.10
N GLU A 389 2.27 12.43 12.97
CA GLU A 389 3.66 12.56 12.53
C GLU A 389 4.51 13.33 13.54
N GLU A 390 3.91 14.39 14.12
CA GLU A 390 4.58 15.17 15.15
C GLU A 390 4.88 14.32 16.38
N GLU A 391 3.91 13.51 16.80
CA GLU A 391 4.15 12.63 17.93
C GLU A 391 5.29 11.67 17.63
N ARG A 392 5.32 11.13 16.42
CA ARG A 392 6.34 10.16 16.08
C ARG A 392 7.72 10.80 16.08
N GLU A 393 7.79 12.04 15.59
CA GLU A 393 9.02 12.81 15.60
C GLU A 393 9.51 12.97 17.03
N LYS A 394 8.59 13.25 17.95
CA LYS A 394 8.97 13.41 19.35
C LYS A 394 9.55 12.10 19.93
N TYR A 395 8.86 10.97 19.78
CA TYR A 395 9.39 9.69 20.25
C TYR A 395 10.78 9.34 19.72
N LEU A 396 10.99 9.53 18.42
CA LEU A 396 12.28 9.25 17.85
C LEU A 396 13.32 10.16 18.47
N SER A 397 12.91 11.38 18.72
CA SER A 397 13.82 12.37 19.23
C SER A 397 14.22 11.97 20.62
N MET A 398 13.25 11.52 21.41
CA MET A 398 13.48 11.10 22.77
C MET A 398 14.32 9.84 22.79
N TYR A 399 14.18 9.05 21.73
CA TYR A 399 14.93 7.82 21.64
C TYR A 399 16.42 8.15 21.42
N VAL A 400 16.73 8.90 20.37
CA VAL A 400 18.12 9.25 20.12
C VAL A 400 18.73 10.00 21.31
N GLU A 401 17.96 10.90 21.94
CA GLU A 401 18.42 11.59 23.14
C GLU A 401 18.82 10.57 24.24
N ALA A 402 17.91 9.68 24.61
CA ALA A 402 18.18 8.73 25.68
C ALA A 402 19.34 7.79 25.44
N VAL A 403 19.47 7.30 24.21
CA VAL A 403 20.55 6.40 23.89
C VAL A 403 21.87 7.16 23.98
N LYS A 404 21.95 8.31 23.31
CA LYS A 404 23.18 9.10 23.26
C LYS A 404 23.70 9.41 24.67
N ASN A 405 22.79 9.58 25.61
CA ASN A 405 23.15 10.04 26.94
C ASN A 405 23.12 8.93 27.97
N HIS A 406 22.90 7.70 27.50
CA HIS A 406 22.73 6.56 28.38
C HIS A 406 21.70 6.82 29.47
N ASN A 407 20.54 7.34 29.10
CA ASN A 407 19.47 7.57 30.06
C ASN A 407 18.22 6.76 29.77
N VAL A 408 17.28 6.75 30.71
CA VAL A 408 15.97 6.19 30.43
C VAL A 408 15.21 7.13 29.48
N ILE A 409 14.13 6.61 28.88
CA ILE A 409 13.22 7.44 28.15
C ILE A 409 12.05 7.72 29.08
N ASN A 410 11.83 9.00 29.38
CA ASN A 410 10.80 9.43 30.33
C ASN A 410 9.51 9.79 29.67
N LEU A 411 8.58 8.86 29.69
CA LEU A 411 7.34 9.09 29.00
C LEU A 411 6.63 10.31 29.58
N ASP A 412 6.99 10.70 30.81
CA ASP A 412 6.40 11.87 31.44
C ASP A 412 6.47 13.11 30.56
N ASP A 413 7.49 13.18 29.69
CA ASP A 413 7.72 14.34 28.85
C ASP A 413 6.48 14.74 28.04
N LEU A 414 5.57 13.79 27.84
CA LEU A 414 4.39 14.06 27.03
C LEU A 414 3.06 13.92 27.79
N GLU A 415 3.10 13.89 29.11
CA GLU A 415 1.85 13.78 29.85
C GLU A 415 0.98 15.03 29.61
N SER A 416 1.60 16.20 29.76
CA SER A 416 1.00 17.48 29.39
C SER A 416 0.34 17.47 28.01
N HIS A 417 1.03 16.89 27.02
CA HIS A 417 0.53 16.87 25.66
C HIS A 417 -0.75 16.06 25.49
N TYR A 418 -0.78 14.83 26.01
CA TYR A 418 -1.93 13.93 25.84
C TYR A 418 -3.11 14.39 26.69
N GLN A 419 -2.82 15.00 27.83
CA GLN A 419 -3.87 15.45 28.75
C GLN A 419 -4.65 16.64 28.23
N LYS A 420 -3.93 17.64 27.75
CA LYS A 420 -4.52 18.89 27.27
C LYS A 420 -5.16 18.72 25.89
N MET A 421 -4.99 17.55 25.29
CA MET A 421 -5.53 17.26 23.95
C MET A 421 -7.01 16.87 23.90
N ASP A 422 -7.74 17.44 22.93
CA ASP A 422 -9.12 17.05 22.63
C ASP A 422 -9.99 16.96 23.88
N LEU A 423 -10.31 18.10 24.48
CA LEU A 423 -11.14 18.09 25.69
C LEU A 423 -12.67 18.12 25.43
N GLU A 424 -13.04 18.20 24.15
CA GLU A 424 -14.44 18.44 23.77
C GLU A 424 -15.18 17.16 23.46
N LYS A 425 -14.39 16.10 23.28
CA LYS A 425 -14.84 14.76 22.95
C LYS A 425 -15.00 13.92 24.22
N LYS A 426 -16.01 13.05 24.27
CA LYS A 426 -16.04 12.09 25.36
C LYS A 426 -15.29 10.85 24.87
N SER A 427 -14.51 10.26 25.77
CA SER A 427 -13.63 9.16 25.40
C SER A 427 -14.42 7.87 25.47
N GLU A 428 -14.49 7.16 24.35
CA GLU A 428 -15.18 5.87 24.24
C GLU A 428 -14.74 4.86 25.28
N LEU A 429 -13.49 4.99 25.71
CA LEU A 429 -12.86 4.09 26.65
C LEU A 429 -13.49 4.07 28.04
N GLN A 430 -14.05 2.91 28.40
CA GLN A 430 -14.82 2.75 29.61
C GLN A 430 -14.10 2.01 30.75
N GLY A 431 -12.89 1.55 30.48
CA GLY A 431 -12.12 0.83 31.48
C GLY A 431 -10.93 0.04 30.96
N LEU A 432 -10.00 -0.24 31.87
CA LEU A 432 -8.78 -0.95 31.57
C LEU A 432 -8.50 -2.04 32.59
N GLU A 433 -7.72 -3.05 32.19
CA GLU A 433 -7.10 -3.95 33.15
C GLU A 433 -5.62 -3.87 32.90
N LEU A 434 -4.87 -3.39 33.89
CA LEU A 434 -3.43 -3.31 33.74
C LEU A 434 -2.79 -4.48 34.48
N PHE A 435 -1.68 -4.99 33.94
CA PHE A 435 -0.97 -6.12 34.51
C PHE A 435 0.43 -5.68 34.97
N LEU A 436 0.69 -5.75 36.28
CA LEU A 436 1.92 -5.20 36.86
C LEU A 436 2.68 -6.18 37.75
N ASN A 437 3.97 -6.34 37.47
CA ASN A 437 4.84 -7.13 38.33
C ASN A 437 5.37 -6.31 39.48
N LEU A 438 5.56 -6.93 40.63
CA LEU A 438 6.09 -6.21 41.78
C LEU A 438 7.57 -6.47 41.94
N ALA A 439 8.37 -5.43 42.09
CA ALA A 439 9.80 -5.63 42.29
C ALA A 439 10.45 -4.44 43.00
N LYS A 440 11.78 -4.46 43.06
CA LYS A 440 12.56 -3.40 43.68
C LYS A 440 13.74 -2.96 42.81
N GLU A 441 14.17 -1.72 43.03
CA GLU A 441 15.44 -1.27 42.53
C GLU A 441 15.94 -0.20 43.51
N TYR A 442 17.19 -0.35 43.94
CA TYR A 442 17.79 0.44 45.02
C TYR A 442 16.93 0.36 46.28
N GLU A 443 16.49 -0.85 46.61
CA GLU A 443 15.77 -1.12 47.86
C GLU A 443 14.43 -0.38 47.94
N LYS A 444 14.00 0.21 46.83
CA LYS A 444 12.71 0.91 46.82
C LYS A 444 11.66 0.11 46.04
N ASP A 445 10.46 -0.01 46.59
CA ASP A 445 9.34 -0.74 45.95
C ASP A 445 8.80 -0.06 44.69
N ILE A 446 8.69 -0.80 43.58
CA ILE A 446 8.28 -0.23 42.31
C ILE A 446 7.30 -1.09 41.53
N PHE A 447 6.53 -0.46 40.65
CA PHE A 447 5.68 -1.18 39.72
C PHE A 447 6.37 -1.38 38.35
N ILE A 448 6.16 -2.53 37.73
CA ILE A 448 6.60 -2.74 36.34
C ILE A 448 5.51 -3.33 35.47
N LEU A 449 5.11 -2.62 34.41
CA LEU A 449 4.10 -3.16 33.48
C LEU A 449 4.62 -4.41 32.75
N GLY A 450 3.75 -5.39 32.56
CA GLY A 450 4.12 -6.50 31.72
C GLY A 450 4.18 -6.03 30.28
N ASP A 451 4.84 -6.81 29.43
CA ASP A 451 4.81 -6.56 28.00
C ASP A 451 3.37 -6.70 27.50
N ILE A 452 2.65 -7.61 28.13
CA ILE A 452 1.20 -7.74 28.00
C ILE A 452 0.54 -6.38 28.22
N VAL A 453 1.00 -5.65 29.24
CA VAL A 453 0.47 -4.32 29.62
C VAL A 453 -0.96 -4.35 30.12
N GLY A 454 -1.86 -4.77 29.24
CA GLY A 454 -3.26 -4.87 29.60
C GLY A 454 -4.17 -4.56 28.44
N ASN A 455 -5.45 -4.46 28.75
CA ASN A 455 -6.42 -4.23 27.72
C ASN A 455 -7.65 -3.52 28.24
N ASN A 456 -8.59 -3.32 27.32
CA ASN A 456 -9.88 -2.71 27.60
C ASN A 456 -10.96 -3.78 27.71
N ASN A 457 -10.61 -4.96 28.22
CA ASN A 457 -11.57 -6.05 28.44
C ASN A 457 -11.90 -6.32 29.92
N LEU A 458 -12.84 -5.56 30.48
CA LEU A 458 -13.21 -5.73 31.90
C LEU A 458 -13.74 -7.10 32.28
N GLY A 459 -13.10 -7.72 33.27
CA GLY A 459 -13.50 -9.04 33.71
C GLY A 459 -12.60 -10.12 33.14
N GLY A 460 -11.77 -9.76 32.16
CA GLY A 460 -10.95 -10.72 31.45
C GLY A 460 -10.11 -11.63 32.31
N ALA A 461 -9.45 -11.06 33.31
CA ALA A 461 -8.45 -11.79 34.08
C ALA A 461 -9.12 -12.61 35.16
N SER A 462 -10.30 -12.16 35.59
CA SER A 462 -11.03 -12.82 36.67
C SER A 462 -12.05 -13.88 36.21
N GLY A 463 -12.43 -13.87 34.94
CA GLY A 463 -13.50 -14.75 34.48
C GLY A 463 -13.27 -16.22 34.77
N ARG A 464 -12.01 -16.62 34.61
CA ARG A 464 -11.61 -17.99 34.85
C ARG A 464 -11.73 -18.42 36.31
N PHE A 465 -11.58 -17.48 37.23
CA PHE A 465 -11.49 -17.80 38.65
C PHE A 465 -12.81 -17.54 39.33
N SER A 466 -13.73 -17.00 38.55
CA SER A 466 -15.02 -16.57 39.05
C SER A 466 -15.81 -17.68 39.79
N ALA A 467 -15.87 -18.88 39.22
CA ALA A 467 -16.71 -19.93 39.80
C ALA A 467 -16.07 -20.68 40.94
N LEU A 468 -14.87 -20.27 41.34
CA LEU A 468 -14.11 -21.10 42.27
C LEU A 468 -14.40 -20.80 43.74
N SER A 469 -15.13 -19.72 44.02
CA SER A 469 -15.41 -19.35 45.40
C SER A 469 -16.42 -18.22 45.41
N PRO A 470 -17.25 -18.16 46.44
CA PRO A 470 -18.27 -17.10 46.43
C PRO A 470 -17.62 -15.72 46.48
N GLU A 471 -16.43 -15.65 47.09
CA GLU A 471 -15.75 -14.36 47.21
C GLU A 471 -15.24 -13.92 45.83
N LEU A 472 -14.87 -14.92 45.02
CA LEU A 472 -14.39 -14.67 43.67
C LEU A 472 -15.56 -14.35 42.75
N THR A 473 -16.60 -15.16 42.80
CA THR A 473 -17.83 -14.90 42.05
C THR A 473 -18.37 -13.48 42.31
N SER A 474 -18.27 -13.04 43.56
CA SER A 474 -18.69 -11.70 43.93
C SER A 474 -17.78 -10.66 43.32
N TYR A 475 -16.48 -10.94 43.37
CA TYR A 475 -15.46 -10.01 42.88
C TYR A 475 -15.59 -9.76 41.38
N HIS A 476 -15.65 -10.86 40.64
CA HIS A 476 -15.84 -10.76 39.22
C HIS A 476 -17.09 -9.93 38.88
N ARG A 477 -18.23 -10.34 39.43
CA ARG A 477 -19.56 -9.73 39.14
C ARG A 477 -19.52 -8.22 39.34
N THR A 478 -18.71 -7.78 40.29
CA THR A 478 -18.54 -6.37 40.58
C THR A 478 -17.81 -5.61 39.46
N ILE A 479 -16.70 -6.16 38.95
CA ILE A 479 -15.99 -5.56 37.81
C ILE A 479 -16.88 -5.49 36.56
N VAL A 480 -17.50 -6.62 36.25
CA VAL A 480 -18.42 -6.73 35.14
C VAL A 480 -19.63 -5.78 35.27
N ASP A 481 -19.93 -5.36 36.49
CA ASP A 481 -21.18 -4.62 36.75
C ASP A 481 -21.25 -3.27 36.02
N SER A 482 -20.10 -2.61 35.86
CA SER A 482 -19.99 -1.37 35.08
C SER A 482 -20.60 -1.54 33.69
N VAL A 483 -20.03 -2.47 32.93
CA VAL A 483 -20.42 -2.67 31.55
C VAL A 483 -21.89 -3.00 31.47
N GLU A 484 -22.31 -3.90 32.35
CA GLU A 484 -23.67 -4.44 32.37
C GLU A 484 -24.72 -3.40 32.71
N ARG A 485 -24.39 -2.47 33.58
CA ARG A 485 -25.38 -1.46 33.92
C ARG A 485 -25.53 -0.53 32.73
N GLU A 486 -24.41 -0.17 32.10
CA GLU A 486 -24.45 0.78 30.99
C GLU A 486 -25.15 0.16 29.78
N ASN A 487 -25.04 -1.15 29.67
CA ASN A 487 -25.73 -1.87 28.63
C ASN A 487 -27.22 -1.79 28.87
N GLU A 488 -27.64 -1.78 30.14
CA GLU A 488 -29.05 -1.63 30.46
C GLU A 488 -29.58 -0.26 30.11
N ASN A 489 -28.79 0.78 30.38
CA ASN A 489 -29.21 2.14 30.09
C ASN A 489 -29.44 2.34 28.62
N LYS A 490 -28.52 1.84 27.80
CA LYS A 490 -28.60 2.05 26.37
C LYS A 490 -29.57 1.08 25.75
N GLU A 491 -30.24 0.29 26.60
CA GLU A 491 -31.13 -0.77 26.15
C GLU A 491 -30.40 -1.75 25.21
N ILE A 492 -29.30 -2.29 25.71
CA ILE A 492 -28.47 -3.23 24.97
C ILE A 492 -28.47 -4.61 25.60
N THR A 493 -28.68 -5.63 24.77
CA THR A 493 -28.66 -6.98 25.29
C THR A 493 -27.26 -7.61 25.14
N SER A 494 -26.65 -8.01 26.25
CA SER A 494 -25.31 -8.60 26.22
C SER A 494 -25.28 -10.13 25.93
N CYS A 495 -24.21 -10.60 25.26
CA CYS A 495 -23.97 -12.05 25.07
C CYS A 495 -22.54 -12.43 25.31
N GLU A 496 -22.36 -13.47 26.12
CA GLU A 496 -21.06 -14.10 26.16
C GLU A 496 -21.01 -15.00 24.96
N ILE A 497 -19.90 -14.97 24.23
CA ILE A 497 -19.71 -15.96 23.19
C ILE A 497 -19.08 -17.20 23.84
N VAL A 498 -19.79 -18.31 23.73
CA VAL A 498 -19.38 -19.57 24.33
C VAL A 498 -19.13 -20.62 23.25
N PHE A 499 -17.93 -21.16 23.27
CA PHE A 499 -17.43 -21.83 22.11
C PHE A 499 -16.42 -22.83 22.56
N LEU A 500 -16.32 -23.90 21.78
CA LEU A 500 -15.24 -24.85 21.86
C LEU A 500 -14.15 -24.39 20.89
N PRO A 501 -12.95 -24.05 21.39
CA PRO A 501 -11.91 -23.53 20.50
C PRO A 501 -11.57 -24.44 19.33
N GLU A 502 -11.33 -23.89 18.15
CA GLU A 502 -10.99 -24.68 16.95
C GLU A 502 -9.84 -25.64 17.17
N ASN A 503 -8.82 -25.10 17.83
CA ASN A 503 -7.67 -25.88 18.24
C ASN A 503 -8.02 -26.51 19.58
N ILE A 504 -8.35 -27.81 19.59
CA ILE A 504 -9.04 -28.45 20.72
C ILE A 504 -8.13 -28.54 21.95
N ARG A 505 -6.86 -28.29 21.71
CA ARG A 505 -5.84 -28.24 22.75
C ARG A 505 -5.77 -26.89 23.46
N HIS A 506 -6.62 -25.95 23.05
CA HIS A 506 -6.77 -24.67 23.74
C HIS A 506 -8.01 -24.69 24.62
N ALA A 507 -8.65 -25.85 24.64
CA ALA A 507 -9.89 -26.03 25.35
C ALA A 507 -9.85 -25.45 26.76
N ASN A 508 -8.79 -25.72 27.52
CA ASN A 508 -8.77 -25.27 28.89
C ASN A 508 -8.82 -23.74 29.09
N VAL A 509 -8.58 -22.94 28.05
CA VAL A 509 -8.49 -21.49 28.23
C VAL A 509 -9.82 -20.76 28.09
N MET A 510 -10.73 -21.36 27.32
CA MET A 510 -12.06 -20.81 27.06
C MET A 510 -12.82 -20.45 28.32
N HIS A 511 -12.43 -21.04 29.45
CA HIS A 511 -13.30 -21.08 30.60
C HIS A 511 -13.55 -19.73 31.24
N THR A 512 -14.83 -19.39 31.42
CA THR A 512 -15.23 -18.18 32.13
C THR A 512 -16.65 -18.44 32.59
N SER A 513 -17.10 -17.77 33.64
CA SER A 513 -18.48 -17.96 34.07
C SER A 513 -19.38 -16.82 33.56
N ILE A 514 -20.53 -17.22 33.02
CA ILE A 514 -21.46 -16.35 32.31
C ILE A 514 -22.21 -15.32 33.15
N MET A 515 -21.95 -14.05 32.84
CA MET A 515 -22.56 -12.91 33.52
C MET A 515 -23.48 -12.08 32.61
N ARG A 516 -23.80 -12.55 31.41
CA ARG A 516 -24.49 -11.67 30.48
C ARG A 516 -25.96 -12.10 30.26
N ARG A 517 -26.76 -11.28 29.60
CA ARG A 517 -28.19 -11.59 29.43
C ARG A 517 -28.49 -12.74 28.46
N LYS A 518 -27.71 -12.88 27.40
CA LYS A 518 -27.89 -14.01 26.49
C LYS A 518 -26.53 -14.71 26.22
N VAL A 519 -26.55 -15.76 25.41
CA VAL A 519 -25.34 -16.47 25.06
C VAL A 519 -25.36 -16.78 23.57
N LEU A 520 -24.21 -16.59 22.91
CA LEU A 520 -24.03 -17.01 21.52
C LEU A 520 -23.12 -18.25 21.44
N PRO A 521 -23.74 -19.44 21.34
CA PRO A 521 -22.98 -20.68 21.42
C PRO A 521 -22.41 -21.17 20.10
N PHE A 522 -21.23 -21.80 20.20
CA PHE A 522 -20.59 -22.48 19.07
C PHE A 522 -20.05 -23.82 19.53
N PHE A 523 -20.45 -24.90 18.85
CA PHE A 523 -20.03 -26.27 19.17
C PHE A 523 -20.23 -26.57 20.66
N THR A 524 -21.25 -25.96 21.24
CA THR A 524 -21.65 -26.29 22.59
C THR A 524 -23.07 -25.77 22.79
N SER A 525 -23.56 -25.94 24.00
CA SER A 525 -24.89 -25.51 24.36
C SER A 525 -24.97 -25.28 25.84
N THR A 526 -25.81 -24.32 26.22
CA THR A 526 -26.03 -24.02 27.61
C THR A 526 -27.51 -23.94 27.93
N SER A 527 -27.78 -23.56 29.15
CA SER A 527 -29.14 -23.38 29.61
C SER A 527 -29.60 -21.93 29.56
N HIS A 528 -28.71 -20.98 29.24
CA HIS A 528 -29.13 -19.57 29.14
C HIS A 528 -29.92 -19.30 27.86
N ASN A 529 -30.47 -18.10 27.72
CA ASN A 529 -31.14 -17.76 26.47
C ASN A 529 -30.17 -17.48 25.36
N GLU A 530 -30.34 -18.19 24.25
CA GLU A 530 -29.34 -18.20 23.21
C GLU A 530 -29.71 -17.42 21.94
N VAL A 531 -28.72 -16.71 21.40
CA VAL A 531 -28.86 -16.02 20.13
C VAL A 531 -28.48 -16.96 18.99
N LEU A 532 -29.27 -16.98 17.93
CA LEU A 532 -28.93 -17.68 16.71
C LEU A 532 -27.93 -16.85 15.90
N LEU A 533 -26.91 -17.49 15.33
CA LEU A 533 -25.93 -16.73 14.55
C LEU A 533 -26.55 -16.07 13.34
N THR A 534 -27.41 -16.80 12.63
CA THR A 534 -27.96 -16.28 11.39
C THR A 534 -29.08 -15.28 11.63
N ASN A 535 -29.29 -14.90 12.88
CA ASN A 535 -30.19 -13.78 13.20
C ASN A 535 -29.43 -12.46 13.41
N ILE A 536 -28.10 -12.54 13.49
CA ILE A 536 -27.33 -11.34 13.79
C ILE A 536 -27.07 -10.57 12.53
N TYR A 537 -27.52 -9.32 12.51
CA TYR A 537 -27.40 -8.44 11.37
C TYR A 537 -26.53 -7.24 11.74
N ILE A 538 -25.83 -6.67 10.77
CA ILE A 538 -24.91 -5.57 11.08
C ILE A 538 -25.35 -4.26 10.44
N GLY A 539 -25.38 -3.19 11.23
CA GLY A 539 -25.71 -1.90 10.68
C GLY A 539 -24.74 -0.82 11.08
N ILE A 540 -25.08 0.42 10.78
CA ILE A 540 -24.27 1.60 11.06
C ILE A 540 -25.14 2.67 11.73
N ASP A 541 -24.61 3.32 12.75
CA ASP A 541 -25.31 4.45 13.39
C ASP A 541 -25.38 5.68 12.54
N GLU A 542 -26.25 6.58 12.98
CA GLU A 542 -26.28 7.96 12.53
C GLU A 542 -24.87 8.57 12.67
N LYS A 543 -24.12 8.10 13.67
CA LYS A 543 -22.73 8.52 13.93
C LYS A 543 -21.65 7.59 13.33
N GLU A 544 -22.05 6.82 12.32
CA GLU A 544 -21.12 6.06 11.51
C GLU A 544 -20.41 4.95 12.30
N LYS A 545 -21.09 4.41 13.29
CA LYS A 545 -20.50 3.37 14.14
C LYS A 545 -21.22 2.01 13.97
N PHE A 546 -20.45 0.91 13.88
CA PHE A 546 -21.05 -0.42 13.76
C PHE A 546 -21.92 -0.83 14.97
N TYR A 547 -23.00 -1.55 14.69
CA TYR A 547 -23.78 -2.18 15.74
C TYR A 547 -24.31 -3.53 15.28
N ALA A 548 -24.63 -4.38 16.26
CA ALA A 548 -25.24 -5.67 16.00
C ALA A 548 -26.69 -5.72 16.48
N ARG A 549 -27.52 -6.40 15.70
CA ARG A 549 -28.93 -6.54 16.02
C ARG A 549 -29.41 -7.95 15.78
N ASP A 550 -30.19 -8.46 16.73
CA ASP A 550 -30.92 -9.72 16.58
C ASP A 550 -32.22 -9.42 15.84
N ILE A 551 -32.30 -9.85 14.59
CA ILE A 551 -33.43 -9.54 13.72
C ILE A 551 -34.79 -10.12 14.23
N SER A 552 -34.72 -11.18 15.02
CA SER A 552 -35.93 -11.85 15.44
C SER A 552 -36.60 -11.10 16.58
N THR A 553 -35.83 -10.34 17.33
CA THR A 553 -36.40 -9.65 18.49
C THR A 553 -36.15 -8.15 18.41
N GLN A 554 -35.39 -7.76 17.38
CA GLN A 554 -35.02 -6.36 17.14
C GLN A 554 -34.09 -5.77 18.20
N GLU A 555 -33.59 -6.62 19.10
CA GLU A 555 -32.64 -6.19 20.14
C GLU A 555 -31.33 -5.74 19.53
N VAL A 556 -30.65 -4.82 20.21
CA VAL A 556 -29.29 -4.46 19.83
C VAL A 556 -28.37 -5.24 20.72
N LEU A 557 -27.32 -5.81 20.13
CA LEU A 557 -26.39 -6.65 20.87
C LEU A 557 -24.96 -6.09 20.95
N LYS A 558 -24.34 -6.31 22.11
CA LYS A 558 -22.91 -6.20 22.37
C LYS A 558 -22.41 -7.58 22.88
N PHE A 559 -21.22 -8.01 22.42
CA PHE A 559 -20.70 -9.37 22.68
C PHE A 559 -19.46 -9.43 23.54
N TYR A 560 -19.31 -10.46 24.35
CA TYR A 560 -18.24 -10.50 25.32
C TYR A 560 -17.56 -11.87 25.34
N ILE A 561 -16.23 -11.84 25.49
CA ILE A 561 -15.44 -13.03 25.71
C ILE A 561 -14.66 -12.78 26.98
N THR A 562 -15.24 -13.12 28.12
CA THR A 562 -14.72 -12.58 29.38
C THR A 562 -13.64 -13.49 29.96
N SER A 563 -12.58 -13.65 29.18
CA SER A 563 -11.46 -14.52 29.51
C SER A 563 -10.16 -13.94 28.96
N MET A 564 -9.11 -14.75 28.95
CA MET A 564 -7.84 -14.25 28.44
C MET A 564 -7.51 -14.89 27.11
N TYR A 565 -8.51 -15.56 26.53
CA TYR A 565 -8.38 -16.19 25.22
C TYR A 565 -7.91 -15.15 24.22
N ASN A 566 -6.92 -15.52 23.42
CA ASN A 566 -6.36 -14.59 22.42
C ASN A 566 -7.42 -14.11 21.48
N LYS A 567 -7.73 -12.82 21.54
CA LYS A 567 -8.85 -12.28 20.80
C LYS A 567 -8.64 -12.25 19.28
N THR A 568 -7.53 -12.81 18.79
CA THR A 568 -7.29 -12.90 17.36
C THR A 568 -7.31 -14.32 16.83
N LEU A 569 -7.62 -15.29 17.68
CA LEU A 569 -7.67 -16.65 17.17
C LEU A 569 -9.08 -17.04 16.77
N PHE A 570 -10.00 -16.07 16.73
CA PHE A 570 -11.39 -16.36 16.42
C PHE A 570 -11.67 -16.26 14.97
N SER A 571 -12.63 -17.06 14.51
CA SER A 571 -13.22 -16.85 13.20
C SER A 571 -13.63 -15.38 13.08
N ASN A 572 -13.49 -14.83 11.88
CA ASN A 572 -13.63 -13.39 11.64
C ASN A 572 -14.88 -12.80 12.23
N GLU A 573 -15.98 -13.49 11.96
CA GLU A 573 -17.27 -13.07 12.40
C GLU A 573 -17.29 -12.95 13.91
N LEU A 574 -16.80 -13.97 14.59
CA LEU A 574 -16.73 -13.90 16.05
C LEU A 574 -15.82 -12.78 16.52
N ARG A 575 -14.69 -12.56 15.84
CA ARG A 575 -13.73 -11.55 16.27
C ARG A 575 -14.35 -10.17 16.14
N PHE A 576 -15.13 -10.00 15.07
CA PHE A 576 -15.82 -8.76 14.77
C PHE A 576 -16.84 -8.42 15.84
N LEU A 577 -17.67 -9.40 16.20
CA LEU A 577 -18.71 -9.20 17.20
C LEU A 577 -18.07 -8.78 18.50
N TYR A 578 -16.95 -9.40 18.82
CA TYR A 578 -16.24 -9.00 20.01
C TYR A 578 -15.80 -7.55 19.95
N GLU A 579 -15.10 -7.18 18.87
CA GLU A 579 -14.41 -5.90 18.75
C GLU A 579 -15.31 -4.67 18.56
N ILE A 580 -16.48 -4.83 17.94
CA ILE A 580 -17.38 -3.70 17.81
C ILE A 580 -18.11 -3.41 19.10
N SER A 581 -17.92 -4.26 20.11
CA SER A 581 -18.57 -4.06 21.40
C SER A 581 -17.66 -3.31 22.36
N LEU A 582 -16.49 -2.92 21.86
CA LEU A 582 -15.56 -2.08 22.58
C LEU A 582 -15.20 -0.81 21.80
N ASP A 583 -14.34 -0.01 22.41
CA ASP A 583 -13.69 1.10 21.72
C ASP A 583 -12.63 0.54 20.77
N ASP A 584 -12.49 1.15 19.60
CA ASP A 584 -11.60 0.59 18.61
C ASP A 584 -10.21 1.24 18.82
N LYS A 585 -9.93 1.69 20.04
CA LYS A 585 -8.75 2.52 20.20
C LYS A 585 -7.64 1.96 21.11
N PHE A 586 -7.95 1.20 22.15
CA PHE A 586 -6.85 0.73 23.01
C PHE A 586 -6.20 -0.56 22.54
N GLY A 587 -4.87 -0.58 22.48
CA GLY A 587 -4.15 -1.77 22.05
C GLY A 587 -2.81 -1.46 21.41
N ASN A 588 -2.62 -0.23 20.97
CA ASN A 588 -1.38 0.12 20.27
C ASN A 588 -0.64 1.33 20.84
N LEU A 589 -0.07 1.16 22.02
CA LEU A 589 0.72 2.22 22.63
C LEU A 589 1.74 2.75 21.60
N PRO A 590 1.92 4.07 21.52
CA PRO A 590 2.74 4.57 20.41
C PRO A 590 4.20 4.09 20.50
N TRP A 591 4.75 4.02 21.71
CA TRP A 591 6.16 3.68 21.85
C TRP A 591 6.41 2.23 21.44
N GLU A 592 5.47 1.33 21.75
CA GLU A 592 5.56 -0.05 21.29
C GLU A 592 5.71 -0.12 19.79
N LEU A 593 4.89 0.63 19.09
CA LEU A 593 4.90 0.56 17.65
C LEU A 593 6.15 1.18 17.04
N ILE A 594 6.59 2.29 17.61
CA ILE A 594 7.64 3.08 16.99
C ILE A 594 9.06 2.57 17.29
N TYR A 595 9.27 2.03 18.48
CA TYR A 595 10.59 1.58 18.87
C TYR A 595 10.81 0.14 18.49
N ARG A 596 9.77 -0.50 17.96
CA ARG A 596 9.69 -1.96 17.75
C ARG A 596 10.90 -2.62 17.04
N ASP A 597 11.53 -1.91 16.10
CA ASP A 597 12.64 -2.46 15.33
C ASP A 597 14.03 -2.20 15.89
N PHE A 598 14.15 -1.49 17.00
CA PHE A 598 15.49 -1.16 17.49
C PHE A 598 16.10 -2.31 18.24
N ASP A 599 17.38 -2.56 18.03
CA ASP A 599 18.03 -3.71 18.66
C ASP A 599 18.68 -3.32 19.97
N TYR A 600 18.33 -2.13 20.45
CA TYR A 600 18.41 -1.78 21.86
C TYR A 600 17.34 -0.74 22.17
N ILE A 601 16.47 -0.98 23.13
CA ILE A 601 15.56 0.06 23.56
C ILE A 601 15.79 0.37 25.04
N PRO A 602 15.99 1.66 25.38
CA PRO A 602 16.17 2.07 26.78
C PRO A 602 14.97 1.75 27.62
N ARG A 603 15.15 1.72 28.93
CA ARG A 603 14.02 1.58 29.83
C ARG A 603 13.02 2.71 29.57
N LEU A 604 11.75 2.37 29.49
CA LEU A 604 10.77 3.41 29.37
C LEU A 604 10.15 3.61 30.74
N VAL A 605 10.07 4.86 31.20
CA VAL A 605 9.50 5.14 32.53
C VAL A 605 8.44 6.27 32.53
N PHE A 606 7.62 6.26 33.57
CA PHE A 606 6.57 7.25 33.77
C PHE A 606 6.15 7.29 35.23
N ASP A 607 6.48 8.35 35.95
CA ASP A 607 6.04 8.51 37.36
C ASP A 607 6.42 7.29 38.21
N GLU A 608 7.70 6.98 38.17
CA GLU A 608 8.31 5.89 38.92
C GLU A 608 7.75 4.50 38.59
N ILE A 609 6.78 4.45 37.68
CA ILE A 609 6.36 3.20 37.11
C ILE A 609 7.25 2.89 35.92
N VAL A 610 7.76 1.66 35.87
CA VAL A 610 8.50 1.17 34.71
C VAL A 610 7.51 0.59 33.69
N ILE A 611 7.23 1.39 32.66
CA ILE A 611 6.34 1.03 31.57
C ILE A 611 6.90 -0.15 30.77
N SER A 612 8.20 -0.09 30.53
CA SER A 612 8.92 -1.18 29.86
C SER A 612 10.39 -1.29 30.30
N PRO A 613 10.87 -2.52 30.53
CA PRO A 613 12.30 -2.64 30.83
C PRO A 613 13.11 -2.39 29.58
N ALA A 614 14.39 -2.13 29.76
CA ALA A 614 15.26 -2.05 28.62
C ALA A 614 15.30 -3.41 27.88
N LYS A 615 15.27 -3.37 26.55
CA LYS A 615 15.21 -4.56 25.71
C LYS A 615 16.36 -4.62 24.71
N TRP A 616 16.90 -5.81 24.48
CA TRP A 616 17.96 -6.02 23.47
C TRP A 616 17.58 -7.01 22.38
N LYS A 617 18.09 -6.83 21.16
CA LYS A 617 17.99 -7.86 20.13
C LYS A 617 19.39 -8.39 19.80
N ILE A 618 19.60 -9.68 20.04
CA ILE A 618 20.89 -10.33 19.79
C ILE A 618 20.76 -11.32 18.64
N TRP A 619 21.65 -11.22 17.67
CA TRP A 619 21.53 -12.03 16.46
C TRP A 619 22.46 -13.22 16.33
N GLY A 620 21.92 -14.30 15.77
CA GLY A 620 22.72 -15.43 15.37
C GLY A 620 23.91 -14.97 14.55
N ARG A 621 23.62 -14.32 13.41
CA ARG A 621 24.66 -13.89 12.47
C ARG A 621 25.90 -13.23 13.10
N ASP A 622 25.87 -12.85 14.37
CA ASP A 622 27.01 -12.10 14.88
C ASP A 622 27.96 -12.99 15.68
N VAL A 623 27.58 -14.22 15.96
CA VAL A 623 28.56 -15.15 16.51
C VAL A 623 29.25 -15.79 15.30
N ASN A 624 30.48 -15.31 15.03
CA ASN A 624 31.34 -15.90 14.03
C ASN A 624 32.64 -16.44 14.64
N SER A 625 33.76 -15.88 14.17
CA SER A 625 35.09 -16.23 14.61
C SER A 625 35.35 -15.64 15.98
N LYS A 626 36.50 -14.96 16.12
CA LYS A 626 36.82 -14.19 17.32
C LYS A 626 35.68 -13.37 17.91
N MET A 627 34.59 -14.04 18.28
CA MET A 627 33.45 -13.34 18.87
C MET A 627 32.55 -14.36 19.54
N THR A 628 32.84 -14.61 20.81
CA THR A 628 32.14 -15.63 21.58
C THR A 628 30.82 -15.05 22.07
N ILE A 629 29.84 -15.92 22.31
CA ILE A 629 28.56 -15.45 22.80
C ILE A 629 28.71 -14.63 24.10
N ARG A 630 29.61 -15.03 24.99
CA ARG A 630 29.78 -14.27 26.23
C ARG A 630 30.42 -12.91 25.92
N GLU A 631 31.39 -12.89 25.01
CA GLU A 631 32.01 -11.62 24.60
C GLU A 631 30.95 -10.68 23.99
N LEU A 632 29.97 -11.29 23.32
CA LEU A 632 28.92 -10.53 22.62
C LEU A 632 27.96 -9.79 23.56
N ILE A 633 27.43 -10.50 24.55
CA ILE A 633 26.52 -9.88 25.49
C ILE A 633 27.27 -8.90 26.37
N GLN A 634 28.60 -9.04 26.42
CA GLN A 634 29.40 -8.06 27.15
C GLN A 634 29.57 -6.80 26.32
N SER A 635 29.75 -6.96 25.01
CA SER A 635 29.89 -5.80 24.13
C SER A 635 28.59 -4.97 24.07
N LYS A 636 27.43 -5.63 24.18
CA LYS A 636 26.17 -4.89 24.15
C LYS A 636 25.76 -4.52 25.57
N GLU A 637 26.62 -4.84 26.53
CA GLU A 637 26.46 -4.40 27.90
C GLU A 637 25.21 -4.98 28.52
N ILE A 638 24.96 -6.25 28.21
CA ILE A 638 23.90 -6.98 28.89
C ILE A 638 24.30 -7.08 30.35
N PRO A 639 23.38 -6.74 31.26
CA PRO A 639 23.67 -6.84 32.70
C PRO A 639 24.00 -8.29 33.15
N LYS A 640 24.49 -8.42 34.37
CA LYS A 640 24.78 -9.73 34.97
C LYS A 640 23.60 -10.67 34.90
N GLU A 641 22.43 -10.19 35.32
CA GLU A 641 21.20 -10.98 35.35
C GLU A 641 20.33 -10.44 34.25
N PHE A 642 19.54 -11.29 33.62
CA PHE A 642 18.67 -10.81 32.54
C PHE A 642 17.65 -11.87 32.18
N TYR A 643 16.61 -11.49 31.45
CA TYR A 643 15.69 -12.47 30.92
C TYR A 643 15.94 -12.67 29.44
N ILE A 644 15.72 -13.88 28.98
CA ILE A 644 15.56 -14.11 27.56
C ILE A 644 14.06 -14.31 27.38
N VAL A 645 13.46 -13.62 26.41
CA VAL A 645 12.02 -13.71 26.24
C VAL A 645 11.63 -14.46 25.00
N ASN A 646 11.15 -15.68 25.19
CA ASN A 646 10.73 -16.49 24.07
C ASN A 646 9.40 -15.99 23.55
N GLY A 647 8.38 -16.08 24.39
CA GLY A 647 7.02 -15.67 24.04
C GLY A 647 6.27 -14.99 25.18
N ASP A 648 5.36 -15.74 25.79
CA ASP A 648 4.69 -15.26 27.00
C ASP A 648 5.42 -15.82 28.21
N ASN A 649 6.49 -16.54 27.96
CA ASN A 649 7.39 -16.99 29.02
C ASN A 649 8.75 -16.33 28.91
N LYS A 650 9.29 -15.91 30.04
CA LYS A 650 10.66 -15.46 30.07
C LYS A 650 11.44 -16.39 30.97
N VAL A 651 12.72 -16.59 30.64
CA VAL A 651 13.60 -17.39 31.47
C VAL A 651 14.72 -16.56 32.11
N TYR A 652 14.90 -16.73 33.41
CA TYR A 652 15.96 -16.05 34.18
C TYR A 652 17.34 -16.61 33.80
N LEU A 653 18.34 -15.74 33.60
CA LEU A 653 19.71 -16.22 33.35
C LEU A 653 20.75 -15.35 34.07
N SER A 654 21.83 -15.95 34.56
CA SER A 654 22.92 -15.14 35.10
C SER A 654 24.21 -15.45 34.37
N GLN A 655 24.96 -14.41 34.03
CA GLN A 655 26.26 -14.57 33.39
C GLN A 655 27.27 -15.34 34.24
N LYS A 656 27.11 -15.29 35.57
CA LYS A 656 28.01 -16.00 36.50
C LYS A 656 27.72 -17.51 36.59
N ASN A 657 26.55 -17.92 36.12
CA ASN A 657 26.14 -19.32 36.13
C ASN A 657 26.46 -20.02 34.82
N PRO A 658 27.22 -21.12 34.89
CA PRO A 658 27.69 -21.80 33.68
C PRO A 658 26.54 -22.40 32.88
N LEU A 659 25.58 -22.97 33.57
CA LEU A 659 24.45 -23.54 32.87
C LEU A 659 23.63 -22.46 32.21
N ASP A 660 23.43 -21.32 32.88
CA ASP A 660 22.61 -20.28 32.30
C ASP A 660 23.26 -19.86 31.00
N MET A 661 24.58 -19.79 30.99
CA MET A 661 25.28 -19.50 29.77
C MET A 661 25.17 -20.63 28.76
N GLU A 662 24.90 -21.86 29.22
CA GLU A 662 24.66 -22.94 28.25
C GLU A 662 23.32 -22.80 27.55
N ILE A 663 22.25 -22.66 28.33
CA ILE A 663 20.93 -22.33 27.81
C ILE A 663 21.00 -21.28 26.71
N LEU A 664 21.67 -20.17 27.01
CA LEU A 664 21.81 -19.05 26.06
C LEU A 664 22.47 -19.46 24.74
N GLU A 665 23.61 -20.14 24.83
CA GLU A 665 24.34 -20.54 23.63
C GLU A 665 23.48 -21.46 22.77
N SER A 666 22.64 -22.26 23.43
CA SER A 666 21.72 -23.13 22.71
C SER A 666 20.63 -22.30 22.05
N ALA A 667 20.20 -21.25 22.74
CA ALA A 667 19.13 -20.39 22.26
C ALA A 667 19.55 -19.64 21.00
N ILE A 668 20.82 -19.28 20.94
CA ILE A 668 21.29 -18.44 19.86
C ILE A 668 21.58 -19.22 18.61
N LYS A 669 21.93 -20.50 18.73
CA LYS A 669 22.30 -21.23 17.53
C LYS A 669 21.05 -21.88 16.93
N LYS A 670 19.98 -21.96 17.70
CA LYS A 670 18.70 -22.37 17.16
C LYS A 670 18.11 -21.19 16.37
N SER A 671 18.41 -19.97 16.81
CA SER A 671 18.02 -18.77 16.07
C SER A 671 18.93 -18.53 14.86
N SER A 672 20.20 -18.93 14.95
CA SER A 672 21.14 -18.77 13.84
C SER A 672 20.67 -19.44 12.55
N LYS A 673 20.45 -20.75 12.62
CA LYS A 673 19.97 -21.50 11.46
C LYS A 673 18.68 -20.96 10.83
N ARG A 674 17.87 -20.23 11.58
CA ARG A 674 16.64 -19.66 11.03
C ARG A 674 16.81 -18.18 10.70
N LYS A 675 18.03 -17.69 10.96
CA LYS A 675 18.46 -16.32 10.68
C LYS A 675 17.59 -15.24 11.31
N ASP A 676 17.18 -15.43 12.55
CA ASP A 676 16.34 -14.44 13.23
C ASP A 676 17.03 -14.12 14.56
N PHE A 677 16.33 -13.43 15.47
CA PHE A 677 16.96 -12.97 16.71
C PHE A 677 16.39 -13.53 18.01
N ILE A 678 17.04 -13.17 19.10
CA ILE A 678 16.61 -13.57 20.43
C ILE A 678 16.44 -12.29 21.27
N GLU A 679 15.47 -12.25 22.16
CA GLU A 679 15.22 -11.01 22.90
C GLU A 679 15.64 -11.10 24.35
N LEU A 680 16.43 -10.14 24.80
CA LEU A 680 16.80 -10.10 26.20
C LEU A 680 16.13 -8.91 26.85
N GLN A 681 15.82 -8.99 28.14
CA GLN A 681 15.40 -7.81 28.92
C GLN A 681 16.21 -7.70 30.20
N GLU A 682 16.25 -6.51 30.79
CA GLU A 682 16.96 -6.32 32.05
C GLU A 682 16.19 -7.01 33.18
N TYR A 683 16.89 -7.28 34.28
CA TYR A 683 16.30 -7.99 35.41
C TYR A 683 16.02 -7.03 36.57
N PHE A 684 14.91 -7.23 37.28
CA PHE A 684 14.65 -6.50 38.52
C PHE A 684 14.56 -7.46 39.67
N GLU A 685 15.19 -7.12 40.80
CA GLU A 685 15.09 -7.95 41.98
C GLU A 685 13.64 -7.93 42.43
N ASP A 686 13.02 -9.12 42.48
CA ASP A 686 11.57 -9.25 42.65
C ASP A 686 11.15 -10.36 43.61
N GLU A 687 12.03 -10.74 44.54
CA GLU A 687 11.77 -11.96 45.33
C GLU A 687 11.32 -11.72 46.78
N ASN A 688 11.52 -10.53 47.31
CA ASN A 688 11.27 -10.33 48.74
C ASN A 688 10.38 -9.15 49.05
N ILE A 689 9.19 -9.13 48.45
CA ILE A 689 8.24 -8.07 48.73
C ILE A 689 7.02 -8.71 49.35
N ILE A 690 6.36 -9.55 48.58
CA ILE A 690 5.29 -10.34 49.12
C ILE A 690 5.95 -11.50 49.86
N ASN A 691 5.55 -11.73 51.11
CA ASN A 691 6.11 -12.84 51.88
C ASN A 691 5.02 -13.75 52.47
N LYS A 692 5.40 -14.98 52.82
CA LYS A 692 4.50 -15.86 53.57
C LYS A 692 5.16 -16.32 54.88
N GLY A 693 5.82 -17.48 54.87
CA GLY A 693 6.48 -17.93 56.08
C GLY A 693 7.75 -17.16 56.44
N GLU A 694 7.65 -15.84 56.51
CA GLU A 694 8.80 -14.92 56.59
C GLU A 694 9.77 -15.16 55.44
N LYS A 695 9.26 -15.72 54.35
CA LYS A 695 10.01 -15.94 53.12
C LYS A 695 9.28 -15.28 51.94
N GLY A 696 10.04 -14.73 51.00
CA GLY A 696 9.43 -14.01 49.88
C GLY A 696 8.66 -14.86 48.87
N ARG A 697 7.78 -14.23 48.12
CA ARG A 697 7.10 -14.85 46.99
C ARG A 697 7.15 -13.93 45.78
N VAL A 698 7.36 -14.48 44.59
CA VAL A 698 7.30 -13.67 43.36
C VAL A 698 5.84 -13.37 43.06
N ALA A 699 5.55 -12.08 42.86
CA ALA A 699 4.16 -11.63 42.74
C ALA A 699 3.99 -10.65 41.62
N ASP A 700 2.81 -10.70 41.01
CA ASP A 700 2.32 -9.65 40.11
C ASP A 700 0.87 -9.38 40.46
N VAL A 701 0.37 -8.23 40.08
CA VAL A 701 -1.03 -7.96 40.31
C VAL A 701 -1.67 -7.56 38.99
N VAL A 702 -2.99 -7.70 38.90
CA VAL A 702 -3.70 -7.19 37.77
C VAL A 702 -4.88 -6.35 38.26
N VAL A 703 -4.75 -5.05 38.01
CA VAL A 703 -5.68 -4.02 38.48
C VAL A 703 -6.67 -3.54 37.40
N PRO A 704 -7.97 -3.70 37.65
CA PRO A 704 -9.00 -3.15 36.77
C PRO A 704 -9.35 -1.70 37.14
N PHE A 705 -9.61 -0.85 36.14
CA PHE A 705 -9.97 0.56 36.36
C PHE A 705 -11.31 0.97 35.73
N ILE A 706 -12.09 1.81 36.42
CA ILE A 706 -13.35 2.32 35.89
C ILE A 706 -13.41 3.83 36.05
N ARG A 716 -31.14 9.01 18.60
CA ARG A 716 -31.21 7.59 18.92
C ARG A 716 -32.36 6.93 18.15
N ALA A 717 -32.32 7.01 16.83
CA ALA A 717 -33.36 6.41 16.00
C ALA A 717 -32.88 5.22 15.15
N PHE A 718 -33.05 4.00 15.69
CA PHE A 718 -32.55 2.75 15.07
C PHE A 718 -33.45 2.13 14.01
N ILE A 719 -33.86 2.94 13.04
CA ILE A 719 -34.58 2.48 11.84
C ILE A 719 -33.90 1.27 11.11
N ARG A 720 -33.42 1.49 9.89
CA ARG A 720 -32.59 0.54 9.13
C ARG A 720 -33.33 -0.72 8.69
N GLU A 721 -33.43 -0.86 7.36
CA GLU A 721 -34.09 -1.98 6.76
C GLU A 721 -33.19 -3.22 6.66
N LYS A 722 -33.78 -4.39 6.92
CA LYS A 722 -33.12 -5.66 6.61
C LYS A 722 -32.74 -5.57 5.14
N ARG A 723 -31.58 -6.08 4.78
CA ARG A 723 -31.09 -5.96 3.41
C ARG A 723 -31.98 -6.71 2.43
N VAL A 724 -32.41 -6.06 1.36
CA VAL A 724 -33.16 -6.75 0.32
C VAL A 724 -32.29 -7.72 -0.48
N SER A 725 -32.83 -8.91 -0.72
CA SER A 725 -32.10 -10.04 -1.27
C SER A 725 -31.56 -9.78 -2.65
N VAL A 726 -30.52 -10.52 -2.98
CA VAL A 726 -29.92 -10.48 -4.30
C VAL A 726 -30.96 -10.66 -5.41
N GLU A 727 -31.83 -11.65 -5.26
CA GLU A 727 -32.81 -11.94 -6.30
C GLU A 727 -33.76 -10.77 -6.47
N ARG A 728 -34.04 -10.06 -5.38
CA ARG A 728 -35.03 -9.01 -5.46
C ARG A 728 -34.43 -7.66 -5.92
N ARG A 729 -33.13 -7.47 -5.71
CA ARG A 729 -32.50 -6.19 -5.98
C ARG A 729 -31.69 -6.18 -7.28
N GLU A 730 -31.12 -7.30 -7.69
CA GLU A 730 -30.23 -7.29 -8.86
C GLU A 730 -31.03 -7.46 -10.17
N LYS A 731 -30.93 -6.48 -11.05
CA LYS A 731 -31.62 -6.55 -12.34
C LYS A 731 -30.64 -6.97 -13.44
N LEU A 732 -30.75 -8.22 -13.89
CA LEU A 732 -29.84 -8.82 -14.86
C LEU A 732 -29.94 -8.16 -16.26
N PRO A 733 -28.84 -8.20 -17.06
CA PRO A 733 -28.78 -7.56 -18.37
C PRO A 733 -29.85 -8.05 -19.31
N PHE A 734 -30.58 -7.10 -19.87
CA PHE A 734 -31.61 -7.31 -20.88
C PHE A 734 -32.96 -7.85 -20.36
N ASN A 735 -33.18 -7.82 -19.05
CA ASN A 735 -34.53 -8.04 -18.57
C ASN A 735 -35.32 -6.74 -18.50
N GLU A 736 -35.34 -6.07 -17.34
CA GLU A 736 -36.11 -4.84 -17.22
C GLU A 736 -35.22 -3.67 -17.63
N TRP A 737 -33.91 -3.83 -17.39
CA TRP A 737 -32.89 -2.78 -17.58
C TRP A 737 -31.67 -3.21 -18.39
N LEU A 738 -31.03 -2.26 -19.08
CA LEU A 738 -29.72 -2.50 -19.72
C LEU A 738 -28.69 -1.51 -19.18
N TYR A 739 -27.61 -1.99 -18.58
CA TYR A 739 -26.66 -1.12 -17.91
C TYR A 739 -25.25 -1.17 -18.51
N LEU A 740 -24.76 -0.01 -18.95
CA LEU A 740 -23.43 0.05 -19.54
C LEU A 740 -22.52 0.89 -18.68
N LYS A 741 -21.32 0.39 -18.46
CA LYS A 741 -20.24 1.17 -17.86
C LYS A 741 -19.42 1.73 -19.00
N LEU A 742 -19.62 3.01 -19.31
CA LEU A 742 -18.88 3.65 -20.41
C LEU A 742 -17.63 4.33 -19.90
N TYR A 743 -16.46 3.77 -20.21
CA TYR A 743 -15.21 4.30 -19.69
C TYR A 743 -14.68 5.48 -20.52
N ILE A 744 -14.75 6.64 -19.90
CA ILE A 744 -14.51 7.91 -20.53
C ILE A 744 -13.72 8.77 -19.56
N SER A 745 -12.68 9.45 -20.03
CA SER A 745 -11.86 10.24 -19.12
C SER A 745 -12.66 11.44 -18.63
N ILE A 746 -12.36 11.87 -17.41
CA ILE A 746 -13.06 12.99 -16.77
C ILE A 746 -13.07 14.23 -17.67
N ASN A 747 -11.89 14.59 -18.19
CA ASN A 747 -11.75 15.73 -19.11
C ASN A 747 -12.65 15.76 -20.34
N ARG A 748 -13.18 14.62 -20.72
CA ARG A 748 -13.97 14.54 -21.93
C ARG A 748 -15.37 13.99 -21.68
N GLN A 749 -15.76 13.80 -20.42
CA GLN A 749 -17.09 13.24 -20.13
C GLN A 749 -18.14 14.23 -20.53
N ASN A 750 -17.92 15.48 -20.16
CA ASN A 750 -18.83 16.55 -20.49
C ASN A 750 -19.11 16.57 -21.98
N GLU A 751 -18.04 16.46 -22.76
CA GLU A 751 -18.20 16.51 -24.19
C GLU A 751 -19.08 15.37 -24.67
N PHE A 752 -18.92 14.20 -24.06
CA PHE A 752 -19.71 13.04 -24.40
C PHE A 752 -21.18 13.32 -24.11
N LEU A 753 -21.42 13.94 -22.97
CA LEU A 753 -22.77 14.27 -22.57
C LEU A 753 -23.38 15.30 -23.51
N LEU A 754 -22.53 16.08 -24.19
CA LEU A 754 -23.01 17.10 -25.10
C LEU A 754 -23.39 16.61 -26.48
N SER A 755 -22.55 15.75 -27.06
CA SER A 755 -22.59 15.47 -28.49
C SER A 755 -22.83 13.99 -28.79
N TYR A 756 -23.05 13.20 -27.73
CA TYR A 756 -23.29 11.77 -27.92
C TYR A 756 -24.54 11.30 -27.19
N LEU A 757 -24.65 11.65 -25.91
CA LEU A 757 -25.78 11.19 -25.11
C LEU A 757 -27.11 11.58 -25.75
N PRO A 758 -27.25 12.84 -26.22
CA PRO A 758 -28.50 13.22 -26.89
C PRO A 758 -28.98 12.26 -27.97
N ASP A 759 -28.06 11.84 -28.85
CA ASP A 759 -28.38 10.82 -29.87
C ASP A 759 -28.83 9.52 -29.21
N ILE A 760 -28.15 9.10 -28.16
CA ILE A 760 -28.54 7.89 -27.44
C ILE A 760 -29.94 8.04 -26.85
N GLN A 761 -30.16 9.17 -26.19
CA GLN A 761 -31.44 9.46 -25.56
C GLN A 761 -32.55 9.46 -26.58
N LYS A 762 -32.28 9.99 -27.77
CA LYS A 762 -33.23 9.99 -28.88
C LYS A 762 -33.52 8.55 -29.33
N ILE A 763 -32.48 7.72 -29.47
CA ILE A 763 -32.72 6.31 -29.80
C ILE A 763 -33.71 5.69 -28.80
N VAL A 764 -33.42 5.73 -27.50
CA VAL A 764 -34.28 5.02 -26.53
C VAL A 764 -35.64 5.71 -26.39
N ALA A 765 -35.66 7.01 -26.66
CA ALA A 765 -36.91 7.76 -26.71
C ALA A 765 -37.88 7.10 -27.67
N ASN A 766 -37.47 7.02 -28.94
CA ASN A 766 -38.23 6.36 -29.98
C ASN A 766 -38.76 4.98 -29.63
N LEU A 767 -38.02 4.22 -28.82
CA LEU A 767 -38.50 2.91 -28.41
C LEU A 767 -39.36 3.01 -27.17
N GLY A 768 -39.73 4.25 -26.83
CA GLY A 768 -40.65 4.56 -25.74
C GLY A 768 -40.18 4.16 -24.36
N GLY A 769 -38.87 4.20 -24.14
CA GLY A 769 -38.31 3.91 -22.85
C GLY A 769 -37.65 5.14 -22.27
N ASN A 770 -36.93 4.93 -21.17
CA ASN A 770 -36.18 5.99 -20.51
C ASN A 770 -34.78 5.56 -20.06
N LEU A 771 -33.90 6.54 -19.85
CA LEU A 771 -32.56 6.27 -19.37
C LEU A 771 -32.13 7.29 -18.35
N PHE A 772 -31.28 6.87 -17.40
CA PHE A 772 -30.62 7.85 -16.55
C PHE A 772 -29.13 7.57 -16.47
N PHE A 773 -28.32 8.61 -16.25
CA PHE A 773 -26.89 8.35 -16.09
C PHE A 773 -26.30 8.83 -14.75
N LEU A 774 -25.02 8.53 -14.57
CA LEU A 774 -24.29 8.80 -13.33
C LEU A 774 -22.79 8.85 -13.62
N ARG A 775 -22.04 9.66 -12.89
CA ARG A 775 -20.60 9.70 -13.11
C ARG A 775 -19.92 9.02 -11.97
N TYR A 776 -18.95 8.18 -12.28
CA TYR A 776 -18.16 7.53 -11.27
C TYR A 776 -16.71 7.72 -11.63
N THR A 777 -15.85 7.54 -10.62
CA THR A 777 -14.44 7.85 -10.80
C THR A 777 -13.59 6.64 -10.48
N ASP A 778 -13.84 5.98 -9.36
CA ASP A 778 -13.06 4.80 -9.02
C ASP A 778 -13.52 3.62 -9.88
N PRO A 779 -12.87 2.46 -9.74
CA PRO A 779 -12.10 1.84 -10.82
C PRO A 779 -11.42 2.95 -11.65
N LYS A 780 -11.88 3.18 -12.87
CA LYS A 780 -11.39 4.28 -13.66
C LYS A 780 -12.59 5.16 -13.97
N PRO A 781 -12.36 6.42 -14.38
CA PRO A 781 -13.52 7.24 -14.71
C PRO A 781 -14.39 6.60 -15.78
N HIS A 782 -15.70 6.71 -15.56
CA HIS A 782 -16.69 6.14 -16.46
C HIS A 782 -18.05 6.77 -16.18
N ILE A 783 -18.93 6.69 -17.18
CA ILE A 783 -20.31 7.10 -17.02
C ILE A 783 -21.17 5.83 -17.00
N ARG A 784 -22.02 5.69 -15.98
CA ARG A 784 -22.93 4.56 -15.86
C ARG A 784 -24.24 4.87 -16.52
N LEU A 785 -24.50 4.20 -17.62
CA LEU A 785 -25.73 4.39 -18.36
C LEU A 785 -26.80 3.34 -17.98
N ARG A 786 -27.98 3.80 -17.60
CA ARG A 786 -29.03 2.82 -17.30
C ARG A 786 -30.31 3.07 -18.07
N ILE A 787 -30.67 2.10 -18.92
CA ILE A 787 -31.78 2.21 -19.84
C ILE A 787 -32.95 1.26 -19.49
N LYS A 788 -34.17 1.81 -19.48
CA LYS A 788 -35.37 1.01 -19.27
C LYS A 788 -36.25 1.13 -20.52
N CYS A 789 -36.60 -0.01 -21.09
CA CYS A 789 -37.18 -0.07 -22.42
C CYS A 789 -37.71 -1.48 -22.76
N SER A 790 -38.73 -1.54 -23.63
CA SER A 790 -39.32 -2.80 -24.10
C SER A 790 -38.29 -3.72 -24.77
N ASP A 791 -37.80 -3.28 -25.93
CA ASP A 791 -36.87 -4.09 -26.68
C ASP A 791 -35.43 -3.65 -26.42
N LEU A 792 -34.85 -4.17 -25.34
CA LEU A 792 -33.52 -3.76 -24.95
C LEU A 792 -32.45 -4.17 -25.97
N PHE A 793 -32.56 -5.38 -26.52
CA PHE A 793 -31.52 -5.81 -27.43
C PHE A 793 -31.57 -5.00 -28.74
N LEU A 794 -32.76 -4.55 -29.15
CA LEU A 794 -32.83 -3.62 -30.28
C LEU A 794 -32.23 -2.27 -29.96
N ALA A 795 -32.44 -1.81 -28.72
CA ALA A 795 -31.88 -0.53 -28.31
C ALA A 795 -30.34 -0.63 -28.29
N TYR A 796 -29.80 -1.74 -27.80
CA TYR A 796 -28.35 -1.93 -27.78
C TYR A 796 -27.72 -1.83 -29.16
N GLY A 797 -28.18 -2.64 -30.10
CA GLY A 797 -27.69 -2.56 -31.47
C GLY A 797 -27.74 -1.15 -32.03
N SER A 798 -28.77 -0.39 -31.68
CA SER A 798 -28.97 0.95 -32.24
C SER A 798 -28.00 1.97 -31.66
N ILE A 799 -27.83 1.88 -30.35
CA ILE A 799 -26.90 2.66 -29.58
C ILE A 799 -25.49 2.39 -30.03
N LEU A 800 -25.23 1.12 -30.32
CA LEU A 800 -23.88 0.59 -30.55
C LEU A 800 -23.10 1.38 -31.60
N GLU A 801 -23.79 1.88 -32.62
CA GLU A 801 -23.15 2.69 -33.65
C GLU A 801 -22.59 4.02 -33.10
N ILE A 802 -23.38 4.68 -32.26
CA ILE A 802 -22.93 5.90 -31.59
C ILE A 802 -21.67 5.64 -30.77
N LEU A 803 -21.71 4.56 -30.00
CA LEU A 803 -20.59 4.16 -29.16
C LEU A 803 -19.32 3.88 -29.98
N LYS A 804 -19.46 3.17 -31.10
CA LYS A 804 -18.32 2.92 -31.97
C LYS A 804 -17.76 4.24 -32.46
N ARG A 805 -18.62 5.22 -32.72
CA ARG A 805 -18.15 6.54 -33.14
C ARG A 805 -17.40 7.21 -32.01
N SER A 806 -17.77 6.97 -30.76
CA SER A 806 -17.04 7.62 -29.69
C SER A 806 -15.69 6.92 -29.42
N ARG A 807 -15.59 5.60 -29.69
CA ARG A 807 -14.30 4.89 -29.65
C ARG A 807 -13.35 5.49 -30.67
N LYS A 808 -13.83 5.56 -31.91
CA LYS A 808 -13.05 6.11 -33.01
C LYS A 808 -12.41 7.44 -32.64
N ASN A 809 -13.21 8.31 -32.04
CA ASN A 809 -12.71 9.61 -31.69
C ASN A 809 -11.87 9.59 -30.40
N ARG A 810 -11.65 8.39 -29.87
CA ARG A 810 -10.89 8.20 -28.64
C ARG A 810 -11.46 9.01 -27.45
N ILE A 811 -12.78 9.04 -27.35
CA ILE A 811 -13.46 9.57 -26.16
C ILE A 811 -13.78 8.43 -25.18
N MET A 812 -14.18 7.30 -25.72
CA MET A 812 -14.49 6.16 -24.88
C MET A 812 -13.59 4.99 -25.23
N SER A 813 -13.06 4.31 -24.23
CA SER A 813 -12.17 3.21 -24.46
C SER A 813 -12.97 1.91 -24.55
N THR A 814 -13.41 1.42 -23.41
CA THR A 814 -14.25 0.23 -23.42
C THR A 814 -15.60 0.51 -22.78
N PHE A 815 -16.46 -0.51 -22.80
CA PHE A 815 -17.65 -0.52 -21.94
C PHE A 815 -17.92 -1.93 -21.44
N ASP A 816 -18.65 -2.02 -20.35
CA ASP A 816 -19.10 -3.31 -19.86
C ASP A 816 -20.61 -3.28 -19.85
N ILE A 817 -21.22 -4.46 -19.85
CA ILE A 817 -22.64 -4.55 -19.64
C ILE A 817 -22.80 -5.24 -18.31
N SER A 818 -23.36 -4.53 -17.34
CA SER A 818 -23.32 -5.04 -15.98
C SER A 818 -24.70 -5.14 -15.35
N ILE A 819 -24.74 -5.90 -14.26
CA ILE A 819 -25.91 -6.03 -13.42
C ILE A 819 -26.13 -4.74 -12.63
N TYR A 820 -27.37 -4.24 -12.68
CA TYR A 820 -27.81 -3.03 -12.00
C TYR A 820 -28.29 -3.39 -10.62
N ASP A 821 -27.50 -3.06 -9.61
CA ASP A 821 -27.88 -3.34 -8.22
C ASP A 821 -28.69 -2.17 -7.68
N GLN A 822 -30.02 -2.31 -7.66
CA GLN A 822 -30.89 -1.22 -7.26
C GLN A 822 -30.71 -0.89 -5.83
N GLU A 823 -30.73 0.40 -5.54
CA GLU A 823 -30.60 0.86 -4.17
C GLU A 823 -31.92 1.01 -3.45
N VAL A 824 -32.63 -0.10 -3.26
CA VAL A 824 -33.97 -0.07 -2.65
C VAL A 824 -34.03 0.65 -1.33
N GLU A 825 -33.32 0.12 -0.32
CA GLU A 825 -33.33 0.72 1.00
C GLU A 825 -33.14 2.25 1.01
N ARG A 826 -32.16 2.72 0.26
CA ARG A 826 -31.83 4.13 0.28
C ARG A 826 -33.01 4.99 -0.19
N TYR A 827 -33.71 4.53 -1.21
CA TYR A 827 -34.82 5.30 -1.73
C TYR A 827 -36.21 4.73 -1.36
N GLY A 828 -36.37 4.23 -0.13
CA GLY A 828 -37.66 3.79 0.40
C GLY A 828 -37.92 2.35 0.02
N GLY A 829 -39.16 1.97 -0.23
CA GLY A 829 -39.35 0.65 -0.81
C GLY A 829 -39.04 0.59 -2.30
N PHE A 830 -39.42 -0.49 -2.96
CA PHE A 830 -39.32 -0.53 -4.42
C PHE A 830 -40.26 0.48 -5.07
N ASP A 831 -41.32 0.87 -4.36
CA ASP A 831 -42.30 1.81 -4.92
C ASP A 831 -41.66 3.19 -5.13
N THR A 832 -41.16 3.73 -4.04
CA THR A 832 -40.47 4.99 -4.08
C THR A 832 -39.21 4.92 -4.94
N LEU A 833 -38.55 3.76 -4.97
CA LEU A 833 -37.41 3.60 -5.87
C LEU A 833 -37.82 3.91 -7.31
N GLU A 834 -38.84 3.21 -7.81
CA GLU A 834 -39.35 3.40 -9.18
C GLU A 834 -39.56 4.87 -9.49
N LEU A 835 -40.17 5.59 -8.55
CA LEU A 835 -40.46 7.00 -8.72
C LEU A 835 -39.22 7.86 -8.67
N SER A 836 -38.24 7.45 -7.86
CA SER A 836 -36.94 8.13 -7.90
C SER A 836 -36.31 7.93 -9.26
N GLU A 837 -36.31 6.70 -9.72
CA GLU A 837 -35.75 6.38 -11.02
C GLU A 837 -36.39 7.28 -12.08
N ALA A 838 -37.68 7.54 -11.96
CA ALA A 838 -38.37 8.47 -12.87
C ALA A 838 -37.76 9.87 -12.84
N ILE A 839 -37.35 10.30 -11.64
CA ILE A 839 -36.67 11.56 -11.46
C ILE A 839 -35.25 11.50 -12.00
N PHE A 840 -34.58 10.37 -11.80
CA PHE A 840 -33.21 10.22 -12.29
C PHE A 840 -33.24 10.44 -13.79
N CYS A 841 -34.23 9.86 -14.44
CA CYS A 841 -34.35 9.95 -15.89
C CYS A 841 -34.72 11.33 -16.38
N ALA A 842 -35.66 11.99 -15.71
CA ALA A 842 -36.09 13.30 -16.18
C ALA A 842 -34.95 14.28 -16.03
N ASP A 843 -34.17 14.09 -14.98
CA ASP A 843 -33.03 14.94 -14.67
C ASP A 843 -31.92 14.75 -15.69
N SER A 844 -31.61 13.49 -15.99
CA SER A 844 -30.69 13.15 -17.07
C SER A 844 -31.07 13.81 -18.40
N LYS A 845 -32.37 13.91 -18.66
CA LYS A 845 -32.86 14.43 -19.95
C LYS A 845 -32.39 15.89 -20.15
N ILE A 846 -32.27 16.65 -19.06
CA ILE A 846 -32.00 18.08 -19.17
C ILE A 846 -30.54 18.47 -19.10
N ILE A 847 -29.65 17.53 -18.79
CA ILE A 847 -28.25 17.90 -18.58
C ILE A 847 -27.54 18.33 -19.86
N PRO A 848 -27.77 17.65 -20.99
CA PRO A 848 -27.21 18.22 -22.21
C PRO A 848 -27.56 19.70 -22.46
N ASN A 849 -28.77 20.17 -22.15
CA ASN A 849 -29.04 21.60 -22.35
C ASN A 849 -28.27 22.47 -21.39
N LEU A 850 -28.29 22.12 -20.10
CA LEU A 850 -27.55 22.92 -19.13
C LEU A 850 -26.08 23.02 -19.51
N LEU A 851 -25.51 21.91 -19.97
CA LEU A 851 -24.10 21.89 -20.36
C LEU A 851 -23.87 22.78 -21.59
N THR A 852 -24.74 22.70 -22.60
CA THR A 852 -24.67 23.62 -23.75
C THR A 852 -24.79 25.08 -23.30
N LEU A 853 -25.77 25.33 -22.45
CA LEU A 853 -26.06 26.66 -21.96
C LEU A 853 -24.87 27.21 -21.15
N ILE A 854 -24.15 26.35 -20.46
CA ILE A 854 -22.92 26.74 -19.77
C ILE A 854 -21.75 26.90 -20.77
N LYS A 855 -21.74 26.06 -21.80
CA LYS A 855 -20.68 26.05 -22.82
C LYS A 855 -20.80 27.24 -23.74
N ASP A 856 -22.01 27.78 -23.80
CA ASP A 856 -22.30 28.85 -24.71
C ASP A 856 -21.60 30.06 -24.11
N THR A 857 -20.93 30.84 -24.95
CA THR A 857 -20.22 32.00 -24.45
C THR A 857 -21.27 33.08 -24.17
N ASN A 858 -22.18 33.29 -25.12
CA ASN A 858 -23.21 34.35 -25.03
C ASN A 858 -24.03 34.37 -23.73
N ASN A 859 -24.08 33.26 -23.03
CA ASN A 859 -24.77 33.17 -21.74
C ASN A 859 -24.29 34.23 -20.74
N ASP A 860 -23.19 33.92 -20.07
CA ASP A 860 -22.61 34.57 -18.88
C ASP A 860 -23.07 33.73 -17.70
N TRP A 861 -23.78 32.65 -18.00
CA TRP A 861 -24.11 31.70 -16.94
C TRP A 861 -22.99 30.67 -16.98
N LYS A 862 -22.27 30.61 -15.87
CA LYS A 862 -21.23 29.62 -15.64
C LYS A 862 -21.82 28.37 -15.01
N VAL A 863 -20.97 27.40 -14.70
CA VAL A 863 -21.43 26.17 -14.08
C VAL A 863 -22.11 26.47 -12.72
N ASP A 864 -21.45 27.20 -11.83
CA ASP A 864 -21.99 27.36 -10.47
C ASP A 864 -23.28 28.16 -10.41
N ASP A 865 -23.60 28.87 -11.48
CA ASP A 865 -24.85 29.61 -11.50
C ASP A 865 -25.97 28.63 -11.82
N VAL A 866 -25.81 27.90 -12.92
CA VAL A 866 -26.79 26.89 -13.31
C VAL A 866 -27.01 25.92 -12.18
N SER A 867 -25.93 25.55 -11.49
CA SER A 867 -26.07 24.62 -10.38
C SER A 867 -27.12 25.11 -9.36
N ILE A 868 -26.88 26.28 -8.77
CA ILE A 868 -27.72 26.74 -7.67
C ILE A 868 -29.17 26.88 -8.13
N LEU A 869 -29.32 27.27 -9.40
CA LEU A 869 -30.64 27.50 -9.95
C LEU A 869 -31.42 26.22 -10.10
N VAL A 870 -30.72 25.11 -10.34
CA VAL A 870 -31.40 23.86 -10.48
C VAL A 870 -31.58 23.31 -9.09
N ASN A 871 -30.62 23.59 -8.22
CA ASN A 871 -30.79 23.18 -6.84
C ASN A 871 -31.97 23.88 -6.18
N TYR A 872 -32.06 25.20 -6.40
CA TYR A 872 -33.19 26.01 -5.97
C TYR A 872 -34.52 25.47 -6.51
N LEU A 873 -34.63 25.32 -7.84
CA LEU A 873 -35.84 24.77 -8.48
C LEU A 873 -36.29 23.39 -7.97
N TYR A 874 -35.34 22.56 -7.57
CA TYR A 874 -35.67 21.24 -7.01
C TYR A 874 -36.44 21.44 -5.73
N LEU A 875 -35.98 22.37 -4.90
CA LEU A 875 -36.59 22.57 -3.59
C LEU A 875 -37.98 23.22 -3.70
N LYS A 876 -38.11 24.23 -4.56
CA LYS A 876 -39.42 24.83 -4.80
C LYS A 876 -40.41 23.71 -5.15
N CYS A 877 -39.96 22.75 -5.96
CA CYS A 877 -40.80 21.62 -6.32
C CYS A 877 -41.22 20.74 -5.14
N PHE A 878 -40.22 20.28 -4.39
CA PHE A 878 -40.43 19.27 -3.35
C PHE A 878 -41.38 19.77 -2.26
N PHE A 879 -41.20 21.02 -1.87
CA PHE A 879 -42.00 21.59 -0.81
C PHE A 879 -43.10 22.53 -1.38
N GLN A 880 -43.41 22.36 -2.66
CA GLN A 880 -44.47 23.10 -3.36
C GLN A 880 -44.41 24.61 -3.12
N ASN A 881 -43.40 25.26 -3.70
CA ASN A 881 -43.18 26.70 -3.53
C ASN A 881 -43.24 27.32 -2.12
N ASP A 882 -43.27 26.51 -1.07
CA ASP A 882 -43.41 27.06 0.29
C ASP A 882 -42.05 27.33 0.94
N ASN A 883 -41.46 28.45 0.55
CA ASN A 883 -40.19 28.94 1.08
C ASN A 883 -39.88 28.65 2.56
N LYS A 884 -40.91 28.56 3.40
CA LYS A 884 -40.68 28.39 4.82
C LYS A 884 -40.29 26.97 5.21
N LYS A 885 -40.89 25.99 4.52
CA LYS A 885 -40.56 24.57 4.74
C LYS A 885 -39.15 24.29 4.22
N ILE A 886 -38.87 24.89 3.05
CA ILE A 886 -37.62 24.71 2.35
C ILE A 886 -36.48 25.15 3.25
N LEU A 887 -36.72 26.24 3.95
CA LEU A 887 -35.70 26.76 4.83
C LEU A 887 -35.46 25.82 6.00
N ASN A 888 -36.51 25.12 6.43
CA ASN A 888 -36.35 24.24 7.58
C ASN A 888 -35.53 23.05 7.20
N PHE A 889 -35.72 22.61 5.96
CA PHE A 889 -34.97 21.49 5.40
C PHE A 889 -33.50 21.86 5.29
N LEU A 890 -33.25 23.05 4.76
CA LEU A 890 -31.91 23.56 4.59
C LEU A 890 -31.17 23.73 5.91
N ASN A 891 -31.93 23.98 6.96
CA ASN A 891 -31.39 24.24 8.29
C ASN A 891 -31.02 22.99 9.08
N LEU A 892 -30.90 21.87 8.38
CA LEU A 892 -30.34 20.67 8.98
C LEU A 892 -29.06 20.33 8.22
N VAL A 893 -28.76 21.16 7.22
CA VAL A 893 -27.57 21.03 6.37
C VAL A 893 -27.00 22.44 6.09
N GLY A 919 -32.69 31.80 -17.49
CA GLY A 919 -33.17 32.02 -16.13
C GLY A 919 -34.54 31.44 -15.87
N ASP A 920 -35.56 32.03 -16.49
CA ASP A 920 -36.90 31.45 -16.50
C ASP A 920 -36.95 30.37 -17.57
N GLN A 921 -36.01 30.47 -18.50
CA GLN A 921 -35.91 29.56 -19.64
C GLN A 921 -35.86 28.08 -19.23
N ILE A 922 -35.43 27.82 -18.00
CA ILE A 922 -35.33 26.45 -17.50
C ILE A 922 -36.67 25.98 -16.94
N PHE A 923 -37.29 26.81 -16.11
CA PHE A 923 -38.58 26.47 -15.51
C PHE A 923 -39.60 26.22 -16.62
N TYR A 924 -39.49 27.01 -17.69
CA TYR A 924 -40.34 26.83 -18.88
C TYR A 924 -39.88 25.70 -19.83
N ASP A 925 -38.71 25.14 -19.57
CA ASP A 925 -38.15 24.11 -20.45
C ASP A 925 -39.00 22.83 -20.41
N LYS A 926 -39.26 22.28 -21.59
CA LYS A 926 -40.14 21.12 -21.76
C LYS A 926 -39.76 19.92 -20.88
N ASN A 927 -38.47 19.69 -20.64
CA ASN A 927 -38.13 18.55 -19.81
C ASN A 927 -38.06 18.91 -18.33
N PHE A 928 -38.09 20.20 -18.00
CA PHE A 928 -38.11 20.54 -16.59
C PHE A 928 -39.52 20.43 -16.06
N LYS A 929 -40.48 20.64 -16.94
CA LYS A 929 -41.86 20.38 -16.57
C LYS A 929 -42.00 18.86 -16.27
N GLU A 930 -41.34 18.03 -17.07
CA GLU A 930 -41.36 16.59 -16.86
C GLU A 930 -40.73 16.27 -15.51
N LEU A 931 -39.67 16.99 -15.18
CA LEU A 931 -38.97 16.78 -13.94
C LEU A 931 -39.89 17.11 -12.76
N LYS A 932 -40.54 18.26 -12.84
CA LYS A 932 -41.45 18.73 -11.80
C LYS A 932 -42.57 17.71 -11.51
N HIS A 933 -43.13 17.14 -12.56
CA HIS A 933 -44.18 16.15 -12.42
C HIS A 933 -43.65 14.98 -11.61
N ALA A 934 -42.45 14.55 -12.00
CA ALA A 934 -41.82 13.36 -11.44
C ALA A 934 -41.45 13.58 -10.00
N ILE A 935 -41.02 14.80 -9.69
CA ILE A 935 -40.71 15.15 -8.33
C ILE A 935 -41.98 15.11 -7.52
N LYS A 936 -43.08 15.59 -8.11
CA LYS A 936 -44.38 15.58 -7.45
C LYS A 936 -44.91 14.15 -7.21
N ASN A 937 -44.85 13.31 -8.24
CA ASN A 937 -45.38 11.97 -8.13
C ASN A 937 -44.67 11.17 -7.05
N LEU A 938 -43.38 11.42 -6.86
CA LEU A 938 -42.68 10.76 -5.78
C LEU A 938 -43.19 11.30 -4.45
N PHE A 939 -43.27 12.62 -4.35
CA PHE A 939 -43.73 13.27 -3.14
C PHE A 939 -45.11 12.79 -2.71
N LEU A 940 -45.97 12.50 -3.66
CA LEU A 940 -47.29 12.02 -3.32
C LEU A 940 -47.19 10.65 -2.65
N LYS A 941 -46.45 9.74 -3.28
CA LYS A 941 -46.34 8.42 -2.74
C LYS A 941 -45.64 8.41 -1.39
N MET A 942 -44.74 9.36 -1.20
CA MET A 942 -44.05 9.45 0.08
C MET A 942 -45.03 9.85 1.17
N ILE A 943 -45.86 10.86 0.90
CA ILE A 943 -46.84 11.34 1.87
C ILE A 943 -47.89 10.25 2.11
N ALA A 944 -48.24 9.54 1.05
CA ALA A 944 -49.26 8.51 1.12
C ALA A 944 -48.85 7.33 1.99
N GLN A 945 -47.56 7.16 2.22
CA GLN A 945 -47.11 5.98 2.93
C GLN A 945 -46.58 6.33 4.31
N ASP A 946 -47.00 7.50 4.79
CA ASP A 946 -46.58 8.03 6.08
C ASP A 946 -45.09 7.81 6.33
N PHE A 947 -44.25 8.36 5.45
CA PHE A 947 -42.84 8.39 5.72
C PHE A 947 -42.60 9.30 6.87
N GLU A 948 -41.78 8.84 7.82
CA GLU A 948 -41.34 9.71 8.89
C GLU A 948 -40.65 10.90 8.23
N LEU A 949 -40.75 12.08 8.84
CA LEU A 949 -40.22 13.29 8.25
C LEU A 949 -38.74 13.18 7.86
N GLN A 950 -37.96 12.47 8.67
CA GLN A 950 -36.52 12.38 8.47
C GLN A 950 -36.22 11.54 7.25
N LYS A 951 -36.97 10.47 7.02
CA LYS A 951 -36.82 9.65 5.81
C LYS A 951 -36.94 10.49 4.57
N VAL A 952 -37.94 11.38 4.56
CA VAL A 952 -38.23 12.24 3.43
C VAL A 952 -37.09 13.21 3.18
N TYR A 953 -36.61 13.83 4.26
CA TYR A 953 -35.49 14.75 4.15
C TYR A 953 -34.30 14.03 3.48
N SER A 954 -34.00 12.85 4.01
CA SER A 954 -32.93 11.99 3.53
C SER A 954 -33.05 11.64 2.04
N ILE A 955 -34.21 11.17 1.62
CA ILE A 955 -34.43 10.83 0.22
C ILE A 955 -34.20 12.04 -0.70
N ILE A 956 -34.75 13.18 -0.32
CA ILE A 956 -34.60 14.38 -1.11
C ILE A 956 -33.11 14.68 -1.27
N ASP A 957 -32.39 14.63 -0.16
CA ASP A 957 -30.96 14.88 -0.15
C ASP A 957 -30.22 13.98 -1.14
N SER A 958 -30.52 12.68 -1.13
CA SER A 958 -29.91 11.77 -2.08
C SER A 958 -30.15 12.21 -3.52
N ILE A 959 -31.43 12.46 -3.82
CA ILE A 959 -31.89 12.85 -5.15
C ILE A 959 -31.20 14.13 -5.62
N ILE A 960 -31.05 15.06 -4.70
CA ILE A 960 -30.34 16.29 -5.01
C ILE A 960 -28.84 16.00 -5.22
N HIS A 961 -28.30 15.00 -4.51
CA HIS A 961 -26.88 14.67 -4.59
C HIS A 961 -26.61 14.09 -5.96
N VAL A 962 -27.46 13.21 -6.44
CA VAL A 962 -27.20 12.61 -7.73
C VAL A 962 -27.46 13.58 -8.89
N HIS A 963 -28.31 14.59 -8.73
CA HIS A 963 -28.35 15.63 -9.75
C HIS A 963 -26.99 16.33 -9.85
N ASN A 964 -26.43 16.69 -8.71
CA ASN A 964 -25.16 17.36 -8.69
C ASN A 964 -24.08 16.52 -9.36
N ASN A 965 -24.13 15.21 -9.12
CA ASN A 965 -23.24 14.29 -9.78
C ASN A 965 -23.37 14.38 -11.30
N ARG A 966 -24.60 14.38 -11.80
CA ARG A 966 -24.80 14.45 -13.24
C ARG A 966 -24.30 15.78 -13.81
N LEU A 967 -24.70 16.90 -13.22
CA LEU A 967 -24.33 18.21 -13.73
C LEU A 967 -22.81 18.48 -13.67
N ILE A 968 -22.21 18.30 -12.50
CA ILE A 968 -20.79 18.58 -12.28
C ILE A 968 -20.03 17.30 -11.83
N GLY A 969 -18.78 17.40 -11.42
CA GLY A 969 -18.02 16.20 -11.09
C GLY A 969 -18.46 15.47 -9.83
N ILE A 970 -17.60 14.58 -9.31
CA ILE A 970 -17.80 14.04 -7.97
C ILE A 970 -16.62 14.24 -7.01
N GLU A 971 -16.27 15.49 -6.77
CA GLU A 971 -15.39 15.78 -5.64
C GLU A 971 -16.33 16.60 -4.75
N ARG A 972 -16.36 16.35 -3.44
CA ARG A 972 -17.57 16.75 -2.71
C ARG A 972 -17.37 17.79 -1.60
N ASP A 973 -18.42 17.94 -0.80
CA ASP A 973 -18.50 18.81 0.38
C ASP A 973 -18.41 20.31 0.05
N LYS A 974 -17.79 20.66 -1.09
CA LYS A 974 -17.98 21.99 -1.68
C LYS A 974 -19.40 21.99 -2.26
N GLU A 975 -20.01 20.81 -2.21
CA GLU A 975 -21.40 20.60 -2.57
C GLU A 975 -22.35 21.07 -1.48
N LYS A 976 -22.08 20.74 -0.22
CA LYS A 976 -22.96 21.16 0.87
C LYS A 976 -22.79 22.68 1.01
N LEU A 977 -21.78 23.18 0.33
CA LEU A 977 -21.59 24.59 0.20
C LEU A 977 -22.75 25.13 -0.63
N ILE A 978 -23.29 24.30 -1.54
CA ILE A 978 -24.42 24.73 -2.36
C ILE A 978 -25.64 25.00 -1.48
N TYR A 979 -25.77 24.21 -0.41
CA TYR A 979 -26.85 24.39 0.53
C TYR A 979 -26.73 25.75 1.25
N TYR A 980 -25.53 26.07 1.71
CA TYR A 980 -25.30 27.27 2.52
C TYR A 980 -25.74 28.51 1.74
N THR A 981 -25.35 28.58 0.47
CA THR A 981 -25.73 29.69 -0.39
C THR A 981 -27.20 29.68 -0.73
N LEU A 982 -27.80 28.50 -0.79
CA LEU A 982 -29.19 28.38 -1.18
C LEU A 982 -30.10 28.84 -0.04
N GLN A 983 -29.53 28.83 1.17
CA GLN A 983 -30.19 29.38 2.34
C GLN A 983 -30.34 30.87 2.13
N ARG A 984 -29.26 31.48 1.65
CA ARG A 984 -29.27 32.91 1.39
C ARG A 984 -30.39 33.31 0.43
N LEU A 985 -30.60 32.55 -0.63
CA LEU A 985 -31.64 32.91 -1.61
C LEU A 985 -33.06 32.80 -1.06
N PHE A 986 -33.29 31.88 -0.14
CA PHE A 986 -34.62 31.74 0.44
C PHE A 986 -34.81 32.68 1.63
N VAL A 987 -33.74 32.96 2.38
CA VAL A 987 -33.78 33.97 3.41
C VAL A 987 -34.18 35.30 2.76
N SER A 988 -33.54 35.60 1.63
CA SER A 988 -33.74 36.84 0.88
C SER A 988 -35.03 36.89 0.04
N GLU A 989 -35.88 35.89 0.18
CA GLU A 989 -37.24 36.02 -0.36
C GLU A 989 -38.18 36.15 0.83
N GLU A 990 -37.89 37.22 1.58
CA GLU A 990 -38.61 37.64 2.77
C GLU A 990 -38.72 39.16 2.94
N THR A 994 -35.29 -38.36 -3.18
CA THR A 994 -34.80 -39.72 -2.95
C THR A 994 -33.27 -39.74 -2.81
N LYS A 995 -32.62 -38.93 -3.64
CA LYS A 995 -31.17 -38.81 -3.61
C LYS A 995 -30.69 -37.56 -2.85
N ASP A 996 -31.62 -36.92 -2.15
CA ASP A 996 -31.25 -35.82 -1.28
C ASP A 996 -31.08 -36.30 0.19
N PHE A 997 -30.60 -37.53 0.33
CA PHE A 997 -30.05 -38.02 1.60
C PHE A 997 -28.53 -38.01 1.46
N ASN A 998 -28.04 -37.08 0.66
CA ASN A 998 -26.73 -37.20 0.05
C ASN A 998 -25.51 -36.83 0.92
N LEU A 999 -25.55 -35.71 1.62
CA LEU A 999 -24.42 -35.23 2.43
C LEU A 999 -23.20 -35.09 1.54
N ASP A 1000 -23.34 -34.39 0.42
CA ASP A 1000 -22.25 -34.25 -0.53
C ASP A 1000 -21.01 -33.63 0.12
N LEU A 1001 -20.40 -34.32 1.07
CA LEU A 1001 -19.37 -33.72 1.93
C LEU A 1001 -18.10 -33.39 1.18
N VAL A 1002 -17.64 -32.15 1.37
CA VAL A 1002 -16.41 -31.70 0.75
C VAL A 1002 -15.47 -31.13 1.79
N SER A 1003 -14.20 -31.18 1.46
CA SER A 1003 -13.14 -30.69 2.32
C SER A 1003 -12.36 -29.61 1.58
N VAL A 1004 -11.99 -28.53 2.27
CA VAL A 1004 -11.10 -27.55 1.69
C VAL A 1004 -9.80 -27.55 2.49
N SER A 1005 -8.76 -26.86 2.00
CA SER A 1005 -7.44 -26.98 2.64
C SER A 1005 -7.04 -25.83 3.56
N LYS A 1006 -7.99 -24.94 3.84
CA LYS A 1006 -7.76 -23.78 4.72
C LYS A 1006 -6.57 -22.92 4.27
N SER B 5 36.95 -2.63 -11.15
CA SER B 5 36.13 -2.77 -12.36
C SER B 5 35.64 -1.43 -12.84
N PHE B 6 35.57 -0.48 -11.92
CA PHE B 6 35.24 0.89 -12.27
C PHE B 6 36.52 1.63 -12.57
N LYS B 7 36.62 2.25 -13.75
CA LYS B 7 37.86 2.96 -14.09
C LYS B 7 37.65 4.48 -14.06
N ALA B 8 38.36 5.17 -13.16
CA ALA B 8 38.18 6.62 -13.03
C ALA B 8 38.77 7.40 -14.21
N GLN B 9 37.99 8.34 -14.76
CA GLN B 9 38.45 9.20 -15.84
C GLN B 9 39.03 10.50 -15.30
N PRO B 10 39.72 11.28 -16.16
CA PRO B 10 40.01 12.70 -15.85
C PRO B 10 38.75 13.44 -15.45
N PHE B 11 38.90 14.50 -14.65
CA PHE B 11 37.74 15.04 -13.94
C PHE B 11 37.63 16.55 -14.05
N LEU B 12 36.44 17.09 -13.80
CA LEU B 12 36.28 18.52 -13.74
C LEU B 12 36.66 19.00 -12.36
N VAL B 13 37.44 20.07 -12.30
CA VAL B 13 37.73 20.72 -11.03
C VAL B 13 37.03 22.06 -11.03
N ARG B 14 36.28 22.34 -9.98
CA ARG B 14 35.56 23.59 -9.85
C ARG B 14 36.05 24.22 -8.58
N ASN B 15 36.43 25.48 -8.69
CA ASN B 15 36.96 26.21 -7.55
C ASN B 15 36.53 27.65 -7.65
N THR B 16 36.57 28.30 -6.50
CA THR B 16 36.12 29.66 -6.33
C THR B 16 37.17 30.69 -6.84
N ILE B 17 36.69 31.84 -7.33
CA ILE B 17 37.54 32.89 -7.87
C ILE B 17 38.23 33.73 -6.79
N LEU B 18 37.45 34.35 -5.91
CA LEU B 18 38.04 34.98 -4.74
C LEU B 18 38.71 33.93 -3.87
N CYS B 19 39.53 34.36 -2.92
CA CYS B 19 40.07 33.41 -1.98
C CYS B 19 39.55 33.60 -0.57
N PRO B 20 39.07 32.49 0.05
CA PRO B 20 38.56 32.49 1.42
C PRO B 20 39.56 32.98 2.47
N ASN B 21 40.84 33.15 2.12
CA ASN B 21 41.82 33.71 3.07
C ASN B 21 41.62 35.22 3.17
N ASP B 22 40.92 35.80 2.20
CA ASP B 22 40.57 37.21 2.24
C ASP B 22 39.15 37.46 2.77
N LYS B 23 38.48 36.40 3.22
CA LYS B 23 37.17 36.58 3.82
C LYS B 23 37.40 37.38 5.09
N ARG B 24 36.42 38.16 5.50
CA ARG B 24 36.49 38.80 6.80
C ARG B 24 35.18 38.67 7.50
N SER B 25 35.23 38.60 8.83
CA SER B 25 34.02 38.46 9.63
C SER B 25 33.34 39.80 9.79
N PHE B 26 32.02 39.78 9.91
CA PHE B 26 31.27 41.01 10.03
C PHE B 26 30.43 40.91 11.27
N THR B 27 30.13 42.07 11.86
CA THR B 27 29.35 42.11 13.09
C THR B 27 28.11 42.98 12.88
N GLU B 28 28.15 43.85 11.88
CA GLU B 28 27.01 44.67 11.57
C GLU B 28 26.68 44.61 10.08
N TYR B 29 25.39 44.65 9.75
CA TYR B 29 25.00 44.50 8.35
C TYR B 29 25.46 45.72 7.53
N THR B 30 25.31 46.91 8.11
CA THR B 30 25.71 48.16 7.46
C THR B 30 27.20 48.12 7.11
N GLN B 31 27.95 47.48 8.00
CA GLN B 31 29.37 47.24 7.86
C GLN B 31 29.71 46.37 6.66
N VAL B 32 28.84 45.39 6.41
CA VAL B 32 28.99 44.48 5.26
C VAL B 32 28.86 45.26 3.96
N ILE B 33 27.78 46.04 3.85
CA ILE B 33 27.47 46.79 2.65
C ILE B 33 28.64 47.67 2.22
N GLU B 34 29.38 48.21 3.19
CA GLU B 34 30.47 49.09 2.79
C GLU B 34 31.68 48.32 2.28
N THR B 35 32.11 47.29 3.01
CA THR B 35 33.26 46.47 2.57
C THR B 35 32.95 45.89 1.19
N VAL B 36 31.67 45.56 0.99
CA VAL B 36 31.20 44.99 -0.26
C VAL B 36 31.25 46.07 -1.35
N SER B 37 30.81 47.28 -1.01
CA SER B 37 30.78 48.43 -1.95
C SER B 37 32.18 48.92 -2.37
N LYS B 38 33.22 48.38 -1.72
CA LYS B 38 34.60 48.73 -2.04
C LYS B 38 35.30 47.50 -2.60
N ASN B 39 34.54 46.41 -2.76
CA ASN B 39 35.09 45.18 -3.32
C ASN B 39 34.79 45.06 -4.82
N LYS B 40 35.75 45.43 -5.67
CA LYS B 40 35.49 45.52 -7.12
C LYS B 40 35.07 44.19 -7.75
N VAL B 41 35.70 43.10 -7.34
CA VAL B 41 35.36 41.82 -7.95
C VAL B 41 33.95 41.45 -7.55
N PHE B 42 33.60 41.66 -6.29
CA PHE B 42 32.29 41.28 -5.78
C PHE B 42 31.16 42.02 -6.48
N LEU B 43 31.35 43.32 -6.69
CA LEU B 43 30.32 44.16 -7.28
C LEU B 43 30.02 43.76 -8.73
N GLU B 44 31.03 43.29 -9.46
CA GLU B 44 30.78 42.81 -10.83
C GLU B 44 30.12 41.42 -10.79
N GLN B 45 30.55 40.61 -9.83
CA GLN B 45 29.96 39.29 -9.61
C GLN B 45 28.46 39.42 -9.38
N LEU B 46 28.07 40.41 -8.57
CA LEU B 46 26.66 40.63 -8.25
C LEU B 46 25.91 41.21 -9.43
N LEU B 47 26.53 42.13 -10.16
CA LEU B 47 25.84 42.72 -11.30
C LEU B 47 25.51 41.65 -12.33
N LEU B 48 26.40 40.68 -12.50
CA LEU B 48 26.20 39.59 -13.46
C LEU B 48 25.18 38.58 -12.96
N ALA B 49 25.37 38.08 -11.75
CA ALA B 49 24.54 36.99 -11.27
C ALA B 49 23.09 37.40 -11.04
N ASN B 50 22.95 38.51 -10.34
CA ASN B 50 21.66 38.96 -9.85
C ASN B 50 21.45 40.48 -10.01
N PRO B 51 21.15 40.94 -11.24
CA PRO B 51 20.96 42.35 -11.56
C PRO B 51 19.92 43.07 -10.71
N LYS B 52 18.80 42.42 -10.37
CA LYS B 52 17.74 43.12 -9.62
C LYS B 52 18.10 43.31 -8.16
N LEU B 53 18.80 42.34 -7.56
CA LEU B 53 19.26 42.55 -6.19
C LEU B 53 20.35 43.62 -6.21
N TYR B 54 21.15 43.66 -7.29
CA TYR B 54 22.18 44.68 -7.42
C TYR B 54 21.61 46.10 -7.43
N ASP B 55 20.53 46.30 -8.19
CA ASP B 55 19.94 47.64 -8.30
C ASP B 55 19.31 48.10 -6.99
N VAL B 56 18.85 47.13 -6.20
CA VAL B 56 18.26 47.42 -4.91
C VAL B 56 19.32 47.93 -3.94
N MET B 57 20.55 47.43 -4.09
CA MET B 57 21.65 47.90 -3.25
C MET B 57 22.12 49.29 -3.71
N GLN B 58 21.90 49.62 -4.99
CA GLN B 58 22.15 50.96 -5.44
C GLN B 58 21.10 51.90 -4.82
N LYS B 59 19.85 51.45 -4.85
CA LYS B 59 18.73 52.22 -4.29
C LYS B 59 19.00 52.46 -2.80
N TYR B 60 19.76 51.57 -2.17
CA TYR B 60 20.13 51.74 -0.78
C TYR B 60 21.14 52.90 -0.73
N ASN B 61 22.29 52.72 -1.40
CA ASN B 61 23.40 53.69 -1.35
C ASN B 61 23.14 54.97 -2.14
N ALA B 62 21.88 55.37 -2.20
CA ALA B 62 21.45 56.63 -2.81
C ALA B 62 20.28 57.14 -2.03
N GLY B 63 20.30 56.89 -0.73
CA GLY B 63 19.28 57.42 0.14
C GLY B 63 18.04 56.56 0.17
N LEU B 64 17.14 56.70 -0.80
CA LEU B 64 15.81 56.19 -0.55
C LEU B 64 15.53 54.84 -1.18
N LEU B 65 15.98 53.81 -0.47
CA LEU B 65 15.33 52.50 -0.50
C LEU B 65 14.33 52.45 0.67
N LYS B 66 13.05 52.25 0.35
CA LYS B 66 12.01 52.30 1.38
C LYS B 66 12.36 51.35 2.51
N LYS B 67 12.31 51.89 3.73
CA LYS B 67 12.91 51.21 4.87
C LYS B 67 11.98 50.17 5.47
N LYS B 68 11.29 49.42 4.61
CA LYS B 68 10.59 48.23 5.07
C LYS B 68 11.26 47.02 4.43
N ARG B 69 11.77 47.21 3.22
CA ARG B 69 12.49 46.18 2.50
C ARG B 69 14.00 46.32 2.62
N VAL B 70 14.50 46.76 3.77
CA VAL B 70 15.94 46.89 3.93
C VAL B 70 16.57 45.60 4.45
N LYS B 71 15.89 44.93 5.37
CA LYS B 71 16.47 43.73 5.95
C LYS B 71 16.71 42.64 4.89
N LYS B 72 15.76 42.48 3.97
CA LYS B 72 15.87 41.47 2.91
C LYS B 72 17.12 41.75 2.06
N LEU B 73 17.39 43.02 1.79
CA LEU B 73 18.61 43.41 1.08
C LEU B 73 19.85 43.01 1.84
N PHE B 74 19.76 43.13 3.16
CA PHE B 74 20.86 42.77 4.03
C PHE B 74 21.16 41.28 3.97
N GLU B 75 20.15 40.50 4.34
CA GLU B 75 20.23 39.06 4.43
C GLU B 75 20.76 38.49 3.12
N SER B 76 20.26 39.03 2.02
CA SER B 76 20.70 38.59 0.70
C SER B 76 22.17 38.90 0.43
N ILE B 77 22.62 40.12 0.79
CA ILE B 77 23.99 40.50 0.46
C ILE B 77 25.00 39.71 1.31
N TYR B 78 24.66 39.50 2.58
CA TYR B 78 25.48 38.67 3.43
C TYR B 78 25.63 37.26 2.81
N LYS B 79 24.51 36.64 2.44
CA LYS B 79 24.54 35.30 1.89
C LYS B 79 25.32 35.25 0.56
N TYR B 80 25.23 36.33 -0.20
CA TYR B 80 25.98 36.43 -1.44
C TYR B 80 27.47 36.62 -1.19
N TYR B 81 27.80 37.24 -0.07
CA TYR B 81 29.21 37.40 0.32
C TYR B 81 29.79 36.03 0.69
N LYS B 82 29.04 35.30 1.50
CA LYS B 82 29.40 33.95 1.91
C LYS B 82 29.59 33.06 0.71
N ARG B 83 28.64 33.19 -0.22
CA ARG B 83 28.60 32.37 -1.42
C ARG B 83 29.79 32.77 -2.33
N SER B 84 30.22 34.03 -2.28
CA SER B 84 31.32 34.45 -3.15
C SER B 84 32.70 33.95 -2.70
N TYR B 85 32.94 33.83 -1.38
CA TYR B 85 34.22 33.33 -0.90
C TYR B 85 34.18 31.82 -0.66
N LEU B 86 33.10 31.31 -0.06
CA LEU B 86 33.00 29.86 0.14
C LEU B 86 32.21 29.27 -1.02
N ARG B 87 32.00 27.96 -1.03
CA ARG B 87 31.08 27.39 -2.04
C ARG B 87 31.62 27.46 -3.49
N SER B 88 32.19 26.34 -3.94
CA SER B 88 32.88 26.21 -5.21
C SER B 88 32.03 25.97 -6.47
N THR B 89 30.72 25.82 -6.30
CA THR B 89 29.84 25.45 -7.42
C THR B 89 29.88 26.45 -8.58
N PRO B 90 30.12 25.95 -9.81
CA PRO B 90 30.23 26.72 -11.05
C PRO B 90 29.08 27.69 -11.26
N PHE B 91 29.37 28.96 -11.44
CA PHE B 91 28.34 29.96 -11.78
C PHE B 91 28.99 31.35 -12.00
N GLY B 92 28.53 32.02 -13.05
CA GLY B 92 29.11 33.27 -13.53
C GLY B 92 29.93 34.16 -12.62
N LEU B 93 31.24 34.21 -12.89
CA LEU B 93 32.20 35.09 -12.16
C LEU B 93 32.45 34.70 -10.71
N PHE B 94 31.67 33.75 -10.19
CA PHE B 94 31.82 33.33 -8.81
C PHE B 94 32.90 32.29 -8.73
N SER B 95 32.91 31.41 -9.73
CA SER B 95 33.83 30.28 -9.76
C SER B 95 34.06 29.74 -11.17
N GLU B 96 35.08 28.89 -11.29
CA GLU B 96 35.61 28.48 -12.57
C GLU B 96 35.82 26.97 -12.66
N THR B 97 35.77 26.49 -13.90
CA THR B 97 35.76 25.08 -14.18
C THR B 97 37.08 24.71 -14.89
N SER B 98 37.65 23.56 -14.56
CA SER B 98 38.89 23.12 -15.19
C SER B 98 39.04 21.59 -15.18
N ILE B 99 39.91 21.07 -16.05
CA ILE B 99 40.16 19.65 -16.17
C ILE B 99 41.32 19.16 -15.27
N GLY B 100 41.11 18.04 -14.60
CA GLY B 100 42.10 17.45 -13.72
C GLY B 100 42.47 16.12 -14.30
N VAL B 101 43.65 15.60 -13.96
CA VAL B 101 44.04 14.27 -14.42
C VAL B 101 44.68 13.49 -13.29
N PHE B 102 44.86 12.20 -13.50
CA PHE B 102 45.59 11.36 -12.55
C PHE B 102 47.04 11.18 -13.04
N SER B 103 47.99 11.17 -12.11
CA SER B 103 49.37 10.83 -12.45
C SER B 103 50.02 10.05 -11.30
N LYS B 104 51.34 10.14 -11.20
CA LYS B 104 52.04 9.42 -10.15
C LYS B 104 52.31 10.33 -8.96
N SER B 105 51.89 11.59 -9.06
CA SER B 105 52.01 12.53 -7.95
C SER B 105 50.94 13.61 -8.01
N SER B 106 50.49 14.03 -6.83
CA SER B 106 49.46 15.06 -6.71
C SER B 106 49.99 16.46 -7.01
N GLN B 107 49.11 17.33 -7.48
CA GLN B 107 49.46 18.71 -7.79
C GLN B 107 48.26 19.66 -7.65
N TYR B 108 48.31 20.56 -6.67
CA TYR B 108 47.13 21.38 -6.33
C TYR B 108 47.23 22.86 -6.66
N LYS B 109 48.32 23.32 -7.28
CA LYS B 109 48.45 24.74 -7.61
C LYS B 109 47.81 25.03 -8.96
N LEU B 110 47.00 26.09 -9.02
CA LEU B 110 46.37 26.45 -10.28
C LEU B 110 47.25 27.42 -11.08
N MET B 111 47.94 26.90 -12.10
CA MET B 111 48.88 27.71 -12.87
C MET B 111 48.23 28.37 -14.09
N GLY B 112 47.12 27.83 -14.56
CA GLY B 112 46.51 28.29 -15.80
C GLY B 112 45.84 29.64 -15.73
N LYS B 113 45.25 30.06 -16.84
CA LYS B 113 44.58 31.38 -16.95
C LYS B 113 43.06 31.30 -17.23
N THR B 114 42.31 32.27 -16.73
CA THR B 114 40.83 32.26 -16.73
C THR B 114 40.14 32.93 -17.94
N THR B 115 39.18 32.23 -18.54
CA THR B 115 38.41 32.70 -19.71
C THR B 115 36.95 32.92 -19.31
N LYS B 116 36.25 33.81 -20.01
CA LYS B 116 34.80 33.95 -19.85
C LYS B 116 34.09 33.15 -20.95
N GLY B 117 33.17 32.27 -20.54
CA GLY B 117 32.37 31.50 -21.48
C GLY B 117 30.97 32.08 -21.59
N ILE B 118 30.79 32.99 -22.53
CA ILE B 118 29.60 33.83 -22.53
C ILE B 118 28.46 33.39 -23.46
N ARG B 119 27.25 33.49 -22.93
CA ARG B 119 26.01 33.08 -23.56
C ARG B 119 24.96 34.15 -23.30
N LEU B 120 24.02 34.31 -24.23
CA LEU B 120 22.88 35.18 -23.96
C LEU B 120 22.09 34.53 -22.85
N ASP B 121 21.22 35.29 -22.19
CA ASP B 121 20.29 34.64 -21.29
C ASP B 121 19.19 33.98 -22.11
N THR B 122 19.01 32.68 -21.89
CA THR B 122 18.08 31.89 -22.69
C THR B 122 16.63 32.35 -22.51
N GLN B 123 16.28 32.78 -21.30
CA GLN B 123 14.93 33.29 -21.06
C GLN B 123 14.72 34.61 -21.78
N TRP B 124 15.78 35.44 -21.83
CA TRP B 124 15.72 36.68 -22.56
C TRP B 124 15.53 36.40 -24.05
N LEU B 125 16.40 35.54 -24.56
CA LEU B 125 16.47 35.27 -26.00
C LEU B 125 15.15 34.71 -26.51
N ILE B 126 14.54 33.79 -25.76
CA ILE B 126 13.29 33.15 -26.16
C ILE B 126 12.17 34.16 -26.20
N ARG B 127 12.16 35.04 -25.20
CA ARG B 127 11.13 36.05 -25.07
C ARG B 127 11.23 37.02 -26.23
N LEU B 128 12.48 37.38 -26.58
CA LEU B 128 12.74 38.14 -27.79
C LEU B 128 12.15 37.47 -29.04
N VAL B 129 12.50 36.21 -29.30
CA VAL B 129 12.02 35.57 -30.53
C VAL B 129 10.51 35.60 -30.60
N HIS B 130 9.83 35.47 -29.45
CA HIS B 130 8.38 35.42 -29.46
C HIS B 130 7.82 36.81 -29.82
N LYS B 131 8.61 37.84 -29.51
CA LYS B 131 8.23 39.23 -29.82
C LYS B 131 8.29 39.37 -31.33
N MET B 132 9.36 38.83 -31.92
CA MET B 132 9.58 38.90 -33.35
C MET B 132 8.55 38.09 -34.12
N GLU B 133 8.22 36.91 -33.62
CA GLU B 133 7.23 36.09 -34.27
C GLU B 133 5.93 36.86 -34.41
N VAL B 134 5.49 37.49 -33.33
CA VAL B 134 4.23 38.24 -33.36
C VAL B 134 4.29 39.42 -34.33
N ASP B 135 5.51 39.92 -34.58
CA ASP B 135 5.70 41.08 -35.44
C ASP B 135 5.80 40.70 -36.91
N PHE B 136 6.47 39.58 -37.18
CA PHE B 136 6.88 39.26 -38.55
C PHE B 136 6.36 37.94 -39.09
N SER B 137 5.27 37.44 -38.52
CA SER B 137 4.75 36.12 -38.87
C SER B 137 4.65 35.92 -40.37
N LYS B 138 4.08 36.91 -41.03
CA LYS B 138 3.81 36.80 -42.46
C LYS B 138 5.09 36.84 -43.29
N LYS B 139 6.21 37.24 -42.69
CA LYS B 139 7.52 37.18 -43.38
C LYS B 139 8.39 35.96 -43.01
N LEU B 140 7.87 35.05 -42.19
CA LEU B 140 8.66 33.89 -41.74
C LEU B 140 8.21 32.56 -42.34
N SER B 141 8.95 31.51 -42.01
CA SER B 141 8.51 30.17 -42.40
C SER B 141 8.39 29.31 -41.14
N PHE B 142 7.42 28.41 -41.17
CA PHE B 142 7.05 27.64 -39.99
C PHE B 142 7.14 26.15 -40.27
N THR B 143 7.54 25.40 -39.25
CA THR B 143 7.53 23.95 -39.31
C THR B 143 6.59 23.38 -38.25
N ARG B 144 6.28 22.09 -38.32
CA ARG B 144 5.43 21.44 -37.31
C ARG B 144 6.17 21.23 -35.99
N ASN B 145 5.50 21.50 -34.88
CA ASN B 145 6.04 21.18 -33.57
C ASN B 145 5.95 19.66 -33.34
N ASN B 146 7.07 19.02 -32.99
CA ASN B 146 7.11 17.56 -32.81
C ASN B 146 6.29 17.16 -31.58
N ALA B 147 6.13 18.14 -30.68
CA ALA B 147 5.33 18.00 -29.47
C ALA B 147 3.85 17.66 -29.77
N ASN B 148 3.37 18.05 -30.95
CA ASN B 148 2.01 17.74 -31.39
C ASN B 148 1.84 16.27 -31.59
N TYR B 149 0.68 15.74 -31.23
CA TYR B 149 0.30 14.40 -31.65
C TYR B 149 -1.22 14.25 -31.72
N LYS B 150 -1.67 13.67 -32.83
CA LYS B 150 -3.09 13.47 -33.08
C LYS B 150 -3.58 12.35 -32.18
N PHE B 151 -4.72 12.54 -31.52
CA PHE B 151 -5.36 11.43 -30.81
C PHE B 151 -6.87 11.59 -30.91
N GLY B 152 -7.49 10.64 -31.60
CA GLY B 152 -8.91 10.74 -31.91
C GLY B 152 -9.23 11.94 -32.78
N ASP B 153 -10.20 12.73 -32.34
CA ASP B 153 -10.63 13.89 -33.08
C ASP B 153 -9.96 15.15 -32.53
N ARG B 154 -8.91 14.95 -31.74
CA ARG B 154 -8.21 16.05 -31.09
C ARG B 154 -6.74 16.08 -31.48
N VAL B 155 -6.11 17.24 -31.30
CA VAL B 155 -4.67 17.33 -31.43
C VAL B 155 -4.06 17.84 -30.12
N PHE B 156 -3.32 16.96 -29.43
CA PHE B 156 -2.71 17.29 -28.16
C PHE B 156 -1.28 17.73 -28.35
N GLN B 157 -0.70 18.27 -27.29
CA GLN B 157 0.75 18.46 -27.21
C GLN B 157 1.28 17.75 -25.95
N VAL B 158 2.47 17.18 -26.00
CA VAL B 158 3.04 16.52 -24.83
C VAL B 158 3.08 17.41 -23.58
N TYR B 159 3.30 18.70 -23.82
CA TYR B 159 3.12 19.73 -22.82
C TYR B 159 2.79 21.03 -23.50
N THR B 160 2.31 22.00 -22.72
CA THR B 160 1.91 23.30 -23.24
C THR B 160 2.83 24.41 -22.74
N ILE B 161 3.05 25.46 -23.54
CA ILE B 161 3.97 26.52 -23.14
C ILE B 161 3.39 27.91 -22.95
N ASN B 162 2.71 28.45 -23.97
CA ASN B 162 2.37 29.90 -23.99
C ASN B 162 1.42 30.29 -22.85
N SER B 163 0.85 29.27 -22.21
CA SER B 163 0.11 29.40 -20.97
C SER B 163 0.61 30.44 -19.95
N SER B 164 -0.29 30.76 -19.02
CA SER B 164 0.08 31.40 -17.75
C SER B 164 0.15 30.38 -16.61
N GLU B 165 0.71 29.20 -16.92
CA GLU B 165 1.12 28.13 -15.98
C GLU B 165 0.04 27.12 -15.52
N LEU B 166 -1.23 27.51 -15.59
CA LEU B 166 -2.29 26.62 -15.10
C LEU B 166 -2.80 25.67 -16.18
N GLU B 167 -2.93 26.18 -17.40
CA GLU B 167 -3.69 25.49 -18.43
C GLU B 167 -2.90 24.68 -19.45
N GLU B 168 -3.46 23.51 -19.77
CA GLU B 168 -3.05 22.69 -20.90
C GLU B 168 -4.06 22.77 -22.04
N VAL B 169 -3.58 23.09 -23.24
CA VAL B 169 -4.45 23.34 -24.38
C VAL B 169 -4.39 22.24 -25.44
N ASN B 170 -5.55 21.84 -25.94
CA ASN B 170 -5.63 20.99 -27.13
C ASN B 170 -6.70 21.49 -28.12
N ILE B 171 -6.50 21.21 -29.40
CA ILE B 171 -7.42 21.64 -30.47
C ILE B 171 -8.07 20.45 -31.20
N LYS B 172 -9.01 20.75 -32.09
CA LYS B 172 -9.68 19.72 -32.87
C LYS B 172 -8.93 19.42 -34.16
N TYR B 173 -8.91 18.15 -34.54
CA TYR B 173 -8.29 17.70 -35.79
C TYR B 173 -9.22 17.96 -36.98
N THR B 174 -8.86 18.96 -37.79
CA THR B 174 -9.66 19.38 -38.94
C THR B 174 -8.90 19.15 -40.25
N ASN B 175 -9.59 19.14 -41.39
CA ASN B 175 -8.90 19.07 -42.67
C ASN B 175 -7.84 20.14 -42.76
N VAL B 176 -8.18 21.33 -42.29
CA VAL B 176 -7.24 22.43 -42.36
C VAL B 176 -5.97 22.12 -41.58
N TYR B 177 -6.12 21.60 -40.36
CA TYR B 177 -4.95 21.25 -39.58
C TYR B 177 -4.14 20.18 -40.32
N GLN B 178 -4.82 19.21 -40.92
CA GLN B 178 -4.12 18.14 -41.63
C GLN B 178 -3.28 18.72 -42.75
N ILE B 179 -3.92 19.51 -43.61
CA ILE B 179 -3.24 20.12 -44.73
C ILE B 179 -2.02 20.91 -44.24
N ILE B 180 -2.19 21.72 -43.22
CA ILE B 180 -1.12 22.55 -42.75
C ILE B 180 0.00 21.76 -42.08
N SER B 181 -0.35 20.76 -41.27
CA SER B 181 0.69 20.02 -40.56
C SER B 181 1.41 19.01 -41.47
N GLU B 182 0.68 18.40 -42.41
CA GLU B 182 1.35 17.55 -43.38
C GLU B 182 2.27 18.40 -44.23
N PHE B 183 1.78 19.57 -44.64
CA PHE B 183 2.58 20.50 -45.44
C PHE B 183 3.84 21.01 -44.70
N CYS B 184 3.80 21.05 -43.38
CA CYS B 184 4.97 21.52 -42.64
C CYS B 184 5.75 20.42 -41.91
N GLU B 185 5.48 19.16 -42.25
CA GLU B 185 6.14 18.05 -41.55
C GLU B 185 7.55 17.85 -42.13
N ASN B 186 8.56 17.89 -41.27
CA ASN B 186 9.96 17.87 -41.72
C ASN B 186 10.25 18.91 -42.79
N ASP B 187 9.64 20.08 -42.67
CA ASP B 187 9.83 21.12 -43.68
C ASP B 187 9.49 22.53 -43.18
N TYR B 188 10.20 23.54 -43.64
CA TYR B 188 9.73 24.90 -43.38
C TYR B 188 9.02 25.46 -44.59
N GLN B 189 8.04 26.31 -44.34
CA GLN B 189 7.25 26.91 -45.41
C GLN B 189 6.90 28.35 -45.07
N LYS B 190 7.22 29.28 -45.97
CA LYS B 190 6.80 30.66 -45.77
C LYS B 190 5.30 30.71 -45.48
N TYR B 191 4.94 31.56 -44.54
CA TYR B 191 3.56 31.82 -44.17
C TYR B 191 2.63 31.83 -45.40
N GLU B 192 2.96 32.66 -46.38
CA GLU B 192 2.19 32.78 -47.62
C GLU B 192 1.92 31.43 -48.29
N ASP B 193 2.96 30.61 -48.45
CA ASP B 193 2.82 29.31 -49.13
C ASP B 193 1.88 28.38 -48.41
N ILE B 194 1.95 28.40 -47.09
CA ILE B 194 1.04 27.60 -46.27
C ILE B 194 -0.40 27.98 -46.56
N CYS B 195 -0.67 29.29 -46.50
CA CYS B 195 -1.99 29.87 -46.80
C CYS B 195 -2.57 29.43 -48.14
N GLU B 196 -1.73 29.50 -49.17
CA GLU B 196 -2.18 29.10 -50.49
C GLU B 196 -2.49 27.62 -50.52
N THR B 197 -1.63 26.81 -49.92
CA THR B 197 -1.83 25.36 -49.97
C THR B 197 -3.22 24.98 -49.53
N VAL B 198 -3.78 25.75 -48.60
CA VAL B 198 -5.14 25.50 -48.15
C VAL B 198 -6.19 26.15 -49.10
N THR B 199 -5.90 27.34 -49.64
CA THR B 199 -6.83 28.02 -50.57
C THR B 199 -6.84 27.33 -51.95
N LEU B 200 -5.72 26.72 -52.32
CA LEU B 200 -5.61 26.01 -53.60
C LEU B 200 -6.43 24.73 -53.56
N CYS B 201 -7.10 24.51 -52.43
CA CYS B 201 -7.97 23.34 -52.26
C CYS B 201 -9.28 23.72 -51.54
N TYR B 202 -9.43 24.99 -51.18
CA TYR B 202 -10.68 25.43 -50.55
C TYR B 202 -11.37 26.58 -51.27
N GLY B 203 -10.60 27.41 -51.95
CA GLY B 203 -11.15 28.58 -52.64
C GLY B 203 -10.51 29.85 -52.14
N ASP B 204 -10.54 30.92 -52.92
CA ASP B 204 -9.91 32.18 -52.50
C ASP B 204 -10.79 33.00 -51.55
N GLU B 205 -12.03 32.56 -51.36
CA GLU B 205 -12.96 33.25 -50.49
C GLU B 205 -12.67 32.90 -49.04
N TYR B 206 -11.82 31.89 -48.87
CA TYR B 206 -11.44 31.40 -47.55
C TYR B 206 -10.07 31.90 -47.09
N ARG B 207 -9.45 32.78 -47.89
CA ARG B 207 -8.14 33.30 -47.57
C ARG B 207 -8.11 33.85 -46.15
N GLU B 208 -9.17 34.55 -45.79
CA GLU B 208 -9.19 35.27 -44.53
C GLU B 208 -9.26 34.33 -43.33
N LEU B 209 -9.98 33.22 -43.51
CA LEU B 209 -10.09 32.20 -42.48
C LEU B 209 -8.76 31.52 -42.27
N SER B 210 -8.09 31.25 -43.39
CA SER B 210 -6.75 30.66 -43.39
C SER B 210 -5.74 31.49 -42.61
N GLU B 211 -5.71 32.79 -42.89
CA GLU B 211 -4.74 33.67 -42.26
C GLU B 211 -4.89 33.68 -40.73
N GLN B 212 -6.12 33.65 -40.25
CA GLN B 212 -6.33 33.60 -38.81
C GLN B 212 -6.20 32.17 -38.26
N TYR B 213 -6.63 31.16 -39.01
CA TYR B 213 -6.44 29.78 -38.52
C TYR B 213 -4.97 29.54 -38.35
N LEU B 214 -4.19 29.91 -39.37
CA LEU B 214 -2.75 29.79 -39.32
C LEU B 214 -2.24 30.66 -38.19
N GLY B 215 -2.95 31.77 -37.95
CA GLY B 215 -2.55 32.73 -36.95
C GLY B 215 -2.61 32.04 -35.62
N SER B 216 -3.71 31.33 -35.39
CA SER B 216 -3.93 30.64 -34.14
C SER B 216 -2.91 29.53 -33.90
N LEU B 217 -2.51 28.82 -34.96
CA LEU B 217 -1.54 27.74 -34.83
C LEU B 217 -0.19 28.25 -34.37
N ILE B 218 0.16 29.46 -34.79
CA ILE B 218 1.47 30.00 -34.45
C ILE B 218 1.42 30.49 -33.02
N VAL B 219 0.29 31.06 -32.63
CA VAL B 219 0.14 31.61 -31.29
C VAL B 219 0.19 30.52 -30.23
N ASN B 220 -0.55 29.44 -30.45
CA ASN B 220 -0.53 28.33 -29.53
C ASN B 220 0.57 27.32 -29.88
N HIS B 221 1.62 27.79 -30.54
CA HIS B 221 2.84 27.02 -30.81
C HIS B 221 2.65 25.61 -31.37
N TYR B 222 1.64 25.39 -32.19
CA TYR B 222 1.55 24.10 -32.87
C TYR B 222 2.52 24.16 -34.03
N LEU B 223 2.85 25.39 -34.41
CA LEU B 223 3.85 25.63 -35.43
C LEU B 223 4.89 26.57 -34.88
N ILE B 224 6.15 26.19 -35.09
CA ILE B 224 7.32 26.98 -34.68
C ILE B 224 8.00 27.58 -35.92
N SER B 225 8.59 28.76 -35.79
CA SER B 225 9.20 29.47 -36.92
C SER B 225 10.67 29.10 -37.15
N ASN B 226 11.22 29.54 -38.28
CA ASN B 226 12.61 29.26 -38.60
C ASN B 226 13.56 29.93 -37.62
N LEU B 227 13.08 30.95 -36.92
CA LEU B 227 13.89 31.58 -35.88
C LEU B 227 14.29 30.61 -34.78
N GLN B 228 13.41 29.65 -34.47
CA GLN B 228 13.65 28.76 -33.33
C GLN B 228 14.61 27.61 -33.70
N LYS B 229 14.90 27.45 -34.99
CA LYS B 229 15.89 26.45 -35.44
C LYS B 229 17.28 26.74 -34.87
N ASP B 230 17.77 25.79 -34.08
CA ASP B 230 19.09 25.80 -33.42
C ASP B 230 19.30 26.90 -32.39
N LEU B 231 18.23 27.65 -32.10
CA LEU B 231 18.20 28.70 -31.09
C LEU B 231 18.76 28.25 -29.76
N LEU B 232 18.25 27.14 -29.26
CA LEU B 232 18.73 26.58 -28.01
C LEU B 232 19.97 25.72 -28.18
N SER B 233 19.90 24.75 -29.08
CA SER B 233 20.93 23.72 -29.22
C SER B 233 22.32 24.21 -29.69
N ASP B 234 22.49 24.52 -30.98
CA ASP B 234 23.81 24.93 -31.49
C ASP B 234 23.72 26.38 -32.00
N PHE B 235 23.41 27.30 -31.08
CA PHE B 235 23.21 28.70 -31.41
C PHE B 235 24.40 29.35 -32.08
N SER B 236 24.16 30.04 -33.17
CA SER B 236 25.22 30.84 -33.80
C SER B 236 24.83 32.30 -33.93
N TRP B 237 25.73 33.19 -33.52
CA TRP B 237 25.49 34.63 -33.65
C TRP B 237 25.26 35.01 -35.08
N ASN B 238 25.96 34.37 -35.99
CA ASN B 238 25.90 34.77 -37.36
C ASN B 238 24.60 34.31 -38.03
N THR B 239 24.22 33.07 -37.81
CA THR B 239 23.02 32.56 -38.47
C THR B 239 21.78 33.21 -37.88
N PHE B 240 21.90 33.61 -36.62
CA PHE B 240 20.79 34.28 -35.94
C PHE B 240 20.55 35.62 -36.59
N LEU B 241 21.64 36.38 -36.75
CA LEU B 241 21.62 37.70 -37.38
C LEU B 241 21.13 37.70 -38.83
N THR B 242 21.64 36.75 -39.62
CA THR B 242 21.21 36.61 -41.00
C THR B 242 19.70 36.46 -41.10
N LYS B 243 19.17 35.52 -40.32
CA LYS B 243 17.73 35.29 -40.27
C LYS B 243 16.96 36.56 -39.92
N VAL B 244 17.44 37.29 -38.90
CA VAL B 244 16.75 38.51 -38.46
C VAL B 244 16.81 39.58 -39.53
N GLU B 245 17.96 39.73 -40.21
CA GLU B 245 18.09 40.73 -41.25
C GLU B 245 16.99 40.68 -42.29
N ALA B 246 16.79 39.49 -42.85
CA ALA B 246 15.88 39.33 -43.98
C ALA B 246 14.45 39.75 -43.64
N ILE B 247 14.09 39.67 -42.36
CA ILE B 247 12.71 39.90 -41.97
C ILE B 247 12.56 41.29 -41.33
N ASP B 248 13.67 41.83 -40.86
CA ASP B 248 13.65 43.11 -40.18
C ASP B 248 13.86 44.24 -41.18
N GLU B 249 12.75 44.73 -41.70
CA GLU B 249 12.75 45.81 -42.68
C GLU B 249 13.25 47.14 -42.08
N ASP B 250 12.72 47.48 -40.91
CA ASP B 250 12.98 48.79 -40.32
C ASP B 250 14.31 48.82 -39.56
N LYS B 251 15.10 47.76 -39.66
CA LYS B 251 16.32 47.62 -38.86
C LYS B 251 16.09 47.92 -37.35
N LYS B 252 14.91 47.50 -36.85
CA LYS B 252 14.49 47.74 -35.46
C LYS B 252 15.25 46.89 -34.45
N TYR B 253 15.66 45.69 -34.89
CA TYR B 253 16.34 44.76 -34.00
C TYR B 253 17.81 44.59 -34.38
N ILE B 254 18.10 44.62 -35.69
CA ILE B 254 19.44 44.27 -36.15
C ILE B 254 20.50 45.25 -35.66
N ILE B 255 20.18 46.54 -35.70
CA ILE B 255 21.15 47.54 -35.24
C ILE B 255 21.46 47.38 -33.73
N PRO B 256 20.43 47.29 -32.87
CA PRO B 256 20.78 47.14 -31.45
C PRO B 256 21.51 45.83 -31.14
N LEU B 257 21.12 44.77 -31.85
CA LEU B 257 21.68 43.45 -31.60
C LEU B 257 23.17 43.38 -31.89
N LYS B 258 23.60 44.07 -32.95
CA LYS B 258 25.03 44.07 -33.28
C LYS B 258 25.86 44.81 -32.23
N LYS B 259 25.28 45.85 -31.61
CA LYS B 259 25.96 46.56 -30.52
C LYS B 259 26.16 45.61 -29.35
N VAL B 260 25.11 44.86 -29.05
CA VAL B 260 25.16 43.85 -28.01
C VAL B 260 26.27 42.84 -28.31
N GLN B 261 26.31 42.36 -29.55
CA GLN B 261 27.38 41.43 -29.96
C GLN B 261 28.75 42.04 -29.83
N LYS B 262 28.84 43.34 -30.15
CA LYS B 262 30.11 44.06 -30.16
C LYS B 262 30.60 44.23 -28.72
N PHE B 263 29.70 44.70 -27.85
CA PHE B 263 30.02 44.93 -26.46
C PHE B 263 30.40 43.64 -25.72
N ILE B 264 29.68 42.55 -26.01
CA ILE B 264 29.96 41.27 -25.39
C ILE B 264 31.36 40.84 -25.75
N GLN B 265 31.69 41.02 -27.03
CA GLN B 265 33.03 40.71 -27.51
C GLN B 265 34.04 41.62 -26.82
N GLU B 266 33.64 42.84 -26.57
CA GLU B 266 34.52 43.73 -25.82
C GLU B 266 34.60 43.24 -24.38
N TYR B 267 33.45 42.96 -23.78
CA TYR B 267 33.41 42.44 -22.43
C TYR B 267 34.23 41.15 -22.26
N SER B 268 34.21 40.30 -23.28
CA SER B 268 34.97 39.04 -23.27
C SER B 268 36.44 39.24 -22.88
N GLU B 269 37.06 40.28 -23.43
CA GLU B 269 38.49 40.47 -23.30
C GLU B 269 38.89 41.16 -22.00
N ILE B 270 37.91 41.64 -21.25
CA ILE B 270 38.17 42.37 -20.01
C ILE B 270 38.46 41.45 -18.84
N GLU B 271 39.26 41.92 -17.89
CA GLU B 271 39.52 41.13 -16.70
C GLU B 271 38.30 41.12 -15.80
N ILE B 272 38.36 40.24 -14.81
CA ILE B 272 37.24 39.98 -13.91
C ILE B 272 37.30 40.89 -12.70
N GLY B 273 36.48 41.95 -12.69
CA GLY B 273 36.51 42.93 -11.61
C GLY B 273 36.62 44.35 -12.14
N GLU B 274 37.40 44.51 -13.20
CA GLU B 274 37.61 45.81 -13.82
C GLU B 274 36.74 45.89 -15.06
N GLY B 275 35.54 45.32 -14.98
CA GLY B 275 34.64 45.27 -16.12
C GLY B 275 33.20 45.71 -15.87
N ILE B 276 32.94 46.30 -14.70
CA ILE B 276 31.57 46.66 -14.29
C ILE B 276 30.85 47.61 -15.24
N GLU B 277 31.56 48.63 -15.73
CA GLU B 277 30.97 49.64 -16.60
C GLU B 277 30.74 49.15 -18.03
N LYS B 278 31.58 48.22 -18.48
CA LYS B 278 31.35 47.65 -19.79
C LYS B 278 30.09 46.79 -19.75
N LEU B 279 29.94 46.07 -18.63
CA LEU B 279 28.76 45.24 -18.40
C LEU B 279 27.50 46.10 -18.29
N LYS B 280 27.63 47.24 -17.62
CA LYS B 280 26.53 48.20 -17.49
C LYS B 280 25.97 48.59 -18.85
N GLU B 281 26.86 48.78 -19.81
CA GLU B 281 26.43 49.07 -21.17
C GLU B 281 25.64 47.91 -21.73
N ILE B 282 26.17 46.70 -21.55
CA ILE B 282 25.59 45.49 -22.14
C ILE B 282 24.13 45.31 -21.71
N TYR B 283 23.84 45.51 -20.43
CA TYR B 283 22.48 45.42 -19.97
C TYR B 283 21.63 46.51 -20.64
N GLN B 284 22.16 47.73 -20.66
CA GLN B 284 21.44 48.89 -21.16
C GLN B 284 20.88 48.70 -22.58
N GLU B 285 21.72 48.17 -23.47
CA GLU B 285 21.29 47.90 -24.84
C GLU B 285 20.25 46.81 -24.87
N MET B 286 20.53 45.75 -24.12
CA MET B 286 19.65 44.61 -24.08
C MET B 286 18.36 44.99 -23.36
N SER B 287 18.46 45.83 -22.33
CA SER B 287 17.28 46.22 -21.55
C SER B 287 16.31 46.96 -22.45
N GLN B 288 16.88 47.76 -23.36
CA GLN B 288 16.10 48.55 -24.29
C GLN B 288 15.40 47.70 -25.32
N ILE B 289 16.06 46.64 -25.75
CA ILE B 289 15.44 45.72 -26.71
C ILE B 289 14.25 45.06 -26.07
N LEU B 290 14.48 44.56 -24.85
CA LEU B 290 13.50 43.82 -24.04
C LEU B 290 14.04 43.59 -22.62
N GLU B 291 13.27 43.99 -21.60
CA GLU B 291 13.68 43.76 -20.22
C GLU B 291 13.48 42.31 -19.82
N ASN B 292 14.40 41.81 -19.00
CA ASN B 292 14.28 40.50 -18.38
C ASN B 292 15.00 40.57 -17.06
N ASP B 293 14.75 39.61 -16.17
CA ASP B 293 15.43 39.66 -14.90
C ASP B 293 16.94 39.45 -15.11
N ASN B 294 17.31 38.58 -16.05
CA ASN B 294 18.71 38.38 -16.42
C ASN B 294 19.00 38.53 -17.91
N TYR B 295 20.24 38.86 -18.28
CA TYR B 295 20.56 39.13 -19.69
C TYR B 295 21.71 38.27 -20.22
N ILE B 296 22.65 37.90 -19.34
CA ILE B 296 23.90 37.28 -19.76
C ILE B 296 24.25 36.06 -18.91
N GLN B 297 24.66 34.95 -19.53
CA GLN B 297 25.24 33.81 -18.82
C GLN B 297 26.75 33.81 -18.98
N ILE B 298 27.48 33.47 -17.93
CA ILE B 298 28.93 33.31 -18.04
C ILE B 298 29.45 32.08 -17.32
N ASP B 299 30.20 31.25 -18.03
CA ASP B 299 30.83 30.07 -17.44
C ASP B 299 32.35 30.22 -17.51
N LEU B 300 32.96 30.52 -16.37
CA LEU B 300 34.41 30.64 -16.29
C LEU B 300 35.13 29.30 -16.48
N ILE B 301 35.96 29.20 -17.52
CA ILE B 301 36.78 28.01 -17.69
C ILE B 301 38.24 28.42 -17.50
N SER B 302 39.14 27.44 -17.48
CA SER B 302 40.52 27.73 -17.13
C SER B 302 41.49 26.70 -17.67
N ASP B 303 42.71 27.17 -17.85
CA ASP B 303 43.78 26.45 -18.49
C ASP B 303 44.45 25.46 -17.53
N SER B 304 44.14 25.50 -16.24
CA SER B 304 44.89 24.69 -15.26
C SER B 304 44.82 23.19 -15.45
N GLU B 305 45.62 22.49 -14.66
CA GLU B 305 45.67 21.03 -14.70
C GLU B 305 46.03 20.43 -13.33
N ILE B 306 45.04 20.35 -12.44
CA ILE B 306 45.24 19.75 -11.12
C ILE B 306 45.53 18.23 -11.26
N ASN B 307 46.39 17.69 -10.40
CA ASN B 307 46.72 16.26 -10.45
C ASN B 307 46.37 15.52 -9.17
N PHE B 308 45.86 14.30 -9.31
CA PHE B 308 45.68 13.43 -8.15
C PHE B 308 46.65 12.23 -8.20
N ASP B 309 47.01 11.72 -7.01
CA ASP B 309 47.89 10.56 -6.83
C ASP B 309 47.50 9.32 -7.59
N VAL B 310 47.99 8.20 -7.07
CA VAL B 310 47.59 6.92 -7.54
C VAL B 310 46.88 6.25 -6.36
N LYS B 311 47.24 6.66 -5.16
CA LYS B 311 46.48 6.24 -3.99
C LYS B 311 45.13 6.93 -4.02
N GLN B 312 45.06 8.12 -4.60
CA GLN B 312 43.78 8.81 -4.69
C GLN B 312 42.89 8.16 -5.74
N LYS B 313 43.49 7.76 -6.86
CA LYS B 313 42.73 7.13 -7.94
C LYS B 313 42.13 5.79 -7.53
N GLN B 314 42.86 5.01 -6.73
CA GLN B 314 42.32 3.75 -6.25
C GLN B 314 41.23 4.04 -5.24
N GLN B 315 41.48 5.00 -4.38
CA GLN B 315 40.56 5.33 -3.30
C GLN B 315 39.17 5.68 -3.88
N LEU B 316 39.18 6.43 -4.97
CA LEU B 316 37.96 6.82 -5.67
C LEU B 316 37.34 5.63 -6.42
N GLU B 317 38.18 4.80 -7.04
CA GLU B 317 37.69 3.62 -7.76
C GLU B 317 37.10 2.62 -6.77
N HIS B 318 37.69 2.58 -5.58
CA HIS B 318 37.23 1.72 -4.51
C HIS B 318 35.82 2.16 -4.11
N LEU B 319 35.64 3.47 -3.99
CA LEU B 319 34.36 4.04 -3.61
C LEU B 319 33.34 3.80 -4.71
N ALA B 320 33.73 3.96 -5.97
CA ALA B 320 32.82 3.66 -7.07
C ALA B 320 32.37 2.18 -7.06
N GLU B 321 33.28 1.25 -6.79
CA GLU B 321 32.92 -0.16 -6.66
C GLU B 321 31.88 -0.34 -5.56
N PHE B 322 32.18 0.19 -4.37
CA PHE B 322 31.29 0.01 -3.23
C PHE B 322 29.90 0.57 -3.47
N LEU B 323 29.83 1.81 -3.96
CA LEU B 323 28.57 2.43 -4.24
C LEU B 323 27.81 1.61 -5.28
N GLY B 324 28.48 1.17 -6.33
CA GLY B 324 27.84 0.34 -7.33
C GLY B 324 27.29 -0.97 -6.80
N ASN B 325 28.06 -1.64 -5.96
CA ASN B 325 27.64 -2.92 -5.44
C ASN B 325 26.34 -2.85 -4.61
N THR B 326 26.08 -1.71 -3.98
CA THR B 326 24.92 -1.64 -3.10
C THR B 326 23.65 -1.81 -3.94
N THR B 327 23.76 -1.53 -5.24
CA THR B 327 22.61 -1.66 -6.13
C THR B 327 22.19 -3.11 -6.28
N LYS B 328 23.08 -4.03 -5.94
CA LYS B 328 22.77 -5.45 -6.11
C LYS B 328 21.52 -5.83 -5.34
N SER B 329 21.22 -5.04 -4.33
CA SER B 329 20.13 -5.28 -3.39
C SER B 329 18.84 -4.56 -3.80
N VAL B 330 18.90 -3.84 -4.91
CA VAL B 330 17.68 -3.29 -5.46
C VAL B 330 17.02 -4.40 -6.25
N ARG B 331 16.00 -5.00 -5.64
CA ARG B 331 15.30 -6.12 -6.26
C ARG B 331 14.10 -5.65 -7.07
N ARG B 332 13.38 -4.63 -6.58
CA ARG B 332 12.15 -4.20 -7.24
C ARG B 332 11.83 -2.69 -7.11
N THR B 333 11.60 -2.06 -8.27
CA THR B 333 11.43 -0.61 -8.40
C THR B 333 10.07 -0.20 -8.98
N TYR B 334 9.80 1.11 -9.06
CA TYR B 334 8.54 1.59 -9.65
C TYR B 334 8.40 1.27 -11.14
N LEU B 335 9.53 1.24 -11.85
CA LEU B 335 9.55 0.87 -13.25
C LEU B 335 9.28 -0.61 -13.36
N ASP B 336 9.66 -1.37 -12.34
CA ASP B 336 9.37 -2.81 -12.40
C ASP B 336 7.87 -3.05 -12.27
N ASP B 337 7.24 -2.36 -11.32
CA ASP B 337 5.80 -2.44 -11.18
C ASP B 337 5.17 -1.94 -12.48
N TYR B 338 5.79 -0.95 -13.11
CA TYR B 338 5.24 -0.42 -14.35
C TYR B 338 5.33 -1.50 -15.44
N LYS B 339 6.47 -2.17 -15.46
CA LYS B 339 6.73 -3.22 -16.41
C LYS B 339 5.65 -4.27 -16.25
N ASP B 340 5.27 -4.56 -15.02
CA ASP B 340 4.30 -5.60 -14.78
C ASP B 340 2.92 -5.22 -15.31
N LYS B 341 2.56 -3.95 -15.16
CA LYS B 341 1.27 -3.43 -15.61
C LYS B 341 1.21 -3.45 -17.14
N PHE B 342 2.33 -3.10 -17.77
CA PHE B 342 2.54 -3.29 -19.21
C PHE B 342 2.25 -4.73 -19.67
N ILE B 343 2.83 -5.71 -18.99
CA ILE B 343 2.69 -7.10 -19.42
C ILE B 343 1.24 -7.61 -19.30
N GLU B 344 0.47 -7.04 -18.38
CA GLU B 344 -0.92 -7.46 -18.25
C GLU B 344 -1.86 -6.86 -19.32
N LYS B 345 -1.64 -5.60 -19.72
CA LYS B 345 -2.50 -4.96 -20.72
C LYS B 345 -2.14 -5.46 -22.12
N TYR B 346 -0.87 -5.37 -22.48
CA TYR B 346 -0.38 -5.72 -23.79
C TYR B 346 0.24 -7.08 -23.58
N GLY B 347 0.42 -7.89 -24.61
CA GLY B 347 0.93 -9.23 -24.32
C GLY B 347 2.36 -9.19 -23.79
N VAL B 348 3.28 -9.51 -24.69
CA VAL B 348 4.71 -9.51 -24.43
C VAL B 348 5.24 -9.46 -25.85
N ASP B 349 4.31 -9.49 -26.79
CA ASP B 349 4.57 -9.55 -28.21
C ASP B 349 4.07 -8.30 -28.94
N GLN B 350 3.89 -7.19 -28.20
CA GLN B 350 3.38 -5.95 -28.78
C GLN B 350 4.33 -4.79 -28.56
N GLU B 351 4.46 -3.95 -29.59
CA GLU B 351 5.09 -2.65 -29.42
C GLU B 351 3.98 -1.62 -29.52
N VAL B 352 3.96 -0.72 -28.53
CA VAL B 352 2.89 0.22 -28.30
C VAL B 352 3.36 1.64 -28.55
N GLN B 353 2.60 2.42 -29.30
CA GLN B 353 3.01 3.82 -29.51
C GLN B 353 3.07 4.55 -28.19
N ILE B 354 4.13 5.30 -27.92
CA ILE B 354 4.35 5.78 -26.57
C ILE B 354 3.28 6.77 -26.07
N THR B 355 2.66 7.56 -26.94
CA THR B 355 1.63 8.48 -26.44
C THR B 355 0.41 7.67 -26.06
N GLU B 356 0.24 6.51 -26.69
CA GLU B 356 -0.88 5.66 -26.36
C GLU B 356 -0.61 5.00 -25.04
N LEU B 357 0.60 4.47 -24.87
CA LEU B 357 1.00 3.79 -23.66
C LEU B 357 0.69 4.63 -22.41
N PHE B 358 1.00 5.91 -22.50
CA PHE B 358 0.98 6.75 -21.32
C PHE B 358 -0.36 7.43 -21.08
N ASP B 359 -1.29 7.21 -22.01
CA ASP B 359 -2.65 7.68 -21.82
C ASP B 359 -3.31 6.82 -20.74
N SER B 360 -3.93 7.48 -19.76
CA SER B 360 -4.47 6.79 -18.61
C SER B 360 -5.87 6.21 -18.87
N THR B 361 -6.46 6.56 -20.00
CA THR B 361 -7.71 5.95 -20.40
C THR B 361 -7.54 4.83 -21.44
N PHE B 362 -6.71 5.05 -22.47
CA PHE B 362 -6.53 4.02 -23.50
C PHE B 362 -5.26 3.21 -23.32
N GLY B 363 -4.36 3.68 -22.47
CA GLY B 363 -3.13 2.94 -22.22
C GLY B 363 -3.13 2.53 -20.76
N ILE B 364 -1.99 2.63 -20.10
CA ILE B 364 -1.91 2.20 -18.72
C ILE B 364 -1.39 3.29 -17.79
N GLY B 365 -1.38 4.53 -18.28
CA GLY B 365 -0.85 5.66 -17.53
C GLY B 365 0.66 5.63 -17.33
N ALA B 366 1.13 6.25 -16.26
CA ALA B 366 2.56 6.30 -15.98
C ALA B 366 2.93 5.49 -14.77
N PRO B 367 4.24 5.29 -14.54
CA PRO B 367 4.69 4.72 -13.28
C PRO B 367 4.15 5.47 -12.08
N TYR B 368 4.08 4.80 -10.95
CA TYR B 368 3.47 5.32 -9.74
C TYR B 368 4.11 6.62 -9.29
N ASN B 369 5.42 6.73 -9.48
CA ASN B 369 6.16 7.87 -8.98
C ASN B 369 6.17 9.08 -9.92
N TYR B 370 5.56 8.95 -11.10
CA TYR B 370 5.58 10.02 -12.09
C TYR B 370 4.54 11.11 -11.79
N ASN B 371 4.84 12.36 -12.11
CA ASN B 371 3.94 13.44 -11.72
C ASN B 371 3.47 14.33 -12.83
N HIS B 372 3.88 14.09 -14.06
CA HIS B 372 3.45 15.03 -15.08
C HIS B 372 2.76 14.35 -16.25
N PRO B 373 1.46 14.09 -16.11
CA PRO B 373 0.68 14.28 -14.88
C PRO B 373 0.69 13.03 -13.99
N ARG B 374 0.36 13.14 -12.72
CA ARG B 374 0.11 11.94 -11.92
C ARG B 374 -1.15 11.22 -12.41
N ASN B 375 -1.22 9.91 -12.23
CA ASN B 375 -2.39 9.17 -12.71
C ASN B 375 -3.67 9.69 -12.04
N ASP B 376 -4.75 9.71 -12.80
CA ASP B 376 -6.00 10.18 -12.24
C ASP B 376 -6.93 9.01 -11.88
N PHE B 377 -6.56 7.80 -12.30
CA PHE B 377 -7.22 6.59 -11.80
C PHE B 377 -6.65 6.22 -10.44
N TYR B 378 -7.43 5.49 -9.64
CA TYR B 378 -6.94 5.05 -8.34
C TYR B 378 -5.90 3.97 -8.48
N GLU B 379 -4.89 4.09 -7.63
CA GLU B 379 -3.83 3.10 -7.51
C GLU B 379 -3.19 3.18 -6.13
N SER B 380 -2.91 2.02 -5.56
CA SER B 380 -2.20 1.97 -4.29
C SER B 380 -0.71 1.72 -4.53
N GLU B 381 0.10 2.26 -3.61
CA GLU B 381 1.55 2.23 -3.78
C GLU B 381 2.06 0.82 -3.96
N PRO B 382 2.83 0.60 -5.03
CA PRO B 382 3.38 -0.72 -5.35
C PRO B 382 4.46 -1.08 -4.38
N SER B 383 4.63 -2.37 -4.15
CA SER B 383 5.69 -2.82 -3.29
C SER B 383 6.98 -2.60 -4.01
N THR B 384 7.94 -2.02 -3.30
CA THR B 384 9.27 -1.72 -3.82
C THR B 384 10.29 -2.19 -2.80
N LEU B 385 11.31 -2.87 -3.28
CA LEU B 385 12.34 -3.39 -2.42
C LEU B 385 13.67 -2.78 -2.79
N TYR B 386 14.19 -1.89 -1.97
CA TYR B 386 15.45 -1.23 -2.33
C TYR B 386 16.65 -1.73 -1.54
N TYR B 387 16.38 -2.63 -0.61
CA TYR B 387 17.36 -3.25 0.25
C TYR B 387 16.62 -4.36 1.00
N SER B 388 17.35 -5.33 1.53
CA SER B 388 16.69 -6.46 2.18
C SER B 388 16.40 -6.15 3.64
N GLU B 389 15.49 -6.90 4.27
CA GLU B 389 15.21 -6.74 5.69
C GLU B 389 16.46 -7.04 6.52
N GLU B 390 17.20 -8.06 6.11
CA GLU B 390 18.43 -8.39 6.83
C GLU B 390 19.40 -7.22 6.78
N GLU B 391 19.51 -6.61 5.61
CA GLU B 391 20.36 -5.44 5.46
C GLU B 391 19.85 -4.28 6.31
N ARG B 392 18.54 -4.09 6.34
CA ARG B 392 17.99 -2.97 7.10
C ARG B 392 18.27 -3.16 8.57
N GLU B 393 18.24 -4.41 9.03
CA GLU B 393 18.57 -4.71 10.42
C GLU B 393 20.02 -4.29 10.75
N LYS B 394 20.96 -4.65 9.86
CA LYS B 394 22.37 -4.34 10.07
C LYS B 394 22.52 -2.82 10.16
N TYR B 395 21.97 -2.08 9.18
CA TYR B 395 22.03 -0.62 9.20
C TYR B 395 21.47 0.04 10.46
N LEU B 396 20.30 -0.35 10.91
CA LEU B 396 19.77 0.23 12.15
C LEU B 396 20.70 -0.10 13.29
N SER B 397 21.27 -1.30 13.22
CA SER B 397 22.11 -1.75 14.31
C SER B 397 23.40 -0.96 14.36
N MET B 398 23.98 -0.71 13.20
CA MET B 398 25.22 0.07 13.14
C MET B 398 24.98 1.48 13.65
N TYR B 399 23.75 1.96 13.45
CA TYR B 399 23.33 3.29 13.84
C TYR B 399 23.21 3.46 15.36
N VAL B 400 22.39 2.62 15.98
CA VAL B 400 22.25 2.69 17.43
C VAL B 400 23.60 2.47 18.10
N GLU B 401 24.42 1.60 17.53
CA GLU B 401 25.79 1.39 18.01
C GLU B 401 26.59 2.68 17.99
N ALA B 402 26.68 3.32 16.82
CA ALA B 402 27.47 4.55 16.67
C ALA B 402 26.94 5.66 17.56
N VAL B 403 25.63 5.79 17.71
CA VAL B 403 25.11 6.85 18.56
C VAL B 403 25.53 6.59 20.00
N LYS B 404 25.28 5.37 20.47
CA LYS B 404 25.57 4.99 21.86
C LYS B 404 27.04 5.24 22.21
N ASN B 405 27.92 5.11 21.22
CA ASN B 405 29.33 5.15 21.52
C ASN B 405 29.95 6.46 21.12
N HIS B 406 29.08 7.39 20.74
CA HIS B 406 29.52 8.68 20.20
C HIS B 406 30.55 8.52 19.11
N ASN B 407 30.33 7.56 18.20
CA ASN B 407 31.23 7.34 17.08
C ASN B 407 30.67 7.48 15.69
N VAL B 408 31.58 7.43 14.74
CA VAL B 408 31.25 7.46 13.34
C VAL B 408 30.59 6.14 12.94
N ILE B 409 29.85 6.13 11.84
CA ILE B 409 29.31 4.90 11.28
C ILE B 409 30.17 4.43 10.13
N ASN B 410 30.72 3.23 10.26
CA ASN B 410 31.66 2.77 9.29
C ASN B 410 31.04 1.90 8.24
N LEU B 411 30.70 2.49 7.09
CA LEU B 411 30.00 1.71 6.08
C LEU B 411 30.82 0.53 5.54
N ASP B 412 32.16 0.64 5.54
CA ASP B 412 33.03 -0.43 5.00
C ASP B 412 32.78 -1.79 5.64
N ASP B 413 32.17 -1.79 6.81
CA ASP B 413 31.78 -3.01 7.53
C ASP B 413 30.93 -3.96 6.68
N LEU B 414 30.28 -3.42 5.65
CA LEU B 414 29.36 -4.19 4.83
C LEU B 414 29.87 -4.33 3.41
N GLU B 415 31.13 -3.98 3.20
CA GLU B 415 31.70 -4.04 1.86
C GLU B 415 31.78 -5.46 1.29
N SER B 416 32.35 -6.36 2.07
CA SER B 416 32.33 -7.81 1.78
C SER B 416 30.93 -8.29 1.44
N HIS B 417 29.93 -7.83 2.20
CA HIS B 417 28.57 -8.31 2.04
C HIS B 417 28.15 -8.05 0.62
N TYR B 418 28.39 -6.83 0.16
CA TYR B 418 27.97 -6.44 -1.16
C TYR B 418 28.84 -7.09 -2.26
N GLN B 419 30.13 -7.31 -2.02
CA GLN B 419 30.94 -7.95 -3.06
C GLN B 419 30.66 -9.45 -3.15
N LYS B 420 30.51 -10.12 -2.01
CA LYS B 420 30.32 -11.56 -2.05
C LYS B 420 28.94 -11.92 -2.60
N MET B 421 28.03 -10.95 -2.61
CA MET B 421 26.71 -11.21 -3.13
C MET B 421 26.70 -10.93 -4.63
N ASP B 422 26.20 -11.86 -5.44
CA ASP B 422 26.02 -11.54 -6.86
C ASP B 422 24.77 -12.18 -7.43
N LEU B 423 24.46 -13.40 -6.98
CA LEU B 423 23.25 -14.12 -7.40
C LEU B 423 23.22 -14.28 -8.95
N GLU B 424 22.63 -13.30 -9.63
CA GLU B 424 22.41 -13.33 -11.09
C GLU B 424 23.49 -12.55 -11.86
N LYS B 425 24.48 -12.02 -11.11
CA LYS B 425 25.66 -11.25 -11.58
C LYS B 425 25.71 -10.82 -13.06
N LYS B 426 24.98 -9.76 -13.40
CA LYS B 426 25.04 -9.17 -14.74
C LYS B 426 25.84 -7.86 -14.84
N SER B 427 26.14 -7.22 -13.69
CA SER B 427 26.75 -5.87 -13.68
C SER B 427 25.96 -4.90 -14.57
N GLU B 428 24.68 -4.75 -14.25
CA GLU B 428 23.77 -3.84 -14.95
C GLU B 428 24.24 -2.36 -15.03
N LEU B 429 24.90 -1.90 -13.98
CA LEU B 429 25.45 -0.54 -13.83
C LEU B 429 26.64 -0.22 -14.76
N GLN B 430 26.50 0.79 -15.62
CA GLN B 430 27.48 1.02 -16.68
C GLN B 430 28.47 2.17 -16.44
N GLY B 431 28.28 2.93 -15.38
CA GLY B 431 29.15 4.07 -15.13
C GLY B 431 28.54 5.05 -14.16
N LEU B 432 29.39 5.84 -13.50
CA LEU B 432 28.94 6.78 -12.48
C LEU B 432 29.62 8.10 -12.63
N GLU B 433 29.02 9.15 -12.09
CA GLU B 433 29.74 10.40 -11.81
C GLU B 433 29.60 10.78 -10.35
N LEU B 434 30.70 10.84 -9.62
CA LEU B 434 30.59 11.20 -8.22
C LEU B 434 30.95 12.68 -8.01
N PHE B 435 30.33 13.30 -7.02
CA PHE B 435 30.59 14.69 -6.72
C PHE B 435 31.23 14.78 -5.36
N LEU B 436 32.50 15.21 -5.32
CA LEU B 436 33.30 15.18 -4.10
C LEU B 436 33.90 16.55 -3.76
N ASN B 437 33.64 17.03 -2.54
CA ASN B 437 34.26 18.26 -2.04
C ASN B 437 35.59 17.91 -1.44
N LEU B 438 36.58 18.80 -1.60
CA LEU B 438 37.92 18.57 -1.05
C LEU B 438 38.05 19.31 0.27
N ALA B 439 38.52 18.63 1.30
CA ALA B 439 38.69 19.27 2.59
C ALA B 439 39.75 18.58 3.45
N LYS B 440 39.89 19.04 4.68
CA LYS B 440 40.89 18.50 5.59
C LYS B 440 40.27 18.19 6.93
N GLU B 441 40.88 17.25 7.64
CA GLU B 441 40.55 17.06 9.04
C GLU B 441 41.77 16.48 9.73
N TYR B 442 42.14 17.08 10.86
CA TYR B 442 43.39 16.74 11.53
C TYR B 442 44.57 16.84 10.55
N GLU B 443 44.61 17.94 9.81
CA GLU B 443 45.74 18.26 8.94
C GLU B 443 45.95 17.29 7.76
N LYS B 444 44.99 16.39 7.55
CA LYS B 444 45.04 15.41 6.47
C LYS B 444 44.05 15.70 5.32
N ASP B 445 44.47 15.56 4.07
CA ASP B 445 43.53 15.73 2.95
C ASP B 445 42.49 14.59 2.84
N ILE B 446 41.21 14.94 2.73
CA ILE B 446 40.12 13.94 2.64
C ILE B 446 39.09 14.29 1.55
N PHE B 447 38.37 13.27 1.10
CA PHE B 447 37.27 13.49 0.18
C PHE B 447 36.00 13.58 0.96
N ILE B 448 35.07 14.41 0.50
CA ILE B 448 33.75 14.39 1.11
C ILE B 448 32.65 14.37 0.05
N LEU B 449 31.83 13.32 0.10
CA LEU B 449 30.71 13.26 -0.79
C LEU B 449 29.73 14.37 -0.45
N GLY B 450 29.24 15.04 -1.50
CA GLY B 450 28.20 16.02 -1.37
C GLY B 450 26.88 15.35 -1.06
N ASP B 451 25.90 16.13 -0.63
CA ASP B 451 24.53 15.67 -0.47
C ASP B 451 24.02 15.13 -1.82
N ILE B 452 24.51 15.75 -2.90
CA ILE B 452 24.34 15.33 -4.29
C ILE B 452 24.66 13.84 -4.54
N VAL B 453 25.80 13.41 -4.00
CA VAL B 453 26.41 12.07 -4.14
C VAL B 453 26.84 11.79 -5.57
N GLY B 454 25.86 11.76 -6.48
CA GLY B 454 26.14 11.56 -7.90
C GLY B 454 25.05 10.72 -8.55
N ASN B 455 25.28 10.33 -9.80
CA ASN B 455 24.29 9.56 -10.54
C ASN B 455 24.92 8.70 -11.62
N ASN B 456 24.09 8.02 -12.40
CA ASN B 456 24.58 7.20 -13.50
C ASN B 456 24.44 7.84 -14.87
N ASN B 457 24.50 9.19 -14.91
CA ASN B 457 24.39 9.93 -16.16
C ASN B 457 25.76 10.44 -16.63
N LEU B 458 26.51 9.59 -17.33
CA LEU B 458 27.83 9.94 -17.85
C LEU B 458 27.74 11.10 -18.82
N GLY B 459 28.49 12.15 -18.57
CA GLY B 459 28.49 13.32 -19.43
C GLY B 459 27.63 14.42 -18.83
N GLY B 460 26.81 14.02 -17.85
CA GLY B 460 25.85 14.91 -17.23
C GLY B 460 26.42 16.24 -16.74
N ALA B 461 27.61 16.19 -16.12
CA ALA B 461 28.18 17.36 -15.46
C ALA B 461 28.98 18.27 -16.41
N SER B 462 29.48 17.65 -17.47
CA SER B 462 30.31 18.27 -18.48
C SER B 462 29.56 18.80 -19.68
N GLY B 463 28.34 18.34 -19.90
CA GLY B 463 27.60 18.71 -21.10
C GLY B 463 27.47 20.21 -21.31
N ARG B 464 27.29 20.95 -20.22
CA ARG B 464 27.17 22.41 -20.28
C ARG B 464 28.45 23.11 -20.74
N PHE B 465 29.59 22.54 -20.41
CA PHE B 465 30.84 23.26 -20.62
C PHE B 465 31.53 22.80 -21.90
N SER B 466 30.97 21.78 -22.53
CA SER B 466 31.61 21.17 -23.70
C SER B 466 31.92 22.14 -24.84
N ALA B 467 30.98 23.03 -25.15
CA ALA B 467 31.17 23.89 -26.32
C ALA B 467 32.03 25.12 -26.06
N LEU B 468 32.60 25.22 -24.87
CA LEU B 468 33.31 26.44 -24.50
C LEU B 468 34.81 26.49 -24.87
N SER B 469 35.39 25.36 -25.30
CA SER B 469 36.79 25.26 -25.70
C SER B 469 37.01 23.85 -26.24
N PRO B 470 37.90 23.71 -27.24
CA PRO B 470 38.14 22.40 -27.87
C PRO B 470 38.69 21.33 -26.92
N GLU B 471 39.39 21.77 -25.86
CA GLU B 471 39.93 20.85 -24.87
C GLU B 471 38.79 20.26 -24.02
N LEU B 472 37.73 21.06 -23.82
CA LEU B 472 36.53 20.62 -23.13
C LEU B 472 35.66 19.75 -24.02
N THR B 473 35.40 20.22 -25.24
CA THR B 473 34.68 19.42 -26.23
C THR B 473 35.31 18.03 -26.36
N SER B 474 36.64 17.99 -26.32
CA SER B 474 37.35 16.73 -26.40
C SER B 474 37.08 15.91 -25.14
N TYR B 475 37.04 16.58 -23.99
CA TYR B 475 36.83 15.95 -22.68
C TYR B 475 35.45 15.31 -22.65
N HIS B 476 34.44 16.11 -23.03
CA HIS B 476 33.09 15.60 -23.06
C HIS B 476 33.01 14.38 -23.94
N ARG B 477 33.45 14.52 -25.19
CA ARG B 477 33.35 13.44 -26.15
C ARG B 477 33.94 12.15 -25.61
N THR B 478 35.02 12.23 -24.85
CA THR B 478 35.65 11.01 -24.35
C THR B 478 34.78 10.36 -23.26
N ILE B 479 34.24 11.15 -22.32
CA ILE B 479 33.36 10.58 -21.31
C ILE B 479 32.14 9.94 -21.96
N VAL B 480 31.52 10.70 -22.86
CA VAL B 480 30.38 10.24 -23.62
C VAL B 480 30.68 8.99 -24.46
N ASP B 481 31.93 8.81 -24.84
CA ASP B 481 32.32 7.78 -25.80
C ASP B 481 32.07 6.36 -25.30
N SER B 482 32.21 6.14 -23.99
CA SER B 482 31.88 4.85 -23.40
C SER B 482 30.49 4.42 -23.82
N VAL B 483 29.47 5.19 -23.45
CA VAL B 483 28.12 4.78 -23.75
C VAL B 483 27.98 4.77 -25.28
N GLU B 484 28.48 5.76 -25.99
CA GLU B 484 28.25 5.81 -27.43
C GLU B 484 28.77 4.59 -28.21
N ARG B 485 29.89 4.03 -27.79
CA ARG B 485 30.44 2.85 -28.46
C ARG B 485 29.66 1.59 -28.11
N GLU B 486 29.24 1.50 -26.84
CA GLU B 486 28.50 0.33 -26.39
C GLU B 486 27.15 0.32 -27.11
N ASN B 487 26.65 1.52 -27.44
CA ASN B 487 25.50 1.70 -28.31
C ASN B 487 25.76 1.29 -29.76
N GLU B 488 26.99 1.52 -30.23
CA GLU B 488 27.35 1.22 -31.61
C GLU B 488 27.31 -0.28 -31.83
N ASN B 489 27.82 -1.04 -30.85
CA ASN B 489 27.84 -2.51 -30.94
C ASN B 489 26.47 -3.16 -30.90
N LYS B 490 25.59 -2.68 -30.02
CA LYS B 490 24.26 -3.30 -29.87
C LYS B 490 23.30 -2.79 -30.95
N GLU B 491 23.84 -1.97 -31.85
CA GLU B 491 23.14 -1.37 -32.99
C GLU B 491 21.91 -0.59 -32.55
N ILE B 492 22.16 0.31 -31.60
CA ILE B 492 21.17 1.16 -30.99
C ILE B 492 21.46 2.60 -31.42
N THR B 493 20.46 3.34 -31.85
CA THR B 493 20.65 4.74 -32.18
C THR B 493 20.43 5.65 -30.98
N SER B 494 21.42 6.45 -30.63
CA SER B 494 21.27 7.36 -29.49
C SER B 494 20.51 8.64 -29.90
N CYS B 495 19.79 9.27 -28.96
CA CYS B 495 19.17 10.59 -29.21
C CYS B 495 19.24 11.51 -28.00
N GLU B 496 19.67 12.74 -28.22
CA GLU B 496 19.50 13.77 -27.20
C GLU B 496 18.09 14.28 -27.26
N ILE B 497 17.46 14.40 -26.09
CA ILE B 497 16.16 15.04 -26.05
C ILE B 497 16.41 16.52 -25.88
N VAL B 498 15.98 17.30 -26.87
CA VAL B 498 16.19 18.74 -26.85
C VAL B 498 14.84 19.48 -26.87
N PHE B 499 14.68 20.39 -25.92
CA PHE B 499 13.35 20.90 -25.57
C PHE B 499 13.36 22.28 -24.97
N LEU B 500 12.26 23.00 -25.18
CA LEU B 500 12.03 24.26 -24.47
C LEU B 500 11.28 23.95 -23.20
N PRO B 501 11.95 24.11 -22.04
CA PRO B 501 11.41 23.79 -20.73
C PRO B 501 10.12 24.52 -20.46
N GLU B 502 9.17 23.80 -19.89
CA GLU B 502 7.84 24.32 -19.62
C GLU B 502 7.95 25.60 -18.82
N ASN B 503 8.72 25.55 -17.74
CA ASN B 503 9.02 26.72 -16.95
C ASN B 503 10.21 27.46 -17.55
N ILE B 504 9.96 28.64 -18.09
CA ILE B 504 10.93 29.33 -18.93
C ILE B 504 12.13 29.79 -18.12
N ARG B 505 12.00 29.85 -16.80
CA ARG B 505 13.13 30.27 -15.99
C ARG B 505 14.06 29.09 -15.74
N HIS B 506 13.73 27.93 -16.30
CA HIS B 506 14.64 26.82 -16.16
C HIS B 506 15.45 26.64 -17.45
N ALA B 507 15.18 27.53 -18.42
CA ALA B 507 15.83 27.53 -19.74
C ALA B 507 17.38 27.49 -19.71
N ASN B 508 18.00 28.32 -18.86
CA ASN B 508 19.46 28.29 -18.82
C ASN B 508 20.06 26.93 -18.39
N VAL B 509 19.26 26.02 -17.83
CA VAL B 509 19.85 24.74 -17.38
C VAL B 509 19.79 23.67 -18.46
N MET B 510 18.84 23.79 -19.38
CA MET B 510 18.70 22.81 -20.44
C MET B 510 19.98 22.55 -21.27
N HIS B 511 20.92 23.50 -21.26
CA HIS B 511 21.96 23.59 -22.30
C HIS B 511 23.01 22.48 -22.29
N THR B 512 23.26 21.94 -23.47
CA THR B 512 24.27 20.92 -23.67
C THR B 512 24.57 20.80 -25.16
N SER B 513 25.71 20.15 -25.48
CA SER B 513 26.11 19.88 -26.85
C SER B 513 25.62 18.51 -27.23
N ILE B 514 25.04 18.40 -28.43
CA ILE B 514 24.53 17.14 -28.93
C ILE B 514 25.68 16.19 -29.30
N MET B 515 25.82 15.09 -28.59
CA MET B 515 26.89 14.17 -28.87
C MET B 515 26.30 12.85 -29.34
N ARG B 516 25.01 12.87 -29.66
CA ARG B 516 24.29 11.62 -29.94
C ARG B 516 23.98 11.58 -31.43
N ARG B 517 23.57 10.42 -31.93
CA ARG B 517 23.37 10.26 -33.37
C ARG B 517 22.16 11.00 -33.91
N LYS B 518 21.09 11.09 -33.12
CA LYS B 518 19.90 11.81 -33.53
C LYS B 518 19.41 12.71 -32.41
N VAL B 519 18.32 13.44 -32.68
CA VAL B 519 17.72 14.34 -31.70
C VAL B 519 16.17 14.22 -31.62
N LEU B 520 15.63 14.31 -30.41
CA LEU B 520 14.20 14.42 -30.19
C LEU B 520 13.83 15.86 -29.80
N PRO B 521 13.39 16.66 -30.78
CA PRO B 521 13.08 18.05 -30.41
C PRO B 521 11.66 18.22 -29.87
N PHE B 522 11.54 19.16 -28.94
CA PHE B 522 10.26 19.62 -28.42
C PHE B 522 10.26 21.14 -28.32
N PHE B 523 9.27 21.78 -28.94
CA PHE B 523 9.16 23.26 -28.99
C PHE B 523 10.44 23.96 -29.46
N THR B 524 11.18 23.27 -30.33
CA THR B 524 12.39 23.79 -30.92
C THR B 524 12.72 22.98 -32.18
N SER B 525 13.85 23.28 -32.81
CA SER B 525 14.24 22.57 -34.02
C SER B 525 15.75 22.60 -34.18
N THR B 526 16.34 21.53 -34.73
CA THR B 526 17.78 21.50 -34.96
C THR B 526 18.16 21.02 -36.34
N SER B 527 19.46 20.97 -36.62
CA SER B 527 19.97 20.49 -37.90
C SER B 527 20.34 19.02 -37.82
N HIS B 528 20.30 18.47 -36.62
CA HIS B 528 20.61 17.08 -36.48
C HIS B 528 19.47 16.26 -37.07
N ASN B 529 19.65 14.96 -37.09
CA ASN B 529 18.59 14.09 -37.56
C ASN B 529 17.53 13.89 -36.48
N GLU B 530 16.28 14.20 -36.79
CA GLU B 530 15.25 14.22 -35.75
C GLU B 530 14.29 13.06 -35.84
N VAL B 531 13.97 12.47 -34.69
CA VAL B 531 12.95 11.43 -34.61
C VAL B 531 11.57 12.04 -34.37
N LEU B 532 10.54 11.59 -35.10
CA LEU B 532 9.17 12.00 -34.79
C LEU B 532 8.68 11.30 -33.53
N LEU B 533 8.01 12.04 -32.66
CA LEU B 533 7.52 11.48 -31.42
C LEU B 533 6.54 10.37 -31.66
N THR B 534 5.65 10.57 -32.62
CA THR B 534 4.61 9.58 -32.85
C THR B 534 5.12 8.37 -33.64
N ASN B 535 6.43 8.31 -33.89
CA ASN B 535 7.04 7.11 -34.47
C ASN B 535 7.61 6.22 -33.40
N ILE B 536 7.63 6.71 -32.16
CA ILE B 536 8.27 5.98 -31.07
C ILE B 536 7.39 4.89 -30.47
N TYR B 537 7.87 3.67 -30.49
CA TYR B 537 7.06 2.61 -29.92
C TYR B 537 7.82 1.96 -28.76
N ILE B 538 7.09 1.40 -27.80
CA ILE B 538 7.72 0.79 -26.63
C ILE B 538 7.40 -0.69 -26.62
N GLY B 539 8.42 -1.53 -26.43
CA GLY B 539 8.21 -2.97 -26.31
C GLY B 539 8.98 -3.55 -25.14
N ILE B 540 8.96 -4.88 -25.03
CA ILE B 540 9.68 -5.59 -23.98
C ILE B 540 10.53 -6.72 -24.60
N ASP B 541 11.82 -6.79 -24.24
CA ASP B 541 12.71 -7.82 -24.76
C ASP B 541 12.54 -9.17 -24.06
N GLU B 542 13.13 -10.23 -24.61
CA GLU B 542 13.15 -11.59 -24.03
C GLU B 542 13.55 -11.68 -22.55
N LYS B 543 14.43 -10.80 -22.07
CA LYS B 543 14.77 -10.80 -20.65
C LYS B 543 13.91 -9.75 -19.92
N GLU B 544 12.83 -9.34 -20.58
CA GLU B 544 11.79 -8.48 -20.00
C GLU B 544 12.20 -7.05 -19.60
N LYS B 545 13.03 -6.42 -20.42
CA LYS B 545 13.50 -5.07 -20.19
C LYS B 545 12.89 -4.15 -21.26
N PHE B 546 12.47 -2.94 -20.87
CA PHE B 546 11.83 -2.01 -21.80
C PHE B 546 12.78 -1.62 -22.90
N TYR B 547 12.25 -1.44 -24.11
CA TYR B 547 13.04 -0.80 -25.14
C TYR B 547 12.14 0.10 -25.99
N ALA B 548 12.75 1.08 -26.64
CA ALA B 548 12.05 1.97 -27.55
C ALA B 548 12.49 1.62 -28.96
N ARG B 549 11.60 1.77 -29.94
CA ARG B 549 11.95 1.53 -31.35
C ARG B 549 11.30 2.59 -32.23
N ASP B 550 12.03 3.09 -33.21
CA ASP B 550 11.41 3.94 -34.23
C ASP B 550 10.80 3.02 -35.29
N ILE B 551 9.46 2.94 -35.37
CA ILE B 551 8.85 1.99 -36.30
C ILE B 551 9.11 2.28 -37.77
N SER B 552 9.43 3.53 -38.13
CA SER B 552 9.60 3.90 -39.53
C SER B 552 10.92 3.42 -40.11
N THR B 553 11.89 3.14 -39.23
CA THR B 553 13.20 2.68 -39.68
C THR B 553 13.54 1.35 -39.02
N GLN B 554 12.71 0.95 -38.07
CA GLN B 554 12.87 -0.25 -37.26
C GLN B 554 14.07 -0.19 -36.31
N GLU B 555 14.74 0.98 -36.23
CA GLU B 555 15.89 1.13 -35.32
C GLU B 555 15.47 1.05 -33.84
N VAL B 556 16.38 0.62 -32.98
CA VAL B 556 16.17 0.67 -31.53
C VAL B 556 16.78 1.97 -30.98
N LEU B 557 16.07 2.65 -30.07
CA LEU B 557 16.55 3.93 -29.53
C LEU B 557 16.89 3.89 -28.02
N LYS B 558 17.91 4.65 -27.62
CA LYS B 558 18.11 5.06 -26.24
C LYS B 558 18.17 6.59 -26.27
N PHE B 559 17.61 7.22 -25.25
CA PHE B 559 17.43 8.68 -25.24
C PHE B 559 18.28 9.30 -24.14
N TYR B 560 18.77 10.52 -24.37
CA TYR B 560 19.68 11.15 -23.43
C TYR B 560 19.37 12.60 -23.12
N ILE B 561 19.52 12.92 -21.84
CA ILE B 561 19.45 14.28 -21.34
C ILE B 561 20.79 14.50 -20.68
N THR B 562 21.75 15.01 -21.46
CA THR B 562 23.15 14.98 -21.06
C THR B 562 23.47 16.28 -20.35
N SER B 563 22.75 16.54 -19.28
CA SER B 563 22.87 17.80 -18.56
C SER B 563 22.59 17.62 -17.08
N MET B 564 22.47 18.73 -16.36
CA MET B 564 22.21 18.64 -14.95
C MET B 564 20.75 19.01 -14.68
N TYR B 565 19.93 19.01 -15.73
CA TYR B 565 18.49 19.26 -15.61
C TYR B 565 17.80 18.24 -14.73
N ASN B 566 16.93 18.68 -13.83
CA ASN B 566 16.21 17.77 -12.94
C ASN B 566 15.43 16.78 -13.77
N LYS B 567 15.80 15.50 -13.70
CA LYS B 567 15.17 14.51 -14.55
C LYS B 567 13.71 14.21 -14.14
N THR B 568 13.15 14.89 -13.14
CA THR B 568 11.76 14.56 -12.77
C THR B 568 10.79 15.65 -13.17
N LEU B 569 11.31 16.67 -13.84
CA LEU B 569 10.48 17.77 -14.30
C LEU B 569 9.99 17.58 -15.74
N PHE B 570 10.16 16.39 -16.27
CA PHE B 570 9.74 16.13 -17.64
C PHE B 570 8.34 15.55 -17.66
N SER B 571 7.59 15.83 -18.73
CA SER B 571 6.38 15.06 -19.03
C SER B 571 6.70 13.60 -18.94
N ASN B 572 5.70 12.79 -18.56
CA ASN B 572 5.90 11.39 -18.28
C ASN B 572 6.70 10.67 -19.36
N GLU B 573 6.30 10.87 -20.62
CA GLU B 573 6.89 10.18 -21.74
C GLU B 573 8.40 10.44 -21.87
N LEU B 574 8.77 11.70 -21.78
CA LEU B 574 10.17 12.06 -21.84
C LEU B 574 10.95 11.39 -20.70
N ARG B 575 10.38 11.37 -19.50
CA ARG B 575 11.07 10.83 -18.34
C ARG B 575 11.28 9.33 -18.56
N PHE B 576 10.29 8.72 -19.18
CA PHE B 576 10.33 7.29 -19.44
C PHE B 576 11.47 6.99 -20.42
N LEU B 577 11.51 7.74 -21.51
CA LEU B 577 12.50 7.47 -22.56
C LEU B 577 13.92 7.56 -21.98
N TYR B 578 14.09 8.52 -21.08
CA TYR B 578 15.35 8.67 -20.37
C TYR B 578 15.68 7.44 -19.51
N GLU B 579 14.73 7.07 -18.68
CA GLU B 579 14.98 6.12 -17.62
C GLU B 579 15.14 4.70 -18.14
N ILE B 580 14.49 4.35 -19.25
CA ILE B 580 14.71 3.01 -19.80
C ILE B 580 16.04 2.93 -20.56
N SER B 581 16.71 4.07 -20.68
CA SER B 581 17.98 4.15 -21.37
C SER B 581 19.11 4.05 -20.38
N LEU B 582 18.77 3.91 -19.10
CA LEU B 582 19.80 3.63 -18.11
C LEU B 582 19.43 2.36 -17.36
N ASP B 583 20.31 1.94 -16.43
CA ASP B 583 19.98 0.88 -15.51
C ASP B 583 19.06 1.48 -14.44
N ASP B 584 18.08 0.72 -14.00
CA ASP B 584 17.05 1.23 -13.11
C ASP B 584 17.44 1.02 -11.65
N LYS B 585 18.72 0.96 -11.35
CA LYS B 585 19.08 0.52 -10.01
C LYS B 585 19.85 1.55 -9.14
N PHE B 586 20.59 2.46 -9.77
CA PHE B 586 21.32 3.45 -9.01
C PHE B 586 20.42 4.65 -8.72
N GLY B 587 20.44 5.12 -7.48
CA GLY B 587 19.65 6.29 -7.11
C GLY B 587 19.17 6.32 -5.66
N ASN B 588 19.14 5.17 -4.99
CA ASN B 588 18.56 5.06 -3.65
C ASN B 588 19.46 4.41 -2.60
N LEU B 589 20.59 5.03 -2.28
CA LEU B 589 21.48 4.42 -1.30
C LEU B 589 20.74 4.08 -0.01
N PRO B 590 21.04 2.91 0.55
CA PRO B 590 20.29 2.38 1.69
C PRO B 590 20.40 3.27 2.91
N TRP B 591 21.57 3.85 3.16
CA TRP B 591 21.71 4.62 4.38
C TRP B 591 20.85 5.89 4.32
N GLU B 592 20.76 6.53 3.15
CA GLU B 592 19.87 7.69 2.95
C GLU B 592 18.42 7.32 3.28
N LEU B 593 17.95 6.19 2.75
CA LEU B 593 16.58 5.76 2.99
C LEU B 593 16.31 5.36 4.42
N ILE B 594 17.26 4.69 5.05
CA ILE B 594 16.97 4.14 6.38
C ILE B 594 17.13 5.19 7.50
N TYR B 595 18.08 6.10 7.36
CA TYR B 595 18.34 7.03 8.44
C TYR B 595 17.54 8.35 8.33
N ARG B 596 16.82 8.55 7.24
CA ARG B 596 16.16 9.83 6.96
C ARG B 596 15.29 10.44 8.08
N ASP B 597 14.66 9.65 8.94
CA ASP B 597 13.75 10.24 9.92
C ASP B 597 14.41 10.65 11.24
N PHE B 598 15.68 10.30 11.43
CA PHE B 598 16.39 10.57 12.67
C PHE B 598 16.84 12.05 12.81
N ASP B 599 16.70 12.63 13.99
CA ASP B 599 17.05 14.04 14.11
C ASP B 599 18.50 14.21 14.55
N TYR B 600 19.25 13.11 14.53
CA TYR B 600 20.70 13.18 14.54
C TYR B 600 21.30 12.02 13.78
N ILE B 601 22.13 12.28 12.79
CA ILE B 601 22.79 11.18 12.12
C ILE B 601 24.31 11.31 12.21
N PRO B 602 25.01 10.25 12.67
CA PRO B 602 26.48 10.26 12.73
C PRO B 602 27.11 10.45 11.37
N ARG B 603 28.37 10.87 11.36
CA ARG B 603 29.11 10.96 10.11
C ARG B 603 29.20 9.56 9.50
N LEU B 604 28.93 9.47 8.20
CA LEU B 604 29.09 8.20 7.49
C LEU B 604 30.40 8.21 6.72
N VAL B 605 31.22 7.19 6.95
CA VAL B 605 32.55 7.13 6.36
C VAL B 605 32.79 5.78 5.69
N PHE B 606 33.72 5.78 4.74
CA PHE B 606 34.10 4.57 4.01
C PHE B 606 35.50 4.69 3.49
N ASP B 607 36.43 3.96 4.10
CA ASP B 607 37.82 3.96 3.67
C ASP B 607 38.29 5.41 3.65
N GLU B 608 38.21 6.05 4.81
CA GLU B 608 38.71 7.41 4.99
C GLU B 608 37.99 8.45 4.12
N ILE B 609 37.04 8.01 3.31
CA ILE B 609 36.15 8.95 2.60
C ILE B 609 34.98 9.25 3.48
N VAL B 610 34.58 10.52 3.54
CA VAL B 610 33.36 10.89 4.26
C VAL B 610 32.16 10.73 3.34
N ILE B 611 31.42 9.64 3.53
CA ILE B 611 30.21 9.36 2.76
C ILE B 611 29.14 10.43 3.02
N SER B 612 28.88 10.78 4.27
CA SER B 612 28.00 11.92 4.53
C SER B 612 28.42 12.60 5.82
N PRO B 613 28.41 13.94 5.82
CA PRO B 613 28.73 14.66 7.06
C PRO B 613 27.66 14.39 8.08
N ALA B 614 27.97 14.55 9.35
CA ALA B 614 26.97 14.40 10.40
C ALA B 614 25.86 15.42 10.20
N LYS B 615 24.63 14.97 10.43
CA LYS B 615 23.43 15.78 10.16
C LYS B 615 22.57 15.95 11.40
N TRP B 616 22.01 17.14 11.57
CA TRP B 616 21.10 17.40 12.68
C TRP B 616 19.76 17.91 12.19
N LYS B 617 18.69 17.57 12.90
CA LYS B 617 17.39 18.20 12.67
C LYS B 617 17.01 19.04 13.87
N ILE B 618 16.79 20.33 13.65
CA ILE B 618 16.36 21.19 14.73
C ILE B 618 14.94 21.63 14.50
N TRP B 619 14.08 21.44 15.50
CA TRP B 619 12.64 21.73 15.34
C TRP B 619 12.27 23.08 15.95
N GLY B 620 11.35 23.80 15.28
CA GLY B 620 10.77 25.00 15.86
C GLY B 620 10.30 24.80 17.30
N ARG B 621 9.32 23.91 17.48
CA ARG B 621 8.72 23.62 18.78
C ARG B 621 9.64 23.52 20.01
N ASP B 622 10.95 23.54 19.77
CA ASP B 622 11.98 23.40 20.80
C ASP B 622 12.68 24.69 21.25
N VAL B 623 12.37 25.86 20.65
CA VAL B 623 13.02 27.09 21.13
C VAL B 623 12.31 27.63 22.37
N ASN B 624 11.09 27.17 22.63
CA ASN B 624 10.51 27.34 23.96
C ASN B 624 10.35 28.80 24.44
N SER B 625 10.96 29.12 25.58
CA SER B 625 10.90 30.48 26.18
C SER B 625 12.02 30.64 27.20
N LYS B 626 12.27 29.57 27.94
CA LYS B 626 13.42 29.47 28.84
C LYS B 626 14.38 28.43 28.24
N MET B 627 14.73 28.64 26.97
CA MET B 627 15.59 27.78 26.17
C MET B 627 15.98 28.49 24.89
N THR B 628 17.10 29.21 24.88
CA THR B 628 17.41 30.05 23.71
C THR B 628 17.95 29.27 22.52
N ILE B 629 17.80 29.86 21.34
CA ILE B 629 18.24 29.27 20.09
C ILE B 629 19.71 28.88 20.14
N ARG B 630 20.55 29.68 20.81
CA ARG B 630 21.95 29.33 20.95
C ARG B 630 22.09 28.15 21.93
N GLU B 631 21.38 28.25 23.05
CA GLU B 631 21.44 27.21 24.06
C GLU B 631 20.94 25.85 23.54
N LEU B 632 19.99 25.88 22.61
CA LEU B 632 19.44 24.67 22.01
C LEU B 632 20.44 23.93 21.14
N ILE B 633 21.13 24.63 20.25
CA ILE B 633 22.11 23.97 19.39
C ILE B 633 23.33 23.53 20.18
N GLN B 634 23.52 24.08 21.38
CA GLN B 634 24.60 23.58 22.22
C GLN B 634 24.13 22.32 22.96
N SER B 635 22.86 22.29 23.32
CA SER B 635 22.28 21.11 23.94
C SER B 635 22.33 19.86 23.04
N LYS B 636 22.26 20.07 21.72
CA LYS B 636 22.35 18.97 20.76
C LYS B 636 23.80 18.83 20.25
N GLU B 637 24.70 19.68 20.78
CA GLU B 637 26.14 19.60 20.53
C GLU B 637 26.57 19.90 19.08
N ILE B 638 25.91 20.87 18.45
CA ILE B 638 26.38 21.36 17.15
C ILE B 638 27.68 22.11 17.37
N PRO B 639 28.70 21.84 16.56
CA PRO B 639 30.00 22.54 16.68
C PRO B 639 29.95 24.05 16.47
N LYS B 640 31.05 24.71 16.79
CA LYS B 640 31.24 26.15 16.57
C LYS B 640 30.90 26.45 15.12
N GLU B 641 31.40 25.66 14.19
CA GLU B 641 31.08 25.90 12.78
C GLU B 641 30.18 24.81 12.23
N PHE B 642 29.27 25.20 11.33
CA PHE B 642 28.33 24.26 10.72
C PHE B 642 27.55 24.85 9.57
N TYR B 643 26.99 24.01 8.72
CA TYR B 643 26.11 24.50 7.68
C TYR B 643 24.64 24.28 8.02
N ILE B 644 23.80 25.17 7.50
CA ILE B 644 22.37 24.93 7.40
C ILE B 644 22.07 24.56 5.93
N VAL B 645 21.24 23.55 5.71
CA VAL B 645 20.99 23.13 4.33
C VAL B 645 19.58 23.48 3.88
N ASN B 646 19.45 24.51 3.04
CA ASN B 646 18.15 24.95 2.54
C ASN B 646 17.61 23.96 1.52
N GLY B 647 18.38 23.75 0.46
CA GLY B 647 18.03 22.83 -0.60
C GLY B 647 19.30 22.15 -1.07
N ASP B 648 19.78 22.57 -2.23
CA ASP B 648 21.10 22.13 -2.68
C ASP B 648 22.13 23.22 -2.39
N ASN B 649 21.71 24.26 -1.67
CA ASN B 649 22.68 25.23 -1.18
C ASN B 649 22.81 25.12 0.34
N LYS B 650 24.04 25.21 0.81
CA LYS B 650 24.27 25.33 2.25
C LYS B 650 24.91 26.69 2.55
N VAL B 651 24.58 27.28 3.68
CA VAL B 651 25.26 28.48 4.07
C VAL B 651 26.10 28.22 5.33
N TYR B 652 27.33 28.72 5.30
CA TYR B 652 28.24 28.66 6.42
C TYR B 652 27.73 29.52 7.56
N LEU B 653 27.75 28.99 8.77
CA LEU B 653 27.38 29.77 9.95
C LEU B 653 28.39 29.50 11.05
N SER B 654 28.70 30.52 11.84
CA SER B 654 29.55 30.31 12.99
C SER B 654 28.80 30.70 14.23
N GLN B 655 28.87 29.86 15.24
CA GLN B 655 28.20 30.17 16.49
C GLN B 655 28.73 31.47 17.09
N LYS B 656 30.00 31.79 16.84
CA LYS B 656 30.61 33.00 17.40
C LYS B 656 30.25 34.29 16.66
N ASN B 657 29.60 34.18 15.51
CA ASN B 657 29.21 35.35 14.75
C ASN B 657 27.78 35.81 15.05
N PRO B 658 27.60 37.07 15.45
CA PRO B 658 26.29 37.58 15.83
C PRO B 658 25.30 37.63 14.65
N LEU B 659 25.80 37.98 13.47
CA LEU B 659 24.97 38.08 12.29
C LEU B 659 24.44 36.71 11.89
N ASP B 660 25.33 35.73 11.99
CA ASP B 660 25.04 34.35 11.64
C ASP B 660 24.00 33.69 12.54
N MET B 661 24.06 34.00 13.83
CA MET B 661 23.08 33.52 14.80
C MET B 661 21.73 34.15 14.54
N GLU B 662 21.75 35.26 13.82
CA GLU B 662 20.50 35.87 13.44
C GLU B 662 19.85 35.08 12.31
N ILE B 663 20.62 34.87 11.25
CA ILE B 663 20.25 34.04 10.12
C ILE B 663 19.56 32.74 10.60
N LEU B 664 20.17 32.09 11.59
CA LEU B 664 19.63 30.87 12.17
C LEU B 664 18.26 31.13 12.78
N GLU B 665 18.16 32.15 13.63
CA GLU B 665 16.88 32.48 14.28
C GLU B 665 15.79 32.79 13.26
N SER B 666 16.17 33.39 12.14
CA SER B 666 15.23 33.66 11.07
C SER B 666 14.73 32.38 10.41
N ALA B 667 15.63 31.42 10.19
CA ALA B 667 15.32 30.16 9.51
C ALA B 667 14.42 29.23 10.33
N ILE B 668 14.60 29.29 11.64
CA ILE B 668 13.96 28.36 12.53
C ILE B 668 12.49 28.75 12.76
N LYS B 669 12.18 30.01 12.59
CA LYS B 669 10.81 30.46 12.80
C LYS B 669 9.99 30.52 11.49
N LYS B 670 10.65 30.43 10.34
CA LYS B 670 9.94 30.23 9.06
C LYS B 670 9.52 28.76 8.89
N SER B 671 10.34 27.84 9.41
CA SER B 671 9.96 26.44 9.41
C SER B 671 8.92 26.23 10.50
N SER B 672 9.01 27.05 11.56
CA SER B 672 8.06 27.03 12.69
C SER B 672 6.61 27.24 12.20
N LYS B 673 6.45 28.25 11.34
CA LYS B 673 5.18 28.59 10.70
C LYS B 673 4.52 27.35 10.07
N ARG B 674 5.37 26.48 9.57
CA ARG B 674 5.00 25.31 8.78
C ARG B 674 5.06 23.99 9.53
N LYS B 675 5.30 24.04 10.84
CA LYS B 675 5.40 22.83 11.68
C LYS B 675 6.54 21.98 11.14
N ASP B 676 7.70 22.61 10.95
CA ASP B 676 8.82 21.94 10.32
C ASP B 676 10.13 21.95 11.13
N PHE B 677 11.18 21.43 10.49
CA PHE B 677 12.51 21.38 11.06
C PHE B 677 13.53 22.06 10.17
N ILE B 678 14.73 22.26 10.68
CA ILE B 678 15.81 22.78 9.85
C ILE B 678 17.04 21.87 9.94
N GLU B 679 17.75 21.73 8.83
CA GLU B 679 18.83 20.74 8.74
C GLU B 679 20.23 21.35 8.85
N LEU B 680 21.03 20.81 9.77
CA LEU B 680 22.41 21.23 9.93
C LEU B 680 23.38 20.12 9.55
N GLN B 681 24.54 20.50 9.04
CA GLN B 681 25.64 19.55 8.85
C GLN B 681 26.87 20.09 9.53
N GLU B 682 27.80 19.21 9.87
CA GLU B 682 29.04 19.67 10.46
C GLU B 682 29.88 20.30 9.35
N TYR B 683 30.86 21.12 9.75
CA TYR B 683 31.71 21.85 8.81
C TYR B 683 33.08 21.17 8.65
N PHE B 684 33.64 21.26 7.45
CA PHE B 684 35.03 20.82 7.23
C PHE B 684 35.88 21.98 6.76
N GLU B 685 37.12 22.05 7.25
CA GLU B 685 38.06 23.05 6.76
C GLU B 685 38.31 22.72 5.29
N ASP B 686 37.95 23.64 4.41
CA ASP B 686 37.88 23.33 2.99
C ASP B 686 38.47 24.46 2.16
N GLU B 687 39.32 25.23 2.83
CA GLU B 687 39.78 26.51 2.27
C GLU B 687 41.24 26.48 1.80
N ASN B 688 42.01 25.48 2.20
CA ASN B 688 43.46 25.53 1.98
C ASN B 688 44.06 24.30 1.31
N ILE B 689 43.46 23.81 0.23
CA ILE B 689 44.04 22.64 -0.41
C ILE B 689 44.41 22.96 -1.82
N ILE B 690 43.42 23.35 -2.60
CA ILE B 690 43.72 23.88 -3.91
C ILE B 690 44.17 25.34 -3.71
N ASN B 691 45.30 25.71 -4.30
CA ASN B 691 45.77 27.09 -4.18
C ASN B 691 46.09 27.70 -5.51
N LYS B 692 46.10 29.03 -5.55
CA LYS B 692 46.55 29.74 -6.75
C LYS B 692 47.73 30.69 -6.45
N GLY B 693 47.43 31.96 -6.25
CA GLY B 693 48.46 32.94 -5.95
C GLY B 693 48.99 32.78 -4.53
N GLU B 694 49.42 31.58 -4.19
CA GLU B 694 49.77 31.19 -2.82
C GLU B 694 48.64 31.44 -1.83
N LYS B 695 47.42 31.46 -2.36
CA LYS B 695 46.21 31.56 -1.54
C LYS B 695 45.28 30.37 -1.82
N GLY B 696 44.60 29.89 -0.79
CA GLY B 696 43.70 28.75 -0.93
C GLY B 696 42.39 29.08 -1.63
N ARG B 697 41.80 28.06 -2.26
CA ARG B 697 40.50 28.18 -2.89
C ARG B 697 39.65 27.00 -2.44
N VAL B 698 38.35 27.26 -2.27
CA VAL B 698 37.41 26.19 -2.00
C VAL B 698 37.16 25.42 -3.32
N ALA B 699 37.26 24.11 -3.27
CA ALA B 699 37.21 23.30 -4.48
C ALA B 699 36.35 22.05 -4.31
N ASP B 700 35.72 21.64 -5.40
CA ASP B 700 35.10 20.32 -5.48
C ASP B 700 35.46 19.66 -6.80
N VAL B 701 35.31 18.35 -6.85
CA VAL B 701 35.57 17.65 -8.10
C VAL B 701 34.35 16.85 -8.51
N VAL B 702 34.25 16.57 -9.80
CA VAL B 702 33.29 15.63 -10.28
C VAL B 702 33.98 14.62 -11.20
N VAL B 703 34.17 13.42 -10.65
CA VAL B 703 34.92 12.34 -11.27
C VAL B 703 33.99 11.37 -11.98
N PRO B 704 34.16 11.19 -13.29
CA PRO B 704 33.36 10.16 -13.94
C PRO B 704 34.03 8.79 -13.80
N PHE B 705 33.23 7.75 -13.62
CA PHE B 705 33.81 6.44 -13.57
C PHE B 705 33.20 5.58 -14.66
N ILE B 706 34.01 4.76 -15.33
CA ILE B 706 33.50 3.82 -16.33
C ILE B 706 34.18 2.44 -16.18
N ARG B 716 17.90 -13.54 -28.82
CA ARG B 716 18.06 -12.40 -29.71
C ARG B 716 17.06 -12.43 -30.88
N ALA B 717 15.78 -12.38 -30.55
CA ALA B 717 14.68 -12.35 -31.54
C ALA B 717 14.03 -10.95 -31.55
N PHE B 718 14.54 -10.12 -32.46
CA PHE B 718 14.27 -8.68 -32.53
C PHE B 718 13.02 -8.41 -33.35
N ILE B 719 12.07 -9.34 -33.23
CA ILE B 719 10.79 -9.32 -33.93
C ILE B 719 9.83 -8.17 -33.52
N ARG B 720 8.79 -8.55 -32.76
CA ARG B 720 7.86 -7.66 -32.05
C ARG B 720 6.93 -6.94 -33.02
N GLU B 721 5.65 -7.26 -32.94
CA GLU B 721 4.63 -6.68 -33.81
C GLU B 721 4.11 -5.30 -33.37
N LYS B 722 3.87 -4.40 -34.32
CA LYS B 722 3.16 -3.15 -34.03
C LYS B 722 1.79 -3.47 -33.40
N ARG B 723 1.38 -2.70 -32.40
CA ARG B 723 0.13 -3.02 -31.74
C ARG B 723 -1.02 -2.79 -32.72
N VAL B 724 -1.88 -3.80 -32.85
CA VAL B 724 -3.08 -3.75 -33.68
C VAL B 724 -4.20 -2.89 -33.08
N SER B 725 -4.86 -2.10 -33.91
CA SER B 725 -5.82 -1.11 -33.45
C SER B 725 -7.02 -1.73 -32.73
N VAL B 726 -7.64 -0.94 -31.86
CA VAL B 726 -8.84 -1.36 -31.15
C VAL B 726 -9.91 -1.85 -32.13
N GLU B 727 -10.12 -1.13 -33.24
CA GLU B 727 -11.18 -1.49 -34.17
C GLU B 727 -11.03 -2.89 -34.79
N ARG B 728 -9.79 -3.38 -34.92
CA ARG B 728 -9.57 -4.69 -35.52
C ARG B 728 -9.50 -5.81 -34.47
N ARG B 729 -9.11 -5.45 -33.25
CA ARG B 729 -8.75 -6.41 -32.19
C ARG B 729 -9.84 -6.64 -31.16
N GLU B 730 -10.67 -5.62 -30.93
CA GLU B 730 -11.75 -5.69 -29.95
C GLU B 730 -13.01 -6.28 -30.56
N LYS B 731 -13.49 -7.39 -30.03
CA LYS B 731 -14.73 -7.97 -30.54
C LYS B 731 -15.88 -7.63 -29.59
N LEU B 732 -16.73 -6.69 -30.02
CA LEU B 732 -17.83 -6.19 -29.19
C LEU B 732 -18.92 -7.22 -28.86
N PRO B 733 -19.63 -7.00 -27.75
CA PRO B 733 -20.67 -7.93 -27.35
C PRO B 733 -21.71 -8.12 -28.42
N PHE B 734 -21.98 -9.38 -28.77
CA PHE B 734 -23.06 -9.78 -29.68
C PHE B 734 -22.73 -9.54 -31.16
N ASN B 735 -21.46 -9.34 -31.47
CA ASN B 735 -21.01 -9.37 -32.86
C ASN B 735 -20.77 -10.81 -33.26
N GLU B 736 -19.50 -11.21 -33.16
CA GLU B 736 -19.10 -12.57 -33.45
C GLU B 736 -19.12 -13.37 -32.18
N TRP B 737 -18.82 -12.72 -31.06
CA TRP B 737 -18.57 -13.40 -29.78
C TRP B 737 -19.39 -12.88 -28.63
N LEU B 738 -19.64 -13.73 -27.65
CA LEU B 738 -20.24 -13.28 -26.41
C LEU B 738 -19.31 -13.64 -25.26
N TYR B 739 -18.85 -12.65 -24.52
CA TYR B 739 -17.83 -12.89 -23.50
C TYR B 739 -18.38 -12.51 -22.13
N LEU B 740 -18.42 -13.48 -21.22
CA LEU B 740 -18.95 -13.25 -19.88
C LEU B 740 -17.87 -13.46 -18.80
N LYS B 741 -17.77 -12.55 -17.83
CA LYS B 741 -16.94 -12.76 -16.63
C LYS B 741 -17.79 -13.32 -15.49
N LEU B 742 -17.68 -14.61 -15.21
CA LEU B 742 -18.51 -15.20 -14.14
C LEU B 742 -17.76 -15.23 -12.84
N TYR B 743 -18.20 -14.45 -11.86
CA TYR B 743 -17.47 -14.40 -10.60
C TYR B 743 -17.82 -15.56 -9.66
N ILE B 744 -16.84 -16.44 -9.52
CA ILE B 744 -16.95 -17.71 -8.80
C ILE B 744 -15.71 -17.93 -7.95
N SER B 745 -15.88 -18.27 -6.69
CA SER B 745 -14.75 -18.39 -5.79
C SER B 745 -13.89 -19.56 -6.21
N ILE B 746 -12.58 -19.48 -5.97
CA ILE B 746 -11.67 -20.54 -6.34
C ILE B 746 -12.10 -21.92 -5.82
N ASN B 747 -12.46 -22.02 -4.54
CA ASN B 747 -12.98 -23.25 -3.98
C ASN B 747 -14.16 -23.89 -4.72
N ARG B 748 -14.83 -23.14 -5.60
CA ARG B 748 -16.04 -23.67 -6.23
C ARG B 748 -16.03 -23.66 -7.76
N GLN B 749 -14.91 -23.29 -8.35
CA GLN B 749 -14.86 -23.17 -9.80
C GLN B 749 -14.96 -24.54 -10.45
N ASN B 750 -14.27 -25.51 -9.88
CA ASN B 750 -14.32 -26.88 -10.35
C ASN B 750 -15.78 -27.36 -10.43
N GLU B 751 -16.54 -27.16 -9.34
CA GLU B 751 -17.94 -27.59 -9.31
C GLU B 751 -18.74 -26.88 -10.40
N PHE B 752 -18.43 -25.62 -10.68
CA PHE B 752 -19.12 -24.93 -11.75
C PHE B 752 -18.81 -25.62 -13.08
N LEU B 753 -17.52 -25.91 -13.27
CA LEU B 753 -17.03 -26.54 -14.51
C LEU B 753 -17.55 -27.96 -14.68
N LEU B 754 -17.84 -28.62 -13.56
CA LEU B 754 -18.32 -29.99 -13.57
C LEU B 754 -19.85 -30.06 -13.79
N SER B 755 -20.58 -29.16 -13.17
CA SER B 755 -22.02 -29.32 -13.01
C SER B 755 -22.89 -28.22 -13.60
N TYR B 756 -22.24 -27.24 -14.22
CA TYR B 756 -22.96 -26.11 -14.82
C TYR B 756 -22.49 -25.92 -16.24
N LEU B 757 -21.18 -25.96 -16.42
CA LEU B 757 -20.62 -25.75 -17.74
C LEU B 757 -21.17 -26.75 -18.78
N PRO B 758 -21.22 -28.07 -18.46
CA PRO B 758 -21.74 -29.05 -19.42
C PRO B 758 -23.09 -28.66 -20.04
N ASP B 759 -24.02 -28.19 -19.20
CA ASP B 759 -25.33 -27.70 -19.66
C ASP B 759 -25.15 -26.55 -20.64
N ILE B 760 -24.29 -25.61 -20.29
CA ILE B 760 -23.96 -24.45 -21.12
C ILE B 760 -23.37 -24.88 -22.46
N GLN B 761 -22.44 -25.83 -22.41
CA GLN B 761 -21.79 -26.33 -23.61
C GLN B 761 -22.82 -26.93 -24.55
N LYS B 762 -23.81 -27.60 -23.97
CA LYS B 762 -24.92 -28.22 -24.70
C LYS B 762 -25.81 -27.19 -25.39
N ILE B 763 -26.24 -26.19 -24.63
CA ILE B 763 -26.99 -25.08 -25.18
C ILE B 763 -26.23 -24.54 -26.41
N VAL B 764 -24.95 -24.25 -26.23
CA VAL B 764 -24.16 -23.65 -27.30
C VAL B 764 -23.92 -24.64 -28.43
N ALA B 765 -23.81 -25.92 -28.08
CA ALA B 765 -23.77 -26.99 -29.08
C ALA B 765 -25.01 -26.93 -29.98
N ASN B 766 -26.20 -26.99 -29.35
CA ASN B 766 -27.46 -26.87 -30.08
C ASN B 766 -27.48 -25.77 -31.11
N LEU B 767 -26.78 -24.67 -30.86
CA LEU B 767 -26.72 -23.60 -31.86
C LEU B 767 -25.50 -23.73 -32.77
N GLY B 768 -24.82 -24.87 -32.69
CA GLY B 768 -23.72 -25.13 -33.61
C GLY B 768 -22.59 -24.14 -33.44
N GLY B 769 -22.39 -23.69 -32.21
CA GLY B 769 -21.31 -22.78 -31.90
C GLY B 769 -20.29 -23.47 -31.04
N ASN B 770 -19.32 -22.69 -30.55
CA ASN B 770 -18.26 -23.20 -29.70
C ASN B 770 -17.94 -22.27 -28.55
N LEU B 771 -17.31 -22.79 -27.49
CA LEU B 771 -16.91 -21.94 -26.37
C LEU B 771 -15.54 -22.33 -25.83
N PHE B 772 -14.80 -21.36 -25.31
CA PHE B 772 -13.65 -21.69 -24.48
C PHE B 772 -13.66 -20.82 -23.23
N PHE B 773 -13.08 -21.33 -22.16
CA PHE B 773 -13.01 -20.57 -20.92
C PHE B 773 -11.58 -20.38 -20.39
N LEU B 774 -11.48 -19.66 -19.26
CA LEU B 774 -10.20 -19.29 -18.71
C LEU B 774 -10.39 -19.01 -17.21
N ARG B 775 -9.38 -19.28 -16.38
CA ARG B 775 -9.49 -18.96 -14.96
C ARG B 775 -8.65 -17.76 -14.64
N TYR B 776 -9.22 -16.82 -13.88
CA TYR B 776 -8.53 -15.61 -13.44
C TYR B 776 -8.70 -15.33 -11.95
N THR B 777 -7.79 -14.50 -11.44
CA THR B 777 -7.66 -14.27 -10.02
C THR B 777 -7.77 -12.77 -9.78
N ASP B 778 -7.31 -12.03 -10.79
CA ASP B 778 -7.26 -10.57 -10.78
C ASP B 778 -8.70 -10.07 -10.71
N PRO B 779 -8.94 -8.77 -10.57
CA PRO B 779 -10.02 -8.35 -9.65
C PRO B 779 -10.28 -9.39 -8.57
N LYS B 780 -11.36 -10.14 -8.70
CA LYS B 780 -11.71 -11.23 -7.79
C LYS B 780 -11.74 -12.52 -8.62
N PRO B 781 -11.74 -13.68 -7.95
CA PRO B 781 -11.80 -14.93 -8.72
C PRO B 781 -13.01 -14.94 -9.66
N HIS B 782 -12.79 -15.37 -10.89
CA HIS B 782 -13.84 -15.41 -11.90
C HIS B 782 -13.43 -16.30 -13.07
N ILE B 783 -14.43 -16.82 -13.77
CA ILE B 783 -14.21 -17.65 -14.97
C ILE B 783 -14.63 -16.90 -16.22
N ARG B 784 -13.72 -16.78 -17.17
CA ARG B 784 -14.01 -16.06 -18.39
C ARG B 784 -14.55 -16.96 -19.47
N LEU B 785 -15.82 -16.79 -19.78
CA LEU B 785 -16.49 -17.56 -20.82
C LEU B 785 -16.46 -16.83 -22.15
N ARG B 786 -15.98 -17.48 -23.20
CA ARG B 786 -16.05 -16.82 -24.50
C ARG B 786 -16.73 -17.73 -25.51
N ILE B 787 -17.87 -17.28 -26.01
CA ILE B 787 -18.76 -18.07 -26.88
C ILE B 787 -18.92 -17.51 -28.30
N LYS B 788 -18.75 -18.39 -29.29
CA LYS B 788 -18.88 -18.03 -30.70
C LYS B 788 -20.02 -18.82 -31.28
N CYS B 789 -20.99 -18.13 -31.86
CA CYS B 789 -22.27 -18.77 -32.18
C CYS B 789 -23.13 -17.89 -33.09
N SER B 790 -24.05 -18.53 -33.81
CA SER B 790 -24.98 -17.82 -34.71
C SER B 790 -25.84 -16.77 -33.99
N ASP B 791 -26.82 -17.20 -33.19
CA ASP B 791 -27.67 -16.23 -32.51
C ASP B 791 -27.18 -16.07 -31.09
N LEU B 792 -26.29 -15.11 -30.89
CA LEU B 792 -25.67 -14.89 -29.58
C LEU B 792 -26.70 -14.51 -28.50
N PHE B 793 -27.65 -13.64 -28.84
CA PHE B 793 -28.62 -13.16 -27.87
C PHE B 793 -29.57 -14.26 -27.49
N LEU B 794 -29.84 -15.13 -28.44
CA LEU B 794 -30.63 -16.30 -28.19
C LEU B 794 -29.89 -17.23 -27.24
N ALA B 795 -28.58 -17.30 -27.43
CA ALA B 795 -27.69 -18.10 -26.59
C ALA B 795 -27.61 -17.53 -25.16
N TYR B 796 -27.53 -16.21 -25.07
CA TYR B 796 -27.52 -15.52 -23.78
C TYR B 796 -28.77 -15.88 -22.99
N GLY B 797 -29.95 -15.61 -23.56
CA GLY B 797 -31.21 -15.96 -22.93
C GLY B 797 -31.31 -17.39 -22.43
N SER B 798 -30.74 -18.32 -23.18
CA SER B 798 -30.78 -19.75 -22.81
C SER B 798 -29.78 -20.07 -21.68
N ILE B 799 -28.61 -19.42 -21.74
CA ILE B 799 -27.58 -19.49 -20.68
C ILE B 799 -28.11 -18.91 -19.36
N LEU B 800 -28.81 -17.79 -19.50
CA LEU B 800 -29.22 -16.96 -18.37
C LEU B 800 -29.95 -17.73 -17.30
N GLU B 801 -30.77 -18.68 -17.71
CA GLU B 801 -31.51 -19.49 -16.75
C GLU B 801 -30.56 -20.31 -15.89
N ILE B 802 -29.55 -20.91 -16.52
CA ILE B 802 -28.51 -21.65 -15.80
C ILE B 802 -27.77 -20.77 -14.80
N LEU B 803 -27.39 -19.57 -15.24
CA LEU B 803 -26.72 -18.59 -14.40
C LEU B 803 -27.56 -18.21 -13.19
N LYS B 804 -28.85 -18.04 -13.41
CA LYS B 804 -29.79 -17.71 -12.33
C LYS B 804 -29.75 -18.77 -11.24
N ARG B 805 -29.63 -20.04 -11.66
CA ARG B 805 -29.54 -21.17 -10.74
C ARG B 805 -28.22 -21.14 -10.01
N SER B 806 -27.17 -20.68 -10.68
CA SER B 806 -25.88 -20.70 -10.02
C SER B 806 -25.78 -19.57 -9.01
N ARG B 807 -26.50 -18.47 -9.25
CA ARG B 807 -26.62 -17.40 -8.28
C ARG B 807 -27.40 -17.86 -7.07
N LYS B 808 -28.56 -18.47 -7.34
CA LYS B 808 -29.46 -19.03 -6.32
C LYS B 808 -28.71 -19.95 -5.37
N ASN B 809 -27.84 -20.79 -5.92
CA ASN B 809 -27.01 -21.67 -5.10
C ASN B 809 -25.76 -21.01 -4.51
N ARG B 810 -25.58 -19.71 -4.74
CA ARG B 810 -24.42 -18.95 -4.26
C ARG B 810 -23.09 -19.56 -4.75
N ILE B 811 -23.07 -20.02 -6.00
CA ILE B 811 -21.83 -20.43 -6.61
C ILE B 811 -21.20 -19.24 -7.33
N MET B 812 -22.06 -18.44 -7.96
CA MET B 812 -21.64 -17.23 -8.67
C MET B 812 -22.30 -15.97 -8.10
N SER B 813 -21.53 -14.89 -7.95
CA SER B 813 -22.09 -13.66 -7.38
C SER B 813 -22.68 -12.77 -8.48
N THR B 814 -21.83 -12.10 -9.25
CA THR B 814 -22.33 -11.31 -10.37
C THR B 814 -21.70 -11.78 -11.65
N PHE B 815 -22.11 -11.22 -12.78
CA PHE B 815 -21.31 -11.39 -13.98
C PHE B 815 -21.28 -10.13 -14.80
N ASP B 816 -20.31 -10.05 -15.70
CA ASP B 816 -20.28 -8.96 -16.66
C ASP B 816 -20.30 -9.49 -18.07
N ILE B 817 -20.74 -8.66 -19.00
CA ILE B 817 -20.61 -8.97 -20.40
C ILE B 817 -19.60 -7.97 -20.91
N SER B 818 -18.44 -8.46 -21.32
CA SER B 818 -17.30 -7.58 -21.57
C SER B 818 -16.84 -7.69 -23.02
N ILE B 819 -16.08 -6.70 -23.48
CA ILE B 819 -15.45 -6.75 -24.81
C ILE B 819 -14.30 -7.73 -24.86
N TYR B 820 -14.31 -8.59 -25.86
CA TYR B 820 -13.28 -9.62 -26.01
C TYR B 820 -12.12 -9.01 -26.75
N ASP B 821 -11.04 -8.73 -26.03
CA ASP B 821 -9.83 -8.17 -26.66
C ASP B 821 -8.89 -9.26 -27.15
N GLN B 822 -8.91 -9.50 -28.45
CA GLN B 822 -8.16 -10.61 -28.99
C GLN B 822 -6.65 -10.42 -28.83
N GLU B 823 -5.98 -11.51 -28.50
CA GLU B 823 -4.54 -11.52 -28.37
C GLU B 823 -3.90 -11.84 -29.73
N VAL B 824 -4.14 -10.98 -30.71
CA VAL B 824 -3.67 -11.22 -32.07
C VAL B 824 -2.16 -11.47 -32.13
N GLU B 825 -1.38 -10.45 -31.77
CA GLU B 825 0.07 -10.54 -31.80
C GLU B 825 0.57 -11.85 -31.18
N ARG B 826 0.01 -12.24 -30.04
CA ARG B 826 0.46 -13.41 -29.30
C ARG B 826 0.31 -14.72 -30.09
N TYR B 827 -0.78 -14.85 -30.84
CA TYR B 827 -1.02 -16.09 -31.59
C TYR B 827 -0.86 -15.97 -33.11
N GLY B 828 0.10 -15.16 -33.57
CA GLY B 828 0.38 -15.02 -34.99
C GLY B 828 -0.55 -13.99 -35.61
N GLY B 829 -0.95 -14.18 -36.86
CA GLY B 829 -1.94 -13.27 -37.41
C GLY B 829 -3.35 -13.52 -36.89
N PHE B 830 -4.36 -12.91 -37.51
CA PHE B 830 -5.73 -13.22 -37.16
C PHE B 830 -6.07 -14.64 -37.57
N ASP B 831 -5.38 -15.11 -38.61
CA ASP B 831 -5.54 -16.46 -39.16
C ASP B 831 -5.11 -17.47 -38.15
N THR B 832 -3.86 -17.35 -37.73
CA THR B 832 -3.32 -18.24 -36.74
C THR B 832 -4.11 -18.16 -35.44
N LEU B 833 -4.56 -16.95 -35.09
CA LEU B 833 -5.44 -16.74 -33.94
C LEU B 833 -6.74 -17.58 -33.98
N GLU B 834 -7.48 -17.50 -35.07
CA GLU B 834 -8.69 -18.31 -35.25
C GLU B 834 -8.47 -19.82 -35.00
N LEU B 835 -7.39 -20.38 -35.54
CA LEU B 835 -7.10 -21.80 -35.32
C LEU B 835 -6.70 -22.07 -33.88
N SER B 836 -6.02 -21.10 -33.25
CA SER B 836 -5.72 -21.18 -31.82
C SER B 836 -7.01 -21.22 -31.01
N GLU B 837 -7.96 -20.34 -31.36
CA GLU B 837 -9.26 -20.32 -30.73
C GLU B 837 -9.93 -21.68 -30.91
N ALA B 838 -9.79 -22.25 -32.10
CA ALA B 838 -10.35 -23.58 -32.38
C ALA B 838 -9.78 -24.62 -31.43
N ILE B 839 -8.50 -24.48 -31.10
CA ILE B 839 -7.88 -25.36 -30.11
C ILE B 839 -8.42 -25.09 -28.71
N PHE B 840 -8.61 -23.81 -28.39
CA PHE B 840 -9.10 -23.39 -27.07
C PHE B 840 -10.45 -24.03 -26.78
N CYS B 841 -11.32 -24.00 -27.78
CA CYS B 841 -12.66 -24.53 -27.59
C CYS B 841 -12.62 -26.02 -27.37
N ALA B 842 -11.88 -26.71 -28.24
CA ALA B 842 -11.82 -28.17 -28.24
C ALA B 842 -11.23 -28.66 -26.95
N ASP B 843 -10.32 -27.87 -26.40
CA ASP B 843 -9.69 -28.15 -25.13
C ASP B 843 -10.71 -27.95 -24.01
N SER B 844 -11.36 -26.80 -24.02
CA SER B 844 -12.45 -26.50 -23.09
C SER B 844 -13.54 -27.56 -23.09
N LYS B 845 -13.80 -28.12 -24.27
CA LYS B 845 -14.89 -29.07 -24.49
C LYS B 845 -14.72 -30.33 -23.66
N ILE B 846 -13.46 -30.71 -23.45
CA ILE B 846 -13.11 -31.96 -22.80
C ILE B 846 -12.71 -31.86 -21.32
N ILE B 847 -12.58 -30.64 -20.79
CA ILE B 847 -12.08 -30.46 -19.43
C ILE B 847 -13.03 -30.94 -18.31
N PRO B 848 -14.36 -30.71 -18.46
CA PRO B 848 -15.29 -31.32 -17.50
C PRO B 848 -15.09 -32.84 -17.34
N ASN B 849 -14.75 -33.51 -18.44
CA ASN B 849 -14.51 -34.94 -18.44
C ASN B 849 -13.27 -35.35 -17.65
N LEU B 850 -12.12 -34.73 -17.90
CA LEU B 850 -10.95 -35.04 -17.07
C LEU B 850 -11.22 -34.71 -15.60
N LEU B 851 -11.96 -33.64 -15.34
CA LEU B 851 -12.25 -33.24 -13.96
C LEU B 851 -13.16 -34.22 -13.20
N THR B 852 -14.22 -34.68 -13.88
CA THR B 852 -15.11 -35.72 -13.38
C THR B 852 -14.28 -36.88 -12.88
N LEU B 853 -13.34 -37.20 -13.75
CA LEU B 853 -12.38 -38.27 -13.71
C LEU B 853 -11.33 -38.22 -12.65
N ILE B 854 -10.83 -37.04 -12.37
CA ILE B 854 -9.87 -36.86 -11.30
C ILE B 854 -10.58 -36.99 -9.99
N LYS B 855 -11.83 -36.49 -10.00
CA LYS B 855 -12.64 -36.42 -8.80
C LYS B 855 -13.12 -37.79 -8.37
N ASP B 856 -13.11 -38.74 -9.30
CA ASP B 856 -13.73 -40.02 -9.03
C ASP B 856 -12.81 -40.82 -8.10
N THR B 857 -13.40 -41.35 -7.03
CA THR B 857 -12.71 -42.15 -6.00
C THR B 857 -12.52 -43.63 -6.37
N ASN B 858 -13.59 -44.25 -6.86
CA ASN B 858 -13.63 -45.71 -7.12
C ASN B 858 -12.42 -46.26 -7.91
N ASN B 859 -11.66 -45.38 -8.58
CA ASN B 859 -10.41 -45.79 -9.21
C ASN B 859 -9.31 -44.71 -9.14
N ASP B 860 -9.25 -43.85 -10.15
CA ASP B 860 -8.19 -42.89 -10.35
C ASP B 860 -8.80 -41.79 -11.26
N TRP B 861 -8.06 -40.81 -11.76
CA TRP B 861 -6.66 -40.51 -11.44
C TRP B 861 -6.54 -39.42 -10.39
N LYS B 862 -5.31 -38.95 -10.22
CA LYS B 862 -5.03 -37.70 -9.53
C LYS B 862 -4.94 -36.57 -10.56
N VAL B 863 -4.84 -35.34 -10.08
CA VAL B 863 -4.76 -34.20 -10.97
C VAL B 863 -3.45 -34.18 -11.78
N ASP B 864 -2.31 -34.27 -11.08
CA ASP B 864 -0.98 -34.05 -11.65
C ASP B 864 -0.56 -35.09 -12.69
N ASP B 865 -1.30 -36.19 -12.74
CA ASP B 865 -1.08 -37.24 -13.72
C ASP B 865 -1.70 -36.80 -15.04
N VAL B 866 -2.98 -36.40 -14.96
CA VAL B 866 -3.71 -35.88 -16.09
C VAL B 866 -2.97 -34.68 -16.70
N SER B 867 -2.43 -33.82 -15.85
CA SER B 867 -1.65 -32.68 -16.30
C SER B 867 -0.53 -33.13 -17.22
N ILE B 868 0.36 -33.95 -16.66
CA ILE B 868 1.58 -34.41 -17.32
C ILE B 868 1.25 -35.16 -18.63
N LEU B 869 0.16 -35.92 -18.59
CA LEU B 869 -0.27 -36.71 -19.73
C LEU B 869 -0.81 -35.91 -20.92
N VAL B 870 -1.48 -34.79 -20.65
CA VAL B 870 -2.08 -34.03 -21.73
C VAL B 870 -1.07 -33.05 -22.32
N ASN B 871 -0.10 -32.60 -21.53
CA ASN B 871 0.96 -31.79 -22.12
C ASN B 871 1.68 -32.64 -23.16
N TYR B 872 2.00 -33.88 -22.78
CA TYR B 872 2.56 -34.89 -23.69
C TYR B 872 1.71 -35.09 -24.94
N LEU B 873 0.41 -35.34 -24.77
CA LEU B 873 -0.48 -35.46 -25.91
C LEU B 873 -0.39 -34.23 -26.81
N TYR B 874 -0.19 -33.07 -26.19
CA TYR B 874 -0.06 -31.81 -26.92
C TYR B 874 1.21 -31.79 -27.76
N LEU B 875 2.31 -32.19 -27.14
CA LEU B 875 3.62 -32.12 -27.78
C LEU B 875 3.73 -33.11 -28.92
N LYS B 876 3.28 -34.35 -28.69
CA LYS B 876 3.24 -35.36 -29.75
C LYS B 876 2.47 -34.89 -30.96
N CYS B 877 1.32 -34.26 -30.73
CA CYS B 877 0.48 -33.77 -31.80
C CYS B 877 1.20 -32.72 -32.60
N PHE B 878 1.75 -31.74 -31.91
CA PHE B 878 2.37 -30.62 -32.59
C PHE B 878 3.54 -31.05 -33.44
N PHE B 879 4.39 -31.91 -32.88
CA PHE B 879 5.63 -32.30 -33.56
C PHE B 879 5.58 -33.68 -34.25
N GLN B 880 4.38 -34.21 -34.46
CA GLN B 880 4.17 -35.48 -35.16
C GLN B 880 4.99 -36.65 -34.64
N ASN B 881 4.62 -37.18 -33.47
CA ASN B 881 5.36 -38.26 -32.81
C ASN B 881 6.89 -38.18 -32.91
N ASP B 882 7.44 -36.96 -32.93
CA ASP B 882 8.88 -36.79 -33.07
C ASP B 882 9.47 -36.83 -31.67
N ASN B 883 10.78 -36.64 -31.55
CA ASN B 883 11.40 -36.54 -30.24
C ASN B 883 12.52 -35.53 -30.32
N LYS B 884 13.18 -35.44 -31.47
CA LYS B 884 14.27 -34.48 -31.58
C LYS B 884 13.66 -33.10 -31.70
N LYS B 885 12.52 -32.99 -32.38
CA LYS B 885 11.86 -31.69 -32.45
C LYS B 885 11.28 -31.35 -31.07
N ILE B 886 10.68 -32.35 -30.43
CA ILE B 886 10.05 -32.15 -29.12
C ILE B 886 11.06 -31.72 -28.05
N LEU B 887 12.22 -32.36 -28.04
CA LEU B 887 13.25 -32.07 -27.06
C LEU B 887 13.92 -30.71 -27.24
N ASN B 888 14.05 -30.25 -28.47
CA ASN B 888 14.73 -28.97 -28.70
C ASN B 888 13.85 -27.83 -28.21
N PHE B 889 12.54 -28.00 -28.38
CA PHE B 889 11.53 -27.11 -27.82
C PHE B 889 11.52 -27.20 -26.29
N LEU B 890 11.51 -28.44 -25.80
CA LEU B 890 11.46 -28.71 -24.38
C LEU B 890 12.67 -28.15 -23.63
N ASN B 891 13.79 -27.99 -24.34
CA ASN B 891 15.02 -27.45 -23.75
C ASN B 891 15.09 -25.94 -23.65
N LEU B 892 13.97 -25.25 -23.85
CA LEU B 892 13.98 -23.81 -23.65
C LEU B 892 13.02 -23.44 -22.54
N VAL B 893 12.30 -24.45 -22.06
CA VAL B 893 11.22 -24.25 -21.11
C VAL B 893 11.18 -25.30 -19.99
N ILE B 922 -2.35 -39.63 -27.24
CA ILE B 922 -2.95 -39.81 -28.56
C ILE B 922 -3.88 -41.01 -28.57
N PHE B 923 -3.39 -42.12 -28.00
CA PHE B 923 -4.06 -43.42 -28.05
C PHE B 923 -5.51 -43.42 -27.55
N TYR B 924 -5.84 -42.59 -26.56
CA TYR B 924 -7.23 -42.52 -26.12
C TYR B 924 -8.05 -41.71 -27.11
N ASP B 925 -9.15 -42.30 -27.55
CA ASP B 925 -10.04 -41.68 -28.52
C ASP B 925 -10.74 -40.49 -27.90
N LYS B 926 -11.82 -40.78 -27.16
CA LYS B 926 -12.71 -39.77 -26.59
C LYS B 926 -12.96 -38.66 -27.63
N ASN B 927 -12.91 -37.41 -27.18
CA ASN B 927 -13.08 -36.23 -28.05
C ASN B 927 -11.73 -35.70 -28.55
N PHE B 928 -10.66 -36.40 -28.23
CA PHE B 928 -9.34 -35.94 -28.62
C PHE B 928 -9.18 -35.93 -30.14
N LYS B 929 -10.07 -36.61 -30.85
CA LYS B 929 -10.09 -36.50 -32.31
C LYS B 929 -10.25 -35.05 -32.71
N GLU B 930 -11.12 -34.32 -31.99
CA GLU B 930 -11.33 -32.89 -32.25
C GLU B 930 -10.11 -32.00 -31.97
N LEU B 931 -9.51 -32.24 -30.79
CA LEU B 931 -8.34 -31.51 -30.32
C LEU B 931 -7.13 -31.76 -31.20
N LYS B 932 -6.86 -33.02 -31.47
CA LYS B 932 -5.74 -33.38 -32.33
C LYS B 932 -5.92 -32.72 -33.70
N HIS B 933 -7.16 -32.75 -34.21
CA HIS B 933 -7.49 -32.19 -35.51
C HIS B 933 -7.18 -30.70 -35.57
N ALA B 934 -7.62 -29.98 -34.52
CA ALA B 934 -7.42 -28.55 -34.46
C ALA B 934 -5.93 -28.22 -34.25
N ILE B 935 -5.22 -29.03 -33.46
CA ILE B 935 -3.78 -28.83 -33.29
C ILE B 935 -3.14 -29.04 -34.66
N LYS B 936 -3.69 -29.96 -35.43
CA LYS B 936 -3.17 -30.23 -36.77
C LYS B 936 -3.33 -29.03 -37.69
N ASN B 937 -4.53 -28.45 -37.74
CA ASN B 937 -4.78 -27.35 -38.65
C ASN B 937 -3.88 -26.15 -38.37
N LEU B 938 -3.58 -25.91 -37.10
CA LEU B 938 -2.70 -24.81 -36.71
C LEU B 938 -1.24 -25.08 -37.12
N PHE B 939 -0.76 -26.29 -36.83
CA PHE B 939 0.60 -26.66 -37.23
C PHE B 939 0.80 -26.57 -38.74
N LEU B 940 -0.25 -26.87 -39.49
CA LEU B 940 -0.15 -26.79 -40.94
C LEU B 940 -0.07 -25.33 -41.38
N LYS B 941 -0.99 -24.49 -40.89
CA LYS B 941 -1.00 -23.07 -41.25
C LYS B 941 0.25 -22.33 -40.76
N MET B 942 0.82 -22.79 -39.65
CA MET B 942 2.03 -22.17 -39.16
C MET B 942 3.15 -22.46 -40.12
N ILE B 943 3.24 -23.71 -40.54
CA ILE B 943 4.27 -24.14 -41.47
C ILE B 943 4.02 -23.46 -42.85
N ALA B 944 2.75 -23.29 -43.19
CA ALA B 944 2.35 -22.71 -44.48
C ALA B 944 2.78 -21.25 -44.67
N GLN B 945 3.03 -20.54 -43.58
CA GLN B 945 3.35 -19.13 -43.71
C GLN B 945 4.77 -18.83 -43.26
N ASP B 946 5.62 -19.87 -43.32
CA ASP B 946 7.00 -19.78 -42.86
C ASP B 946 7.14 -19.02 -41.55
N PHE B 947 6.45 -19.47 -40.51
CA PHE B 947 6.73 -18.91 -39.20
C PHE B 947 8.11 -19.40 -38.82
N GLU B 948 8.93 -18.48 -38.33
CA GLU B 948 10.22 -18.85 -37.78
C GLU B 948 10.07 -19.78 -36.59
N LEU B 949 11.10 -20.58 -36.33
CA LEU B 949 11.13 -21.50 -35.21
C LEU B 949 10.77 -20.82 -33.90
N GLN B 950 11.21 -19.57 -33.76
CA GLN B 950 11.08 -18.82 -32.52
C GLN B 950 9.64 -18.43 -32.23
N LYS B 951 8.93 -17.98 -33.26
CA LYS B 951 7.50 -17.68 -33.22
C LYS B 951 6.68 -18.93 -32.83
N VAL B 952 6.99 -20.06 -33.46
CA VAL B 952 6.26 -21.32 -33.25
C VAL B 952 6.35 -21.81 -31.80
N TYR B 953 7.55 -21.77 -31.23
CA TYR B 953 7.74 -22.17 -29.84
C TYR B 953 6.87 -21.31 -28.91
N SER B 954 6.95 -20.00 -29.07
CA SER B 954 6.22 -19.03 -28.27
C SER B 954 4.71 -19.32 -28.32
N ILE B 955 4.17 -19.47 -29.52
CA ILE B 955 2.76 -19.80 -29.71
C ILE B 955 2.36 -21.13 -29.05
N ILE B 956 3.17 -22.15 -29.26
CA ILE B 956 2.93 -23.46 -28.68
C ILE B 956 2.92 -23.39 -27.16
N ASP B 957 3.90 -22.71 -26.59
CA ASP B 957 3.98 -22.59 -25.13
C ASP B 957 2.65 -22.04 -24.57
N SER B 958 2.12 -21.02 -25.22
CA SER B 958 0.82 -20.47 -24.86
C SER B 958 -0.31 -21.49 -24.87
N ILE B 959 -0.46 -22.22 -25.98
CA ILE B 959 -1.54 -23.18 -26.08
C ILE B 959 -1.45 -24.18 -24.95
N ILE B 960 -0.24 -24.60 -24.63
CA ILE B 960 -0.07 -25.50 -23.49
C ILE B 960 -0.44 -24.76 -22.20
N HIS B 961 -0.08 -23.48 -22.14
CA HIS B 961 -0.27 -22.68 -20.93
C HIS B 961 -1.73 -22.47 -20.62
N VAL B 962 -2.51 -22.10 -21.65
CA VAL B 962 -3.90 -21.82 -21.44
C VAL B 962 -4.66 -23.11 -21.16
N HIS B 963 -4.16 -24.25 -21.66
CA HIS B 963 -4.70 -25.56 -21.24
C HIS B 963 -4.47 -25.79 -19.77
N ASN B 964 -3.24 -25.54 -19.31
CA ASN B 964 -2.92 -25.72 -17.91
C ASN B 964 -3.83 -24.84 -17.05
N ASN B 965 -4.15 -23.64 -17.56
CA ASN B 965 -5.09 -22.74 -16.90
C ASN B 965 -6.45 -23.38 -16.69
N ARG B 966 -7.00 -24.00 -17.73
CA ARG B 966 -8.30 -24.66 -17.64
C ARG B 966 -8.31 -25.87 -16.69
N LEU B 967 -7.36 -26.80 -16.89
CA LEU B 967 -7.33 -28.04 -16.11
C LEU B 967 -7.13 -27.80 -14.62
N ILE B 968 -6.05 -27.11 -14.27
CA ILE B 968 -5.82 -26.86 -12.86
C ILE B 968 -5.74 -25.35 -12.73
N GLY B 969 -5.70 -24.85 -11.50
CA GLY B 969 -5.78 -23.42 -11.26
C GLY B 969 -4.62 -22.57 -11.71
N ILE B 970 -4.59 -21.35 -11.15
CA ILE B 970 -3.46 -20.43 -11.24
C ILE B 970 -2.16 -21.19 -10.95
N GLU B 971 -1.42 -21.41 -12.03
CA GLU B 971 -0.09 -22.03 -11.98
C GLU B 971 1.02 -21.08 -12.40
N ARG B 972 2.19 -21.25 -11.78
CA ARG B 972 3.21 -20.22 -11.79
C ARG B 972 4.50 -20.70 -12.47
N ASP B 973 5.40 -21.26 -11.67
CA ASP B 973 6.64 -21.84 -12.17
C ASP B 973 6.55 -23.36 -12.24
N LYS B 974 5.48 -23.91 -11.67
CA LYS B 974 5.14 -25.32 -11.87
C LYS B 974 4.79 -25.59 -13.35
N GLU B 975 4.76 -24.52 -14.14
CA GLU B 975 4.67 -24.62 -15.60
C GLU B 975 5.97 -25.19 -16.14
N LYS B 976 7.09 -24.65 -15.65
CA LYS B 976 8.37 -25.13 -16.10
C LYS B 976 8.72 -26.49 -15.49
N LEU B 977 8.11 -26.86 -14.36
CA LEU B 977 8.35 -28.18 -13.78
C LEU B 977 7.64 -29.29 -14.56
N ILE B 978 6.46 -28.99 -15.08
CA ILE B 978 5.74 -29.95 -15.91
C ILE B 978 6.54 -30.10 -17.20
N TYR B 979 7.13 -28.99 -17.63
CA TYR B 979 8.03 -29.04 -18.78
C TYR B 979 9.29 -29.82 -18.40
N TYR B 980 9.86 -29.50 -17.23
CA TYR B 980 11.06 -30.16 -16.71
C TYR B 980 10.83 -31.68 -16.56
N THR B 981 9.65 -32.05 -16.09
CA THR B 981 9.27 -33.46 -15.93
C THR B 981 9.08 -34.16 -17.28
N LEU B 982 8.60 -33.42 -18.27
CA LEU B 982 8.36 -34.00 -19.59
C LEU B 982 9.66 -34.18 -20.41
N GLN B 983 10.75 -33.54 -19.98
CA GLN B 983 12.03 -33.83 -20.60
C GLN B 983 12.42 -35.28 -20.42
N ARG B 984 12.31 -35.72 -19.18
CA ARG B 984 12.70 -37.05 -18.77
C ARG B 984 12.03 -38.15 -19.61
N LEU B 985 10.74 -38.01 -19.89
CA LEU B 985 10.04 -39.06 -20.65
C LEU B 985 10.51 -39.24 -22.08
N PHE B 986 10.94 -38.15 -22.71
CA PHE B 986 11.42 -38.21 -24.08
C PHE B 986 12.91 -38.53 -24.16
N VAL B 987 13.65 -38.09 -23.15
CA VAL B 987 15.06 -38.45 -22.99
C VAL B 987 15.20 -39.97 -22.95
N SER B 988 14.28 -40.60 -22.22
CA SER B 988 14.30 -42.05 -22.07
C SER B 988 13.81 -42.80 -23.31
N GLU B 989 13.43 -42.07 -24.36
CA GLU B 989 13.11 -42.70 -25.65
C GLU B 989 14.11 -42.35 -26.75
N GLU B 990 15.26 -41.82 -26.36
CA GLU B 990 16.30 -41.49 -27.33
C GLU B 990 17.71 -41.70 -26.75
N THR B 994 -16.04 22.88 -44.45
CA THR B 994 -16.50 24.26 -44.37
C THR B 994 -16.37 24.85 -42.94
N LYS B 995 -16.69 24.04 -41.95
CA LYS B 995 -16.50 24.38 -40.54
C LYS B 995 -15.25 23.68 -39.98
N ASP B 996 -14.40 23.19 -40.88
CA ASP B 996 -13.17 22.53 -40.46
C ASP B 996 -12.06 23.57 -40.35
N PHE B 997 -12.44 24.83 -40.16
CA PHE B 997 -11.52 25.86 -39.75
C PHE B 997 -11.77 26.20 -38.30
N ASN B 998 -12.33 25.27 -37.54
CA ASN B 998 -12.95 25.69 -36.31
C ASN B 998 -11.95 25.85 -35.17
N LEU B 999 -11.11 24.83 -34.98
CA LEU B 999 -10.12 24.84 -33.91
C LEU B 999 -10.78 24.94 -32.53
N ASP B 1000 -11.66 23.99 -32.25
CA ASP B 1000 -12.43 23.96 -31.00
C ASP B 1000 -11.48 23.92 -29.81
N LEU B 1001 -10.95 25.07 -29.42
CA LEU B 1001 -9.88 25.08 -28.44
C LEU B 1001 -10.41 24.78 -27.06
N VAL B 1002 -9.76 23.87 -26.33
CA VAL B 1002 -10.15 23.66 -24.94
C VAL B 1002 -8.92 23.71 -24.04
N SER B 1003 -9.14 24.13 -22.79
CA SER B 1003 -8.11 24.17 -21.75
C SER B 1003 -8.55 23.38 -20.53
N VAL B 1004 -7.61 22.65 -19.94
CA VAL B 1004 -7.86 21.97 -18.67
C VAL B 1004 -6.93 22.59 -17.64
N SER B 1005 -7.13 22.28 -16.37
CA SER B 1005 -6.31 22.89 -15.33
C SER B 1005 -5.25 21.89 -14.85
N LYS B 1006 -4.20 22.38 -14.20
CA LYS B 1006 -3.05 21.57 -13.78
C LYS B 1006 -2.43 20.80 -14.95
#